data_7Y5V
#
_entry.id   7Y5V
#
_cell.length_a   1.00
_cell.length_b   1.00
_cell.length_c   1.00
_cell.angle_alpha   90.00
_cell.angle_beta   90.00
_cell.angle_gamma   90.00
#
_symmetry.space_group_name_H-M   'P 1'
#
loop_
_entity.id
_entity.type
_entity.pdbx_description
1 polymer 'Chromatin assembly factor 1 subunit A'
2 polymer 'Histone H3.1'
3 polymer 'Histone H4'
4 polymer 'Histone-binding protein RBBP4'
5 polymer 'Chromatin assembly factor 1 subunit B'
#
loop_
_entity_poly.entity_id
_entity_poly.type
_entity_poly.pdbx_seq_one_letter_code
_entity_poly.pdbx_strand_id
1 'polypeptide(L)'
;KAEITRFFQKPKTPQAPKTLAGSCGKFAPFEIKEHMVLAPRRRTAFHPDLCSQLDQLLQQQSGEFSFLKDLKGRQPLRSG
PTHVSTRNADIFNSDVVIVERGKGDGVPERRKFGRMKLLQFCENHRPAYWGTWNKKTALIRARDPWAQDTKLLDYEVDSD
EEWEEEEPGESLSHSEGDDDDDMGEDEDEDDGFFVPHGYLSEDEGVTEECADPENHKVRQKLKAKEWDEFLAKGKRFRVL
QPVKIGCVWAADRDCAGDDLKVLQQFAACFLETLPAQEEQTPKASKRERRDEQILAQLLPLLHGNVNGSKVIIREFQEHC
RRGLLSNHTGSPRSPSTTYLHTPTPSEDAAIPSKSRLKRLISENSVYEKRPDFRMCWYVHPQVLQSFQQEHLPVPCQWSY
VTSVPSAPKEDS
;
A,F
2 'polypeptide(L)'
;MARTKQTARKSTGGKAPRKQLATKAARKSAPATGGVKKPHRYRPGTVALREIRRYQKSTELLIRKLPFQRLVREIAQDFK
TDLRFQSSAVMALQEACEAYLVGLFEDTNLCAIHAKRVTIMPKDIQLARRIRGERA
;
D,I
3 'polypeptide(L)'
;MSGRGKGGKGLGKGGAKRHRKVLRDNIQGITKPAIRRLARRGGVKRISGLIYEETRGVLKVFLENVIRDAVTYTEHAKRK
TVTAMDVVYALKRQGRTLYGFGG
;
E,J
4 'polypeptide(L)'
;MADKEAAFDDAVEERVINEEYKIWKKNTPFLYDLVMTHALEWPSLTAQWLPDVTRPEGKDFSIHRLVLGTHTSDEQNHLV
IASVQLPNDDAQFDASHYDSEKGEFGGFGSVSGKIEIEIKINHEGEVNRARYMPQNPCIIATKTPSSDVLVFDYTKHPSK
PDPSGECNPDLRLRGHQKEGYGLSWNPNLSGHLLSASDDHTICLWDISAVPKEGKVVDAKTIFTGHTAVVEDVSWHLLHE
SLFGSVADDQKLMIWDTRSNNTSKPSHSVDAHTAEVNCLSFNPYSEFILATGSADKTVALWDLRNLKLKLHSFESHKDEI
FQVQWSPHNETILASSGTDRRLNVWDLSKIGEEQSPEDAEDGPPELLFIHGGHTAKISDFSWNPNEPWVICSVSEDNIMQ
VWQMAENIYNDEDPEGSVDPEGQGS
;
C,H
5 'polypeptide(L)'
;MKVITCEIAWHNKEPVYSLDFQHGTAGRIHRLASAGVDTNVRIWKVEKGPDGKAIVEFLSNLARHTKAVNVVRFSPTGEI
LASGGDDAVILLWKVNDNKEPEQIAFQDEDEAQLNKENWTVVKTLRGHLEDVYDICWATDGNLMASASVDNTAIIWDVSK
GQKISIFNEHKSYVQGVTWDPLGQYVATLSCDRVLRVYSIQKKRVAFNVSKMLSGIGAEGEARSYRMFHDDSMKSFFRRL
SFTPDGSLLLTPAGCVESGENVMNTTYVFSRKNLKRPIAHLPCPGKATLAVRCCPVYFELRPVVETGVELMSLPYRLVFA
VASEDSVLLYDTQQSFPFGYVSNIHYHTLSDISWSSDGAFLAISSTDGYCSFVTFEKDELGIPLKEKPVLNMRTPDTAKK
TKSQTHRGSSPGPRPVEGT
;
B,G
#
# COMPACT_ATOMS: atom_id res chain seq x y z
N LEU A 50 -51.22 55.33 -10.68
CA LEU A 50 -50.24 54.61 -11.48
C LEU A 50 -50.50 54.78 -12.97
N CYS A 51 -51.43 53.97 -13.50
CA CYS A 51 -51.75 54.04 -14.91
C CYS A 51 -52.38 55.38 -15.28
N SER A 52 -53.28 55.89 -14.43
CA SER A 52 -53.92 57.16 -14.72
C SER A 52 -52.90 58.30 -14.70
N GLN A 53 -52.03 58.33 -13.69
CA GLN A 53 -50.98 59.34 -13.64
C GLN A 53 -49.99 59.16 -14.78
N LEU A 54 -49.70 57.92 -15.15
CA LEU A 54 -48.82 57.65 -16.27
C LEU A 54 -49.38 58.22 -17.56
N ASP A 55 -50.69 58.03 -17.78
CA ASP A 55 -51.32 58.59 -18.97
C ASP A 55 -51.38 60.12 -18.92
N GLN A 56 -51.65 60.67 -17.74
CA GLN A 56 -51.76 62.12 -17.60
C GLN A 56 -50.44 62.81 -17.88
N LEU A 57 -49.35 62.33 -17.26
CA LEU A 57 -48.04 62.90 -17.53
C LEU A 57 -47.57 62.58 -18.94
N LEU A 58 -47.90 61.39 -19.45
CA LEU A 58 -47.48 60.98 -20.78
C LEU A 58 -48.05 61.90 -21.85
N GLN A 59 -49.31 62.27 -21.72
CA GLN A 59 -49.96 63.17 -22.68
C GLN A 59 -49.48 64.60 -22.48
N VAL A 107 -6.23 26.57 9.47
CA VAL A 107 -6.71 27.20 8.24
C VAL A 107 -7.40 28.53 8.56
N PRO A 108 -7.18 29.54 7.71
CA PRO A 108 -7.73 30.86 7.98
C PRO A 108 -9.26 30.87 7.91
N GLU A 109 -9.82 31.98 8.40
CA GLU A 109 -11.27 32.14 8.46
C GLU A 109 -11.87 32.21 7.06
N ARG A 110 -12.99 31.51 6.88
CA ARG A 110 -13.73 31.62 5.63
C ARG A 110 -14.25 33.04 5.43
N ARG A 111 -14.75 33.67 6.50
CA ARG A 111 -15.18 35.05 6.42
C ARG A 111 -14.03 35.99 6.09
N LYS A 112 -12.79 35.59 6.39
CA LYS A 112 -11.62 36.38 6.04
C LYS A 112 -11.18 36.17 4.59
N PHE A 113 -11.69 35.13 3.92
CA PHE A 113 -11.38 34.88 2.52
C PHE A 113 -12.42 35.37 1.55
N GLY A 114 -13.69 35.51 1.97
CA GLY A 114 -14.73 35.96 1.09
C GLY A 114 -15.57 34.83 0.52
N ARG A 115 -16.33 35.17 -0.52
CA ARG A 115 -17.23 34.20 -1.12
C ARG A 115 -16.47 33.23 -2.03
N MET A 116 -16.88 31.97 -1.96
CA MET A 116 -16.39 30.91 -2.81
C MET A 116 -16.57 31.25 -4.29
N LYS A 117 -15.50 31.08 -5.06
CA LYS A 117 -15.53 31.41 -6.48
C LYS A 117 -15.40 30.16 -7.32
N LEU A 118 -16.09 30.17 -8.46
CA LEU A 118 -16.22 29.01 -9.33
C LEU A 118 -16.02 29.44 -10.78
N LEU A 119 -15.45 28.55 -11.59
CA LEU A 119 -15.30 28.77 -13.02
C LEU A 119 -15.28 27.42 -13.72
N GLN A 120 -16.04 27.30 -14.79
CA GLN A 120 -15.99 26.11 -15.63
C GLN A 120 -16.02 26.51 -17.09
N PHE A 121 -15.19 25.87 -17.89
CA PHE A 121 -15.17 26.06 -19.34
C PHE A 121 -15.44 24.73 -20.00
N CYS A 122 -16.36 24.72 -20.96
CA CYS A 122 -16.65 23.49 -21.69
C CYS A 122 -15.44 23.03 -22.51
N GLU A 123 -14.68 23.98 -23.06
CA GLU A 123 -13.59 23.63 -23.97
C GLU A 123 -12.39 23.03 -23.25
N ASN A 124 -12.17 23.37 -21.98
CA ASN A 124 -10.95 22.91 -21.31
C ASN A 124 -10.97 21.41 -21.12
N HIS A 125 -9.88 20.76 -21.50
CA HIS A 125 -9.54 19.48 -20.90
C HIS A 125 -9.26 19.66 -19.42
N ARG A 126 -8.89 20.86 -19.01
CA ARG A 126 -8.73 21.17 -17.61
C ARG A 126 -10.04 20.97 -16.86
N PRO A 127 -10.01 20.33 -15.70
CA PRO A 127 -11.23 20.20 -14.90
C PRO A 127 -11.71 21.57 -14.43
N ALA A 128 -13.01 21.66 -14.19
CA ALA A 128 -13.59 22.91 -13.70
C ALA A 128 -12.98 23.27 -12.36
N TYR A 129 -12.81 24.57 -12.13
CA TYR A 129 -12.16 25.05 -10.92
C TYR A 129 -13.15 25.78 -10.02
N TRP A 130 -13.04 25.54 -8.71
CA TRP A 130 -13.77 26.31 -7.71
C TRP A 130 -12.82 26.55 -6.54
N GLY A 131 -12.54 27.81 -6.27
CA GLY A 131 -11.74 28.17 -5.11
C GLY A 131 -11.97 29.63 -4.79
N THR A 132 -11.64 29.96 -3.54
CA THR A 132 -11.78 31.33 -3.06
C THR A 132 -10.52 32.12 -3.43
N TRP A 133 -10.74 33.27 -4.04
CA TRP A 133 -9.67 34.15 -4.49
C TRP A 133 -9.59 35.37 -3.57
N ASN A 134 -8.37 35.66 -3.10
CA ASN A 134 -8.16 36.80 -2.22
C ASN A 134 -7.09 37.76 -2.75
N LYS A 135 -6.52 37.49 -3.93
CA LYS A 135 -5.44 38.32 -4.44
C LYS A 135 -5.98 39.69 -4.83
N LYS A 136 -5.31 40.74 -4.36
CA LYS A 136 -5.75 42.11 -4.56
C LYS A 136 -4.73 42.84 -5.43
N THR A 137 -5.10 43.08 -6.70
CA THR A 137 -4.29 43.88 -7.60
C THR A 137 -5.15 44.98 -8.19
N ALA A 138 -4.63 46.20 -8.18
CA ALA A 138 -5.34 47.35 -8.73
C ALA A 138 -5.26 47.42 -10.25
N LEU A 139 -4.48 46.53 -10.87
CA LEU A 139 -4.32 46.51 -12.31
C LEU A 139 -5.45 45.78 -13.02
N ILE A 140 -6.07 44.81 -12.35
CA ILE A 140 -7.16 44.03 -12.93
C ILE A 140 -8.45 44.64 -12.41
N ARG A 141 -9.03 45.52 -13.21
CA ARG A 141 -10.28 46.19 -12.86
C ARG A 141 -11.35 45.88 -13.89
N ALA A 142 -12.61 46.08 -13.48
CA ALA A 142 -13.72 45.89 -14.41
C ALA A 142 -13.67 46.89 -15.55
N ARG A 143 -13.11 48.07 -15.31
CA ARG A 143 -12.97 49.06 -16.38
C ARG A 143 -12.01 48.57 -17.46
N ASP A 144 -10.90 47.94 -17.06
CA ASP A 144 -9.92 47.38 -17.98
C ASP A 144 -9.65 45.93 -17.58
N PRO A 145 -10.54 45.02 -17.96
CA PRO A 145 -10.34 43.60 -17.60
C PRO A 145 -9.06 43.01 -18.16
N TRP A 146 -8.61 43.46 -19.32
CA TRP A 146 -7.51 42.83 -20.04
C TRP A 146 -6.17 43.45 -19.72
N ALA A 147 -6.12 44.37 -18.74
CA ALA A 147 -4.86 44.99 -18.38
C ALA A 147 -3.90 43.95 -17.83
N GLN A 148 -2.60 44.19 -18.03
CA GLN A 148 -1.59 43.29 -17.52
C GLN A 148 -1.65 43.23 -16.00
N ASP A 149 -1.37 42.05 -15.46
CA ASP A 149 -1.26 41.83 -14.01
C ASP A 149 0.21 41.55 -13.72
N THR A 150 0.98 42.61 -13.52
CA THR A 150 2.40 42.46 -13.22
C THR A 150 2.60 41.94 -11.81
N LYS A 151 3.57 41.04 -11.64
CA LYS A 151 3.91 40.43 -10.36
C LYS A 151 2.73 39.69 -9.74
N LEU A 152 1.72 39.36 -10.53
CA LEU A 152 0.55 38.64 -10.06
C LEU A 152 0.46 37.24 -10.64
N LEU A 153 0.50 37.11 -11.96
CA LEU A 153 0.46 35.81 -12.59
C LEU A 153 1.01 35.91 -14.01
N ASP A 154 1.39 34.76 -14.56
CA ASP A 154 1.87 34.68 -15.92
C ASP A 154 0.70 34.55 -16.89
N TYR A 155 0.80 35.24 -18.02
CA TYR A 155 -0.20 35.10 -19.08
C TYR A 155 0.19 33.93 -19.98
N GLU A 156 0.17 32.75 -19.37
CA GLU A 156 0.59 31.52 -20.04
C GLU A 156 -0.48 30.45 -19.88
N VAL A 157 -0.64 29.63 -20.92
CA VAL A 157 -1.70 28.64 -20.93
C VAL A 157 -1.36 27.51 -19.98
N ASP A 158 -2.33 27.16 -19.12
CA ASP A 158 -2.16 26.06 -18.17
C ASP A 158 -3.12 24.91 -18.39
N SER A 159 -4.14 25.07 -19.23
CA SER A 159 -5.10 23.98 -19.45
C SER A 159 -4.43 22.80 -20.15
N ASP A 160 -3.58 23.08 -21.14
CA ASP A 160 -2.93 21.99 -21.86
C ASP A 160 -2.01 21.19 -20.94
N GLU A 161 -1.24 21.88 -20.10
CA GLU A 161 -0.38 21.17 -19.15
C GLU A 161 -1.20 20.55 -18.03
N GLU A 162 -2.36 21.14 -17.72
CA GLU A 162 -3.25 20.54 -16.73
C GLU A 162 -3.73 19.17 -17.16
N TRP A 163 -4.23 19.06 -18.39
CA TRP A 163 -4.80 17.81 -18.87
C TRP A 163 -4.54 17.72 -20.37
N GLU A 164 -3.47 17.05 -20.73
CA GLU A 164 -3.23 16.61 -22.10
C GLU A 164 -3.83 15.21 -22.19
N GLU A 165 -5.15 15.17 -22.42
CA GLU A 165 -5.94 13.95 -22.27
C GLU A 165 -5.42 12.80 -23.12
N GLU A 166 -5.51 12.95 -24.45
CA GLU A 166 -5.00 12.00 -25.44
C GLU A 166 -5.25 10.54 -25.06
N GLU A 167 -6.39 10.26 -24.44
CA GLU A 167 -6.69 8.94 -23.91
C GLU A 167 -8.13 8.57 -24.18
N PRO A 168 -8.45 7.28 -24.21
CA PRO A 168 -9.85 6.87 -24.43
C PRO A 168 -10.72 7.11 -23.19
N GLY A 169 -11.14 8.35 -23.00
CA GLY A 169 -12.00 8.68 -21.87
C GLY A 169 -13.46 8.35 -22.07
N GLU A 170 -13.81 7.77 -23.22
CA GLU A 170 -15.17 7.28 -23.50
C GLU A 170 -16.19 8.41 -23.58
N SER A 171 -15.75 9.65 -23.45
CA SER A 171 -16.63 10.82 -23.51
C SER A 171 -17.81 10.65 -22.56
N LEU A 172 -17.48 10.34 -21.30
CA LEU A 172 -18.48 10.07 -20.28
C LEU A 172 -19.29 11.31 -19.92
N SER A 173 -18.87 12.49 -20.38
CA SER A 173 -19.49 13.75 -20.01
C SER A 173 -21.01 13.72 -20.22
N HIS A 174 -21.45 13.35 -21.42
CA HIS A 174 -22.87 13.39 -21.75
C HIS A 174 -23.16 12.43 -22.90
N SER A 175 -24.42 12.44 -23.32
CA SER A 175 -24.97 11.85 -24.55
C SER A 175 -24.81 10.35 -24.65
N GLU A 176 -24.30 9.67 -23.62
CA GLU A 176 -24.11 8.23 -23.73
C GLU A 176 -24.03 7.61 -22.35
N GLY A 177 -24.72 6.49 -22.16
CA GLY A 177 -24.52 5.65 -21.01
C GLY A 177 -25.56 5.80 -19.92
N ASP A 178 -26.05 7.02 -19.72
CA ASP A 178 -27.04 7.25 -18.67
C ASP A 178 -28.36 6.55 -18.99
N ASP A 179 -28.76 6.55 -20.28
CA ASP A 179 -30.02 5.96 -20.67
C ASP A 179 -29.95 4.45 -20.86
N ASP A 180 -28.75 3.90 -21.08
CA ASP A 180 -28.64 2.47 -21.32
C ASP A 180 -28.95 1.66 -20.07
N ASP A 181 -29.74 0.61 -20.23
CA ASP A 181 -30.08 -0.28 -19.12
C ASP A 181 -30.44 -1.64 -19.69
N ASP A 182 -30.36 -2.65 -18.83
CA ASP A 182 -30.61 -4.04 -19.22
C ASP A 182 -31.46 -4.74 -18.16
N MET A 183 -32.43 -5.53 -18.64
CA MET A 183 -33.29 -6.32 -17.78
C MET A 183 -32.84 -7.78 -17.83
N GLY A 184 -33.33 -8.56 -16.87
CA GLY A 184 -33.03 -9.98 -16.83
C GLY A 184 -34.05 -10.72 -16.00
N GLU A 185 -33.97 -12.05 -16.08
CA GLU A 185 -34.84 -12.93 -15.30
C GLU A 185 -33.96 -13.91 -14.53
N ASP A 186 -34.39 -14.27 -13.33
CA ASP A 186 -33.56 -14.97 -12.37
C ASP A 186 -34.26 -16.21 -11.82
N GLU A 187 -33.52 -16.97 -11.02
CA GLU A 187 -34.05 -18.11 -10.27
C GLU A 187 -33.84 -17.86 -8.79
N ASP A 188 -34.90 -18.03 -7.99
CA ASP A 188 -34.81 -17.83 -6.55
C ASP A 188 -35.53 -18.95 -5.80
N GLU A 189 -35.48 -20.17 -6.32
CA GLU A 189 -36.16 -21.30 -5.71
C GLU A 189 -35.24 -22.20 -4.90
N ASP A 190 -33.94 -22.21 -5.21
CA ASP A 190 -33.00 -23.05 -4.47
C ASP A 190 -32.65 -22.44 -3.13
N ASP A 191 -32.07 -21.24 -3.15
CA ASP A 191 -31.71 -20.51 -1.94
C ASP A 191 -32.50 -19.21 -1.93
N GLY A 192 -33.67 -19.25 -1.28
CA GLY A 192 -34.55 -18.10 -1.26
C GLY A 192 -33.99 -16.91 -0.50
N PHE A 193 -33.68 -15.84 -1.22
CA PHE A 193 -33.16 -14.60 -0.63
C PHE A 193 -34.31 -13.63 -0.36
N PHE A 194 -35.29 -14.11 0.42
CA PHE A 194 -36.51 -13.36 0.65
C PHE A 194 -36.89 -13.40 2.12
N VAL A 195 -37.77 -12.47 2.49
CA VAL A 195 -38.25 -12.42 3.88
C VAL A 195 -38.99 -13.69 4.28
N PRO A 196 -40.02 -14.15 3.55
CA PRO A 196 -40.71 -15.38 3.97
C PRO A 196 -39.81 -16.61 3.87
N HIS A 197 -39.12 -16.75 2.73
CA HIS A 197 -38.23 -17.89 2.56
C HIS A 197 -37.06 -17.84 3.53
N GLY A 198 -36.52 -16.66 3.79
CA GLY A 198 -35.46 -16.54 4.78
C GLY A 198 -35.92 -16.93 6.16
N TYR A 199 -37.13 -16.48 6.54
CA TYR A 199 -37.68 -16.87 7.83
C TYR A 199 -37.90 -18.37 7.91
N LEU A 200 -38.40 -18.97 6.83
CA LEU A 200 -38.62 -20.41 6.81
C LEU A 200 -37.32 -21.18 6.93
N SER A 201 -36.28 -20.75 6.20
CA SER A 201 -34.98 -21.40 6.30
C SER A 201 -34.40 -21.26 7.70
N GLU A 202 -34.56 -20.08 8.30
CA GLU A 202 -34.06 -19.85 9.65
C GLU A 202 -34.79 -20.73 10.67
N ASP A 203 -36.11 -20.85 10.53
CA ASP A 203 -36.88 -21.65 11.49
C ASP A 203 -36.63 -23.15 11.30
N GLU A 204 -36.44 -23.59 10.06
CA GLU A 204 -36.15 -25.00 9.82
C GLU A 204 -34.76 -25.36 10.32
N GLY A 205 -33.76 -24.55 9.96
CA GLY A 205 -32.40 -24.82 10.41
C GLY A 205 -32.23 -24.65 11.91
N VAL A 206 -32.82 -23.60 12.47
CA VAL A 206 -32.69 -23.29 13.89
C VAL A 206 -34.06 -23.40 14.53
N THR A 207 -34.17 -24.28 15.53
CA THR A 207 -35.41 -24.49 16.27
C THR A 207 -35.21 -24.08 17.71
N GLU A 208 -36.15 -23.30 18.25
CA GLU A 208 -36.10 -22.80 19.62
C GLU A 208 -37.38 -23.17 20.34
N GLU A 209 -37.47 -22.73 21.60
CA GLU A 209 -38.63 -23.00 22.45
C GLU A 209 -39.69 -21.92 22.22
N CYS A 210 -40.23 -21.91 21.00
CA CYS A 210 -41.23 -20.96 20.58
C CYS A 210 -42.39 -21.68 19.92
N ALA A 211 -43.61 -21.25 20.24
CA ALA A 211 -44.79 -21.88 19.66
C ALA A 211 -44.91 -21.54 18.17
N ASP A 212 -45.41 -22.50 17.41
CA ASP A 212 -45.64 -22.28 15.98
C ASP A 212 -46.57 -21.11 15.71
N PRO A 213 -47.71 -20.96 16.39
CA PRO A 213 -48.51 -19.73 16.19
C PRO A 213 -47.74 -18.47 16.55
N GLU A 214 -46.89 -18.53 17.59
CA GLU A 214 -46.06 -17.39 17.92
C GLU A 214 -45.06 -17.10 16.80
N ASN A 215 -44.48 -18.14 16.21
CA ASN A 215 -43.55 -17.94 15.10
C ASN A 215 -44.26 -17.32 13.90
N HIS A 216 -45.47 -17.79 13.61
CA HIS A 216 -46.24 -17.20 12.51
C HIS A 216 -46.57 -15.73 12.79
N LYS A 217 -46.96 -15.42 14.03
CA LYS A 217 -47.25 -14.03 14.38
C LYS A 217 -46.01 -13.16 14.26
N VAL A 218 -44.86 -13.66 14.69
CA VAL A 218 -43.61 -12.91 14.60
C VAL A 218 -43.24 -12.68 13.14
N ARG A 219 -43.38 -13.70 12.30
CA ARG A 219 -43.09 -13.55 10.88
C ARG A 219 -44.02 -12.53 10.24
N GLN A 220 -45.30 -12.58 10.59
CA GLN A 220 -46.25 -11.60 10.04
C GLN A 220 -45.91 -10.19 10.49
N LYS A 221 -45.53 -10.03 11.76
CA LYS A 221 -45.16 -8.70 12.27
C LYS A 221 -43.90 -8.19 11.58
N LEU A 222 -42.92 -9.05 11.37
CA LEU A 222 -41.69 -8.63 10.69
C LEU A 222 -41.96 -8.26 9.24
N LYS A 223 -42.80 -9.04 8.55
CA LYS A 223 -43.16 -8.71 7.19
C LYS A 223 -43.92 -7.38 7.12
N ALA A 224 -44.81 -7.15 8.08
CA ALA A 224 -45.54 -5.88 8.14
C ALA A 224 -44.58 -4.73 8.39
N LYS A 225 -43.59 -4.92 9.26
CA LYS A 225 -42.61 -3.87 9.50
C LYS A 225 -41.79 -3.58 8.24
N GLU A 226 -41.39 -4.62 7.51
CA GLU A 226 -40.66 -4.41 6.26
C GLU A 226 -41.51 -3.68 5.25
N TRP A 227 -42.79 -4.04 5.13
CA TRP A 227 -43.68 -3.37 4.19
C TRP A 227 -43.89 -1.91 4.58
N ASP A 228 -44.04 -1.64 5.87
CA ASP A 228 -44.19 -0.26 6.33
C ASP A 228 -42.92 0.54 6.06
N GLU A 229 -41.76 -0.08 6.24
CA GLU A 229 -40.50 0.56 5.89
C GLU A 229 -40.44 0.87 4.39
N PHE A 230 -40.87 -0.07 3.55
CA PHE A 230 -40.87 0.16 2.11
C PHE A 230 -41.82 1.30 1.74
N LEU A 231 -42.98 1.36 2.40
CA LEU A 231 -43.93 2.44 2.13
C LEU A 231 -43.36 3.79 2.57
N ALA A 232 -42.73 3.83 3.74
CA ALA A 232 -42.14 5.06 4.26
C ALA A 232 -40.84 5.42 3.56
N LYS A 233 -40.33 4.54 2.71
CA LYS A 233 -39.15 4.88 1.92
C LYS A 233 -39.39 6.09 1.03
N GLY A 234 -40.65 6.33 0.66
CA GLY A 234 -40.98 7.51 -0.14
C GLY A 234 -40.93 8.82 0.62
N LYS A 235 -40.83 8.77 1.95
CA LYS A 235 -40.66 10.00 2.71
C LYS A 235 -39.35 10.69 2.37
N ARG A 236 -38.30 9.90 2.15
CA ARG A 236 -36.97 10.40 1.77
C ARG A 236 -36.47 11.29 2.90
N PHE A 237 -35.87 12.44 2.62
CA PHE A 237 -35.34 13.29 3.68
C PHE A 237 -36.47 14.03 4.39
N ARG A 238 -36.42 14.01 5.71
CA ARG A 238 -37.42 14.71 6.51
C ARG A 238 -36.69 15.42 7.64
N VAL A 239 -36.65 16.75 7.58
CA VAL A 239 -35.95 17.52 8.60
C VAL A 239 -36.65 17.32 9.94
N LEU A 240 -35.86 16.97 10.94
CA LEU A 240 -36.38 16.54 12.23
C LEU A 240 -36.08 17.60 13.28
N GLN A 241 -37.09 17.94 14.05
CA GLN A 241 -36.90 18.98 15.07
C GLN A 241 -36.70 18.33 16.43
N PRO A 242 -35.78 18.83 17.24
CA PRO A 242 -35.55 18.25 18.56
C PRO A 242 -36.75 18.44 19.47
N VAL A 243 -36.95 17.50 20.39
CA VAL A 243 -38.01 17.57 21.38
C VAL A 243 -37.37 17.41 22.76
N LYS A 244 -37.89 18.16 23.73
CA LYS A 244 -37.38 18.12 25.09
C LYS A 244 -38.53 18.35 26.06
N ILE A 245 -38.64 17.47 27.06
CA ILE A 245 -39.66 17.58 28.09
C ILE A 245 -38.98 17.96 29.40
N GLY A 246 -39.44 19.05 30.00
CA GLY A 246 -38.85 19.56 31.22
C GLY A 246 -39.21 18.71 32.44
N CYS A 247 -38.65 19.11 33.57
CA CYS A 247 -38.86 18.41 34.84
C CYS A 247 -40.25 18.75 35.36
N VAL A 248 -41.25 17.99 34.92
CA VAL A 248 -42.61 18.10 35.45
C VAL A 248 -42.80 17.02 36.49
N TRP A 249 -43.38 17.39 37.63
CA TRP A 249 -43.52 16.50 38.77
C TRP A 249 -44.97 16.47 39.21
N ALA A 250 -45.35 15.39 39.89
CA ALA A 250 -46.72 15.25 40.37
C ALA A 250 -47.10 16.31 41.38
N ALA A 251 -46.12 16.92 42.05
CA ALA A 251 -46.42 17.99 43.00
C ALA A 251 -47.05 19.18 42.29
N ASP A 252 -46.51 19.57 41.13
CA ASP A 252 -47.04 20.71 40.40
C ASP A 252 -48.31 20.32 39.66
N ARG A 253 -49.28 21.24 39.65
CA ARG A 253 -50.54 21.04 38.94
C ARG A 253 -50.81 22.09 37.87
N ASP A 254 -49.99 23.13 37.78
CA ASP A 254 -50.18 24.19 36.80
C ASP A 254 -49.38 23.95 35.52
N CYS A 255 -48.68 22.83 35.41
CA CYS A 255 -47.92 22.53 34.22
C CYS A 255 -48.84 22.21 33.05
N ALA A 256 -48.26 22.15 31.86
CA ALA A 256 -49.04 21.88 30.65
C ALA A 256 -49.63 20.47 30.71
N GLY A 257 -50.93 20.37 30.47
CA GLY A 257 -51.57 19.07 30.47
C GLY A 257 -51.19 18.22 29.26
N ASP A 258 -50.73 18.87 28.19
CA ASP A 258 -50.25 18.12 27.03
C ASP A 258 -49.03 17.27 27.40
N ASP A 259 -48.03 17.88 28.03
CA ASP A 259 -46.87 17.14 28.49
C ASP A 259 -47.26 16.12 29.54
N LEU A 260 -48.24 16.46 30.38
CA LEU A 260 -48.71 15.53 31.40
C LEU A 260 -49.26 14.27 30.76
N LYS A 261 -50.12 14.41 29.75
CA LYS A 261 -50.68 13.22 29.11
C LYS A 261 -49.63 12.50 28.28
N VAL A 262 -48.66 13.24 27.73
CA VAL A 262 -47.59 12.60 26.97
C VAL A 262 -46.78 11.68 27.87
N LEU A 263 -46.41 12.16 29.06
CA LEU A 263 -45.67 11.32 29.99
C LEU A 263 -46.55 10.26 30.63
N GLN A 264 -47.86 10.53 30.73
CA GLN A 264 -48.78 9.50 31.18
C GLN A 264 -48.84 8.34 30.18
N GLN A 265 -48.76 8.66 28.89
CA GLN A 265 -48.62 7.63 27.87
C GLN A 265 -47.41 6.76 28.14
N PHE A 266 -46.36 7.33 28.71
CA PHE A 266 -45.24 6.55 29.23
C PHE A 266 -45.45 6.18 30.68
N ALA A 267 -46.41 5.29 30.96
CA ALA A 267 -46.61 4.84 32.32
C ALA A 267 -45.68 3.67 32.63
N ALA A 268 -45.42 3.46 33.90
CA ALA A 268 -44.67 2.31 34.38
C ALA A 268 -45.65 1.24 34.82
N CYS A 269 -45.65 0.11 34.13
CA CYS A 269 -46.62 -0.96 34.36
C CYS A 269 -46.03 -1.98 35.32
N PHE A 270 -46.60 -2.04 36.53
CA PHE A 270 -46.20 -3.01 37.53
C PHE A 270 -46.92 -4.34 37.29
N LEU A 271 -46.35 -5.41 37.84
CA LEU A 271 -46.92 -6.74 37.72
C LEU A 271 -47.10 -7.35 39.10
N GLU A 272 -48.17 -8.12 39.26
CA GLU A 272 -48.47 -8.77 40.53
C GLU A 272 -47.71 -10.09 40.67
N ALA B 2 -30.80 44.88 -43.42
CA ALA B 2 -30.96 44.94 -41.97
C ALA B 2 -29.63 44.67 -41.27
N ARG B 3 -29.37 43.40 -40.98
CA ARG B 3 -28.14 42.98 -40.30
C ARG B 3 -27.42 41.95 -41.14
N THR B 4 -26.12 42.14 -41.32
CA THR B 4 -25.32 41.17 -42.04
C THR B 4 -25.13 39.92 -41.18
N LYS B 5 -25.48 38.77 -41.75
CA LYS B 5 -25.38 37.50 -41.06
C LYS B 5 -24.23 36.68 -41.63
N GLN B 6 -23.72 35.77 -40.82
CA GLN B 6 -22.61 34.91 -41.22
C GLN B 6 -22.95 33.45 -40.95
N THR B 7 -22.42 32.58 -41.80
CA THR B 7 -22.71 31.16 -41.72
C THR B 7 -22.06 30.56 -40.47
N ALA B 8 -22.83 29.80 -39.72
CA ALA B 8 -22.28 29.12 -38.56
C ALA B 8 -21.32 28.02 -38.99
N ARG B 9 -20.38 27.71 -38.11
CA ARG B 9 -19.42 26.65 -38.34
C ARG B 9 -19.73 25.46 -37.45
N LYS B 10 -19.54 24.26 -38.00
CA LYS B 10 -19.87 23.05 -37.28
C LYS B 10 -19.02 22.93 -36.03
N SER B 11 -19.68 22.60 -34.91
CA SER B 11 -19.02 22.46 -33.62
C SER B 11 -18.74 20.99 -33.35
N THR B 12 -17.49 20.68 -33.01
CA THR B 12 -17.09 19.33 -32.67
C THR B 12 -16.50 19.26 -31.27
N LYS B 37 -1.50 14.88 5.18
CA LYS B 37 -2.43 15.59 4.30
C LYS B 37 -3.46 14.61 3.74
N LYS B 38 -3.01 13.39 3.44
CA LYS B 38 -3.90 12.37 2.93
C LYS B 38 -5.09 12.10 3.84
N PRO B 39 -4.92 11.92 5.18
CA PRO B 39 -6.09 11.88 6.05
C PRO B 39 -6.57 13.28 6.36
N HIS B 40 -7.70 13.67 5.78
CA HIS B 40 -8.22 15.02 5.94
C HIS B 40 -9.01 15.13 7.24
N ARG B 41 -8.37 14.75 8.33
CA ARG B 41 -8.99 14.81 9.65
C ARG B 41 -9.21 16.26 10.03
N TYR B 42 -10.36 16.53 10.64
CA TYR B 42 -10.71 17.88 11.01
C TYR B 42 -10.48 18.10 12.51
N ARG B 43 -10.04 19.31 12.85
CA ARG B 43 -9.62 19.60 14.20
C ARG B 43 -10.79 19.49 15.18
N PRO B 44 -10.51 19.19 16.45
CA PRO B 44 -11.61 18.93 17.40
C PRO B 44 -12.56 20.09 17.57
N GLY B 45 -12.14 21.31 17.26
CA GLY B 45 -13.02 22.45 17.41
C GLY B 45 -13.51 22.99 16.08
N THR B 46 -14.48 23.90 16.13
CA THR B 46 -14.97 24.64 14.97
C THR B 46 -15.43 23.72 13.83
N VAL B 47 -15.88 22.52 14.15
CA VAL B 47 -16.36 21.57 13.16
C VAL B 47 -17.80 21.24 13.51
N ALA B 48 -18.74 21.89 12.82
CA ALA B 48 -20.16 21.68 13.03
C ALA B 48 -20.86 21.25 11.74
N LEU B 49 -20.17 20.45 10.93
CA LEU B 49 -20.75 19.98 9.68
C LEU B 49 -21.95 19.10 9.95
N ARG B 50 -23.03 19.34 9.22
CA ARG B 50 -24.31 18.68 9.46
C ARG B 50 -24.87 18.07 8.18
N GLU B 51 -24.05 17.30 7.48
CA GLU B 51 -24.54 16.62 6.28
C GLU B 51 -25.63 15.63 6.65
N ILE B 52 -26.87 15.94 6.27
CA ILE B 52 -27.99 15.09 6.61
C ILE B 52 -28.21 14.00 5.56
N ARG B 53 -27.88 14.28 4.30
CA ARG B 53 -28.03 13.27 3.26
C ARG B 53 -27.24 12.02 3.58
N ARG B 54 -26.01 12.19 4.06
CA ARG B 54 -25.19 11.03 4.35
C ARG B 54 -25.79 10.18 5.47
N TYR B 55 -26.63 10.76 6.32
CA TYR B 55 -27.31 9.92 7.31
C TYR B 55 -28.22 8.90 6.65
N GLN B 56 -29.12 9.33 5.77
CA GLN B 56 -30.15 8.43 5.29
C GLN B 56 -29.61 7.64 4.10
N LYS B 57 -30.02 6.38 4.03
CA LYS B 57 -29.72 5.55 2.88
C LYS B 57 -30.30 6.19 1.63
N SER B 58 -29.57 6.07 0.52
CA SER B 58 -29.99 6.73 -0.70
C SER B 58 -31.20 6.08 -1.35
N THR B 59 -31.49 4.82 -1.03
CA THR B 59 -32.55 4.05 -1.67
C THR B 59 -32.37 4.03 -3.19
N GLU B 60 -31.13 4.14 -3.63
CA GLU B 60 -30.78 4.26 -5.05
C GLU B 60 -29.70 3.23 -5.32
N LEU B 61 -30.12 2.00 -5.61
CA LEU B 61 -29.16 0.90 -5.72
C LEU B 61 -28.19 1.13 -6.88
N LEU B 62 -28.70 1.45 -8.06
CA LEU B 62 -27.87 1.78 -9.21
C LEU B 62 -26.90 0.64 -9.54
N ILE B 63 -27.18 -0.54 -8.99
CA ILE B 63 -26.48 -1.77 -9.33
C ILE B 63 -27.54 -2.78 -9.73
N ARG B 64 -27.24 -3.56 -10.77
CA ARG B 64 -28.12 -4.67 -11.08
C ARG B 64 -28.07 -5.67 -9.92
N LYS B 65 -29.24 -5.88 -9.31
CA LYS B 65 -29.30 -6.68 -8.10
C LYS B 65 -28.80 -8.10 -8.34
N LEU B 66 -29.13 -8.66 -9.50
CA LEU B 66 -28.94 -10.10 -9.67
C LEU B 66 -27.50 -10.53 -9.93
N PRO B 67 -26.71 -9.86 -10.78
CA PRO B 67 -25.29 -10.25 -10.84
C PRO B 67 -24.61 -10.13 -9.50
N PHE B 68 -24.95 -9.07 -8.76
CA PHE B 68 -24.46 -8.93 -7.39
C PHE B 68 -24.85 -10.12 -6.53
N GLN B 69 -26.12 -10.50 -6.58
CA GLN B 69 -26.61 -11.61 -5.76
C GLN B 69 -25.93 -12.91 -6.13
N ARG B 70 -25.83 -13.20 -7.43
CA ARG B 70 -25.22 -14.44 -7.85
C ARG B 70 -23.76 -14.48 -7.46
N LEU B 71 -23.06 -13.35 -7.62
CA LEU B 71 -21.66 -13.28 -7.23
C LEU B 71 -21.49 -13.55 -5.74
N VAL B 72 -22.34 -12.92 -4.93
CA VAL B 72 -22.29 -13.14 -3.49
C VAL B 72 -22.56 -14.60 -3.17
N ARG B 73 -23.60 -15.17 -3.79
CA ARG B 73 -23.94 -16.56 -3.55
C ARG B 73 -22.77 -17.47 -3.89
N GLU B 74 -22.11 -17.21 -5.01
CA GLU B 74 -21.04 -18.09 -5.46
C GLU B 74 -19.83 -17.99 -4.56
N ILE B 75 -19.44 -16.78 -4.16
CA ILE B 75 -18.28 -16.66 -3.27
C ILE B 75 -18.61 -17.23 -1.90
N ALA B 76 -19.85 -17.08 -1.46
CA ALA B 76 -20.26 -17.68 -0.20
C ALA B 76 -20.13 -19.20 -0.25
N GLN B 77 -20.66 -19.81 -1.32
CA GLN B 77 -20.44 -21.23 -1.53
C GLN B 77 -18.95 -21.55 -1.55
N ASP B 78 -18.15 -20.66 -2.13
CA ASP B 78 -16.70 -20.86 -2.13
C ASP B 78 -16.18 -20.96 -0.71
N PHE B 79 -16.71 -20.16 0.19
CA PHE B 79 -16.17 -20.14 1.54
C PHE B 79 -16.77 -21.26 2.39
N LYS B 80 -18.09 -21.44 2.33
CA LYS B 80 -18.73 -22.44 3.17
C LYS B 80 -20.09 -22.77 2.53
N THR B 81 -20.69 -23.88 2.96
CA THR B 81 -21.94 -24.34 2.39
C THR B 81 -22.96 -24.57 3.51
N ASP B 82 -24.20 -24.80 3.10
CA ASP B 82 -25.33 -24.90 4.03
C ASP B 82 -25.49 -23.59 4.82
N LEU B 83 -25.89 -22.55 4.10
CA LEU B 83 -26.00 -21.22 4.66
C LEU B 83 -27.04 -20.43 3.89
N ARG B 84 -27.73 -19.54 4.59
CA ARG B 84 -28.78 -18.73 3.98
C ARG B 84 -28.55 -17.25 4.31
N PHE B 85 -29.11 -16.40 3.48
CA PHE B 85 -28.93 -14.96 3.57
C PHE B 85 -30.28 -14.30 3.80
N GLN B 86 -30.27 -12.98 3.94
CA GLN B 86 -31.50 -12.20 3.96
C GLN B 86 -31.36 -11.05 2.96
N SER B 87 -32.48 -10.74 2.30
CA SER B 87 -32.47 -9.64 1.34
C SER B 87 -31.95 -8.37 1.97
N SER B 88 -32.30 -8.14 3.24
CA SER B 88 -31.76 -6.99 3.96
C SER B 88 -30.24 -7.08 4.06
N ALA B 89 -29.72 -8.25 4.42
CA ALA B 89 -28.27 -8.39 4.52
C ALA B 89 -27.61 -8.16 3.17
N VAL B 90 -28.20 -8.69 2.10
CA VAL B 90 -27.63 -8.54 0.77
C VAL B 90 -27.61 -7.07 0.37
N MET B 91 -28.74 -6.37 0.56
CA MET B 91 -28.77 -4.97 0.17
C MET B 91 -27.78 -4.17 1.02
N ALA B 92 -27.64 -4.54 2.29
CA ALA B 92 -26.66 -3.89 3.15
C ALA B 92 -25.27 -4.06 2.57
N LEU B 93 -24.95 -5.29 2.15
CA LEU B 93 -23.71 -5.55 1.44
C LEU B 93 -23.57 -4.57 0.29
N GLN B 94 -24.66 -4.35 -0.43
CA GLN B 94 -24.64 -3.44 -1.56
C GLN B 94 -24.18 -2.05 -1.14
N GLU B 95 -24.95 -1.39 -0.27
CA GLU B 95 -24.59 0.01 -0.01
C GLU B 95 -23.20 0.08 0.58
N ALA B 96 -22.80 -0.94 1.34
CA ALA B 96 -21.41 -0.98 1.77
C ALA B 96 -20.48 -0.92 0.57
N CYS B 97 -20.79 -1.71 -0.45
CA CYS B 97 -19.98 -1.69 -1.66
C CYS B 97 -19.85 -0.27 -2.18
N GLU B 98 -20.96 0.34 -2.58
CA GLU B 98 -20.78 1.60 -3.32
C GLU B 98 -20.34 2.72 -2.41
N ALA B 99 -20.61 2.61 -1.11
CA ALA B 99 -20.06 3.57 -0.17
C ALA B 99 -18.55 3.51 -0.20
N TYR B 100 -18.00 2.30 -0.14
CA TYR B 100 -16.55 2.20 -0.23
C TYR B 100 -16.08 2.69 -1.59
N LEU B 101 -16.88 2.44 -2.62
CA LEU B 101 -16.54 2.89 -3.96
C LEU B 101 -16.40 4.40 -4.00
N VAL B 102 -17.39 5.11 -3.50
CA VAL B 102 -17.33 6.57 -3.57
C VAL B 102 -16.19 7.08 -2.70
N GLY B 103 -15.98 6.48 -1.53
CA GLY B 103 -14.88 6.91 -0.70
C GLY B 103 -13.56 6.83 -1.45
N LEU B 104 -13.22 5.64 -1.93
CA LEU B 104 -12.01 5.48 -2.71
C LEU B 104 -12.04 6.39 -3.92
N PHE B 105 -13.24 6.76 -4.36
CA PHE B 105 -13.38 7.35 -5.68
C PHE B 105 -13.00 8.82 -5.66
N GLU B 106 -13.58 9.59 -4.73
CA GLU B 106 -13.04 10.93 -4.55
C GLU B 106 -11.64 10.93 -3.94
N ASP B 107 -11.24 9.84 -3.26
CA ASP B 107 -9.83 9.75 -2.91
C ASP B 107 -8.96 9.77 -4.17
N THR B 108 -9.34 8.97 -5.17
CA THR B 108 -8.63 8.96 -6.44
C THR B 108 -8.73 10.30 -7.15
N ASN B 109 -9.88 10.96 -7.03
CA ASN B 109 -10.01 12.28 -7.62
C ASN B 109 -9.00 13.26 -7.05
N LEU B 110 -8.90 13.32 -5.72
CA LEU B 110 -7.93 14.22 -5.11
C LEU B 110 -6.51 13.83 -5.46
N CYS B 111 -6.24 12.52 -5.52
CA CYS B 111 -4.91 12.08 -5.93
C CYS B 111 -4.57 12.56 -7.33
N ALA B 112 -5.47 12.32 -8.29
CA ALA B 112 -5.21 12.68 -9.68
C ALA B 112 -5.07 14.19 -9.85
N ILE B 113 -5.87 14.95 -9.11
CA ILE B 113 -5.68 16.40 -9.12
C ILE B 113 -4.30 16.75 -8.60
N HIS B 114 -3.90 16.13 -7.48
CA HIS B 114 -2.52 16.27 -7.03
C HIS B 114 -1.54 15.61 -7.99
N ALA B 115 -1.98 14.54 -8.67
CA ALA B 115 -1.18 13.91 -9.71
C ALA B 115 -1.21 14.70 -11.01
N LYS B 116 -1.82 15.88 -11.02
CA LYS B 116 -1.69 16.82 -12.12
C LYS B 116 -2.29 16.23 -13.40
N ARG B 117 -3.40 15.51 -13.24
CA ARG B 117 -3.98 14.74 -14.33
C ARG B 117 -5.46 14.56 -14.09
N VAL B 118 -6.21 14.38 -15.18
CA VAL B 118 -7.65 14.20 -15.11
C VAL B 118 -8.09 12.79 -15.49
N THR B 119 -7.35 12.09 -16.34
CA THR B 119 -7.69 10.71 -16.70
C THR B 119 -7.24 9.78 -15.59
N ILE B 120 -8.15 8.94 -15.13
CA ILE B 120 -7.91 8.15 -13.93
C ILE B 120 -7.19 6.86 -14.29
N MET B 121 -6.10 6.61 -13.59
CA MET B 121 -5.26 5.45 -13.83
C MET B 121 -5.44 4.43 -12.72
N PRO B 122 -5.27 3.15 -13.02
CA PRO B 122 -5.32 2.13 -11.95
C PRO B 122 -4.32 2.37 -10.84
N LYS B 123 -3.15 2.93 -11.17
CA LYS B 123 -2.20 3.30 -10.12
C LYS B 123 -2.81 4.30 -9.15
N ASP B 124 -3.73 5.13 -9.64
CA ASP B 124 -4.41 6.07 -8.75
C ASP B 124 -5.26 5.33 -7.73
N ILE B 125 -5.98 4.30 -8.17
CA ILE B 125 -6.77 3.49 -7.24
C ILE B 125 -5.86 2.84 -6.21
N GLN B 126 -4.75 2.27 -6.66
CA GLN B 126 -3.87 1.60 -5.72
C GLN B 126 -3.28 2.59 -4.72
N LEU B 127 -2.91 3.78 -5.20
CA LEU B 127 -2.32 4.79 -4.32
C LEU B 127 -3.33 5.30 -3.30
N ALA B 128 -4.57 5.52 -3.71
CA ALA B 128 -5.60 5.90 -2.75
C ALA B 128 -5.85 4.78 -1.75
N ARG B 129 -5.90 3.54 -2.24
CA ARG B 129 -6.08 2.38 -1.40
C ARG B 129 -5.00 2.31 -0.32
N ARG B 130 -3.77 2.63 -0.69
CA ARG B 130 -2.69 2.66 0.30
C ARG B 130 -2.79 3.88 1.18
N ILE B 131 -3.35 4.98 0.66
CA ILE B 131 -3.59 6.14 1.50
C ILE B 131 -4.49 5.79 2.66
N ARG B 132 -5.55 5.02 2.41
CA ARG B 132 -6.28 4.50 3.56
C ARG B 132 -5.44 3.51 4.36
N GLY B 133 -4.66 2.69 3.68
CA GLY B 133 -3.93 1.62 4.34
C GLY B 133 -4.55 0.25 4.21
N GLU B 134 -5.40 0.02 3.21
CA GLU B 134 -5.88 -1.34 2.92
C GLU B 134 -4.78 -2.25 2.41
N VAL C 22 -19.91 -24.29 -14.69
CA VAL C 22 -21.17 -23.59 -14.98
C VAL C 22 -21.28 -22.34 -14.13
N LEU C 23 -21.31 -22.53 -12.82
CA LEU C 23 -21.49 -21.42 -11.89
C LEU C 23 -20.15 -20.83 -11.45
N ARG C 24 -19.32 -20.45 -12.43
CA ARG C 24 -18.00 -19.89 -12.10
C ARG C 24 -17.57 -18.80 -13.07
N ASP C 25 -18.47 -18.22 -13.85
CA ASP C 25 -18.12 -17.28 -14.90
C ASP C 25 -18.97 -16.01 -14.77
N ASN C 26 -19.00 -15.44 -13.58
CA ASN C 26 -19.75 -14.22 -13.31
C ASN C 26 -18.87 -13.05 -12.88
N ILE C 27 -17.57 -13.12 -13.18
CA ILE C 27 -16.66 -12.04 -12.80
C ILE C 27 -17.01 -10.76 -13.53
N GLN C 28 -17.49 -10.88 -14.77
CA GLN C 28 -17.91 -9.73 -15.56
C GLN C 28 -19.37 -9.38 -15.34
N GLY C 29 -20.03 -10.04 -14.39
CA GLY C 29 -21.42 -9.72 -14.11
C GLY C 29 -21.63 -8.26 -13.78
N ILE C 30 -20.58 -7.61 -13.28
CA ILE C 30 -20.61 -6.17 -13.06
C ILE C 30 -20.75 -5.47 -14.41
N THR C 31 -21.79 -4.66 -14.54
CA THR C 31 -22.15 -4.11 -15.84
C THR C 31 -21.45 -2.79 -16.10
N LYS C 32 -21.14 -2.55 -17.38
CA LYS C 32 -20.64 -1.24 -17.78
C LYS C 32 -21.56 -0.08 -17.39
N PRO C 33 -22.89 -0.16 -17.58
CA PRO C 33 -23.72 0.93 -17.07
C PRO C 33 -23.58 1.18 -15.58
N ALA C 34 -23.49 0.11 -14.78
CA ALA C 34 -23.36 0.30 -13.35
C ALA C 34 -22.05 0.99 -13.00
N ILE C 35 -20.96 0.57 -13.62
CA ILE C 35 -19.66 1.18 -13.31
C ILE C 35 -19.62 2.63 -13.77
N ARG C 36 -20.14 2.93 -14.98
CA ARG C 36 -20.18 4.33 -15.38
C ARG C 36 -21.07 5.14 -14.45
N ARG C 37 -22.12 4.54 -13.90
CA ARG C 37 -23.00 5.27 -13.02
C ARG C 37 -22.32 5.57 -11.69
N LEU C 38 -21.58 4.60 -11.16
CA LEU C 38 -20.73 4.87 -10.01
C LEU C 38 -19.76 6.00 -10.32
N ALA C 39 -19.18 5.97 -11.51
CA ALA C 39 -18.26 7.04 -11.90
C ALA C 39 -18.96 8.39 -11.88
N ARG C 40 -20.20 8.42 -12.37
CA ARG C 40 -20.95 9.66 -12.41
C ARG C 40 -21.27 10.16 -11.01
N ARG C 41 -21.66 9.28 -10.10
CA ARG C 41 -21.93 9.73 -8.74
C ARG C 41 -20.71 10.34 -8.08
N GLY C 42 -19.52 9.76 -8.28
CA GLY C 42 -18.35 10.33 -7.65
C GLY C 42 -17.90 11.64 -8.24
N GLY C 43 -18.29 11.94 -9.49
CA GLY C 43 -18.11 13.26 -10.04
C GLY C 43 -17.17 13.37 -11.21
N VAL C 44 -16.66 12.26 -11.73
CA VAL C 44 -15.69 12.34 -12.82
C VAL C 44 -16.37 12.68 -14.13
N LYS C 45 -15.53 13.02 -15.12
CA LYS C 45 -15.93 13.24 -16.49
C LYS C 45 -15.14 12.38 -17.47
N ARG C 46 -13.94 11.94 -17.09
CA ARG C 46 -13.10 11.08 -17.92
C ARG C 46 -12.76 9.82 -17.13
N ILE C 47 -12.83 8.68 -17.81
CA ILE C 47 -12.62 7.38 -17.19
C ILE C 47 -11.64 6.59 -18.04
N SER C 48 -10.91 5.67 -17.41
CA SER C 48 -10.05 4.76 -18.15
C SER C 48 -10.89 3.63 -18.73
N GLY C 49 -10.40 3.06 -19.82
CA GLY C 49 -11.12 1.96 -20.44
C GLY C 49 -10.86 0.60 -19.84
N LEU C 50 -9.65 0.37 -19.35
CA LEU C 50 -9.29 -0.91 -18.74
C LEU C 50 -9.46 -0.90 -17.25
N ILE C 51 -9.70 0.27 -16.66
CA ILE C 51 -9.87 0.40 -15.22
C ILE C 51 -11.03 -0.44 -14.72
N TYR C 52 -11.90 -0.88 -15.61
CA TYR C 52 -13.15 -1.52 -15.23
C TYR C 52 -12.89 -2.85 -14.53
N GLU C 53 -11.99 -3.65 -15.08
CA GLU C 53 -11.66 -4.91 -14.44
C GLU C 53 -10.96 -4.68 -13.11
N GLU C 54 -10.13 -3.65 -13.00
CA GLU C 54 -9.52 -3.34 -11.72
C GLU C 54 -10.59 -2.97 -10.69
N THR C 55 -11.58 -2.19 -11.12
CA THR C 55 -12.70 -1.87 -10.25
C THR C 55 -13.40 -3.13 -9.79
N ARG C 56 -13.64 -4.05 -10.73
CA ARG C 56 -14.31 -5.30 -10.37
C ARG C 56 -13.47 -6.11 -9.39
N GLY C 57 -12.15 -6.12 -9.58
CA GLY C 57 -11.29 -6.88 -8.68
C GLY C 57 -11.24 -6.29 -7.28
N VAL C 58 -11.17 -4.96 -7.19
CA VAL C 58 -11.21 -4.31 -5.89
C VAL C 58 -12.55 -4.58 -5.22
N LEU C 59 -13.63 -4.47 -5.99
CA LEU C 59 -14.93 -4.90 -5.50
C LEU C 59 -14.88 -6.31 -4.95
N LYS C 60 -14.29 -7.22 -5.70
CA LYS C 60 -14.32 -8.62 -5.32
C LYS C 60 -13.55 -8.84 -4.04
N VAL C 61 -12.37 -8.23 -3.93
CA VAL C 61 -11.56 -8.46 -2.74
C VAL C 61 -12.27 -7.90 -1.51
N PHE C 62 -12.85 -6.71 -1.64
CA PHE C 62 -13.50 -6.15 -0.46
C PHE C 62 -14.76 -6.91 -0.11
N LEU C 63 -15.51 -7.34 -1.13
CA LEU C 63 -16.63 -8.22 -0.92
C LEU C 63 -16.20 -9.46 -0.15
N GLU C 64 -15.11 -10.08 -0.58
CA GLU C 64 -14.66 -11.32 0.05
C GLU C 64 -14.28 -11.08 1.50
N ASN C 65 -13.50 -10.03 1.75
CA ASN C 65 -13.10 -9.74 3.12
C ASN C 65 -14.34 -9.58 3.99
N VAL C 66 -15.29 -8.78 3.50
CA VAL C 66 -16.49 -8.52 4.26
C VAL C 66 -17.22 -9.81 4.56
N ILE C 67 -17.46 -10.61 3.53
CA ILE C 67 -18.33 -11.76 3.71
C ILE C 67 -17.65 -12.82 4.56
N ARG C 68 -16.35 -13.03 4.38
CA ARG C 68 -15.66 -14.00 5.21
C ARG C 68 -15.70 -13.58 6.66
N ASP C 69 -15.53 -12.28 6.93
CA ASP C 69 -15.53 -11.86 8.33
C ASP C 69 -16.93 -12.02 8.91
N ALA C 70 -17.96 -11.73 8.09
CA ALA C 70 -19.32 -11.92 8.55
C ALA C 70 -19.59 -13.39 8.87
N VAL C 71 -19.02 -14.28 8.05
CA VAL C 71 -19.10 -15.70 8.35
C VAL C 71 -18.43 -16.00 9.67
N THR C 72 -17.28 -15.37 9.93
CA THR C 72 -16.62 -15.59 11.20
C THR C 72 -17.55 -15.23 12.35
N TYR C 73 -18.24 -14.10 12.22
CA TYR C 73 -19.18 -13.72 13.27
C TYR C 73 -20.28 -14.76 13.40
N THR C 74 -20.94 -15.08 12.30
CA THR C 74 -22.13 -15.92 12.35
C THR C 74 -21.80 -17.30 12.89
N GLU C 75 -20.66 -17.84 12.47
CA GLU C 75 -20.17 -19.07 13.07
C GLU C 75 -19.90 -18.89 14.55
N HIS C 76 -19.22 -17.79 14.90
CA HIS C 76 -19.06 -17.46 16.30
C HIS C 76 -20.38 -17.05 16.94
N ALA C 77 -21.36 -16.68 16.12
CA ALA C 77 -22.72 -16.51 16.60
C ALA C 77 -23.42 -17.83 16.81
N LYS C 78 -22.75 -18.95 16.48
CA LYS C 78 -23.35 -20.27 16.51
C LYS C 78 -24.61 -20.30 15.65
N ARG C 79 -24.55 -19.63 14.51
CA ARG C 79 -25.72 -19.48 13.65
C ARG C 79 -25.36 -19.88 12.23
N LYS C 80 -26.39 -20.31 11.50
CA LYS C 80 -26.28 -20.71 10.10
C LYS C 80 -26.60 -19.57 9.15
N THR C 81 -27.82 -19.07 9.17
CA THR C 81 -28.20 -17.97 8.29
C THR C 81 -27.62 -16.68 8.85
N VAL C 82 -26.82 -15.99 8.05
CA VAL C 82 -26.17 -14.77 8.51
C VAL C 82 -27.20 -13.66 8.56
N THR C 83 -26.97 -12.68 9.42
CA THR C 83 -27.82 -11.51 9.47
C THR C 83 -27.06 -10.30 8.99
N ALA C 84 -27.80 -9.21 8.74
CA ALA C 84 -27.15 -7.96 8.39
C ALA C 84 -26.39 -7.38 9.58
N MET C 85 -26.72 -7.80 10.79
CA MET C 85 -25.91 -7.41 11.95
C MET C 85 -24.48 -7.90 11.80
N ASP C 86 -24.30 -9.11 11.30
CA ASP C 86 -22.96 -9.59 11.00
C ASP C 86 -22.31 -8.69 9.96
N VAL C 87 -23.10 -8.23 8.99
CA VAL C 87 -22.60 -7.28 7.99
C VAL C 87 -22.08 -6.05 8.70
N VAL C 88 -22.84 -5.55 9.67
CA VAL C 88 -22.46 -4.34 10.38
C VAL C 88 -21.16 -4.55 11.14
N TYR C 89 -21.03 -5.70 11.81
CA TYR C 89 -19.84 -5.93 12.61
C TYR C 89 -18.62 -6.08 11.71
N ALA C 90 -18.79 -6.74 10.58
CA ALA C 90 -17.69 -6.80 9.62
C ALA C 90 -17.33 -5.40 9.15
N LEU C 91 -18.35 -4.59 8.89
CA LEU C 91 -18.10 -3.25 8.40
C LEU C 91 -17.26 -2.46 9.38
N LYS C 92 -17.61 -2.52 10.66
CA LYS C 92 -16.82 -1.80 11.65
C LYS C 92 -15.46 -2.44 11.87
N ARG C 93 -15.38 -3.77 11.83
CA ARG C 93 -14.09 -4.41 12.03
C ARG C 93 -13.11 -3.96 10.97
N GLN C 94 -13.55 -3.92 9.72
CA GLN C 94 -12.66 -3.39 8.70
C GLN C 94 -12.54 -1.88 8.82
N GLY C 95 -13.56 -1.24 9.41
CA GLY C 95 -13.43 0.13 9.84
C GLY C 95 -14.27 1.18 9.12
N ARG C 96 -15.51 0.87 8.72
CA ARG C 96 -16.38 1.89 8.17
C ARG C 96 -17.72 1.91 8.88
N THR C 97 -18.51 2.92 8.54
CA THR C 97 -19.77 3.24 9.19
C THR C 97 -20.96 2.83 8.33
N LEU C 98 -22.01 2.39 9.01
CA LEU C 98 -23.29 2.06 8.39
C LEU C 98 -24.36 2.98 8.94
N TYR C 99 -25.13 3.57 8.05
CA TYR C 99 -26.09 4.60 8.41
C TYR C 99 -27.52 4.09 8.26
N GLY C 100 -28.32 4.30 9.31
CA GLY C 100 -29.72 3.95 9.31
C GLY C 100 -30.04 2.51 9.66
N PHE C 101 -29.03 1.67 9.87
CA PHE C 101 -29.27 0.25 10.13
C PHE C 101 -28.59 -0.25 11.39
N GLY C 102 -27.52 0.43 11.81
CA GLY C 102 -26.88 0.16 13.10
C GLY C 102 -26.50 -1.32 13.27
N ALA D 11 -8.39 35.66 -40.24
CA ALA D 11 -7.04 35.32 -39.83
C ALA D 11 -6.55 36.26 -38.73
N VAL D 12 -6.24 37.50 -39.11
CA VAL D 12 -5.80 38.50 -38.13
C VAL D 12 -6.91 38.76 -37.12
N GLU D 13 -8.15 38.94 -37.58
CA GLU D 13 -9.26 39.15 -36.67
C GLU D 13 -9.47 37.94 -35.78
N GLU D 14 -9.41 36.73 -36.35
CA GLU D 14 -9.57 35.53 -35.54
C GLU D 14 -8.46 35.43 -34.50
N ARG D 15 -7.22 35.72 -34.90
CA ARG D 15 -6.11 35.65 -33.96
C ARG D 15 -6.26 36.67 -32.83
N VAL D 16 -6.65 37.90 -33.16
CA VAL D 16 -6.76 38.91 -32.11
C VAL D 16 -7.93 38.60 -31.19
N ILE D 17 -9.02 38.05 -31.71
CA ILE D 17 -10.12 37.63 -30.85
C ILE D 17 -9.69 36.48 -29.96
N ASN D 18 -8.91 35.54 -30.51
CA ASN D 18 -8.42 34.44 -29.69
C ASN D 18 -7.53 34.94 -28.56
N GLU D 19 -6.65 35.89 -28.86
CA GLU D 19 -5.76 36.41 -27.82
C GLU D 19 -6.54 37.21 -26.79
N GLU D 20 -7.51 38.01 -27.23
CA GLU D 20 -8.37 38.73 -26.30
C GLU D 20 -9.11 37.77 -25.38
N TYR D 21 -9.61 36.68 -25.95
CA TYR D 21 -10.29 35.67 -25.14
C TYR D 21 -9.34 34.99 -24.18
N LYS D 22 -8.11 34.72 -24.61
CA LYS D 22 -7.14 34.13 -23.71
C LYS D 22 -6.84 35.05 -22.54
N ILE D 23 -6.70 36.34 -22.82
CA ILE D 23 -6.47 37.32 -21.76
C ILE D 23 -7.66 37.37 -20.81
N TRP D 24 -8.87 37.36 -21.37
CA TRP D 24 -10.08 37.35 -20.54
C TRP D 24 -10.17 36.09 -19.70
N LYS D 25 -9.81 34.95 -20.28
CA LYS D 25 -9.76 33.69 -19.56
C LYS D 25 -8.79 33.75 -18.39
N LYS D 26 -7.62 34.35 -18.61
CA LYS D 26 -6.64 34.44 -17.56
C LYS D 26 -7.05 35.43 -16.47
N ASN D 27 -7.74 36.51 -16.85
CA ASN D 27 -8.05 37.57 -15.90
C ASN D 27 -9.43 37.42 -15.24
N THR D 28 -10.23 36.45 -15.67
CA THR D 28 -11.54 36.25 -15.07
C THR D 28 -11.56 35.82 -13.61
N PRO D 29 -10.53 35.12 -13.06
CA PRO D 29 -10.62 34.76 -11.63
C PRO D 29 -10.77 35.95 -10.72
N PHE D 30 -10.18 37.09 -11.07
CA PHE D 30 -10.25 38.29 -10.24
C PHE D 30 -11.54 39.06 -10.43
N LEU D 31 -12.28 38.83 -11.52
CA LEU D 31 -13.38 39.68 -11.89
C LEU D 31 -14.74 38.99 -11.89
N TYR D 32 -14.77 37.67 -11.84
CA TYR D 32 -16.02 36.93 -11.84
C TYR D 32 -16.06 36.00 -10.64
N ASP D 33 -17.27 35.77 -10.14
CA ASP D 33 -17.48 34.79 -9.08
C ASP D 33 -18.12 33.51 -9.58
N LEU D 34 -18.73 33.53 -10.76
CA LEU D 34 -19.45 32.38 -11.29
C LEU D 34 -19.34 32.44 -12.80
N VAL D 35 -18.69 31.44 -13.39
CA VAL D 35 -18.57 31.33 -14.84
C VAL D 35 -18.86 29.90 -15.25
N MET D 36 -19.82 29.73 -16.15
CA MET D 36 -20.29 28.40 -16.54
C MET D 36 -20.51 28.42 -18.04
N THR D 37 -19.49 28.05 -18.80
CA THR D 37 -19.51 28.17 -20.25
C THR D 37 -19.76 26.82 -20.90
N HIS D 38 -20.60 26.81 -21.92
CA HIS D 38 -20.79 25.61 -22.72
C HIS D 38 -20.86 25.98 -24.20
N ALA D 39 -20.47 25.02 -25.03
CA ALA D 39 -20.50 25.19 -26.48
C ALA D 39 -21.69 24.41 -27.02
N LEU D 40 -22.54 25.08 -27.78
CA LEU D 40 -23.78 24.49 -28.23
C LEU D 40 -23.56 23.63 -29.47
N GLU D 41 -24.51 22.73 -29.72
CA GLU D 41 -24.52 22.05 -31.02
C GLU D 41 -24.79 23.04 -32.14
N TRP D 42 -25.70 23.98 -31.90
CA TRP D 42 -26.07 24.97 -32.89
C TRP D 42 -26.29 26.30 -32.19
N PRO D 43 -26.04 27.42 -32.88
CA PRO D 43 -26.29 28.72 -32.27
C PRO D 43 -27.77 28.95 -31.99
N SER D 44 -28.03 29.72 -30.93
CA SER D 44 -29.39 30.03 -30.51
C SER D 44 -29.62 31.53 -30.59
N LEU D 45 -30.70 31.91 -31.25
CA LEU D 45 -31.12 33.31 -31.29
C LEU D 45 -31.93 33.70 -30.07
N THR D 46 -32.40 32.74 -29.30
CA THR D 46 -33.26 32.98 -28.16
C THR D 46 -32.70 32.23 -26.95
N ALA D 47 -32.93 32.80 -25.77
CA ALA D 47 -32.39 32.23 -24.54
C ALA D 47 -33.08 32.89 -23.36
N GLN D 48 -33.64 32.07 -22.47
CA GLN D 48 -34.30 32.61 -21.29
C GLN D 48 -34.47 31.56 -20.21
N TRP D 49 -34.42 32.05 -18.98
CA TRP D 49 -34.69 31.38 -17.71
C TRP D 49 -36.11 30.83 -17.66
N LEU D 50 -36.40 30.15 -16.55
CA LEU D 50 -37.75 29.79 -16.15
C LEU D 50 -37.95 30.27 -14.71
N PRO D 51 -39.13 30.81 -14.39
CA PRO D 51 -39.37 31.26 -13.01
C PRO D 51 -39.23 30.14 -12.00
N ASP D 52 -39.56 28.92 -12.39
CA ASP D 52 -39.41 27.78 -11.50
C ASP D 52 -37.94 27.47 -11.22
N VAL D 53 -37.65 27.12 -9.97
CA VAL D 53 -36.33 26.66 -9.56
C VAL D 53 -36.49 25.33 -8.84
N THR D 54 -35.53 24.44 -9.03
CA THR D 54 -35.54 23.15 -8.38
C THR D 54 -34.46 23.11 -7.31
N ARG D 55 -34.87 22.87 -6.07
CA ARG D 55 -33.96 22.73 -4.94
C ARG D 55 -34.31 21.43 -4.21
N PRO D 56 -33.76 20.31 -4.66
CA PRO D 56 -33.99 19.05 -3.97
C PRO D 56 -33.40 19.08 -2.56
N GLU D 57 -34.11 18.47 -1.63
CA GLU D 57 -33.61 18.39 -0.27
C GLU D 57 -32.38 17.48 -0.22
N GLY D 58 -31.48 17.75 0.72
CA GLY D 58 -30.29 16.95 0.87
C GLY D 58 -29.25 17.15 -0.21
N LYS D 59 -29.36 18.20 -1.00
CA LYS D 59 -28.45 18.45 -2.11
C LYS D 59 -27.76 19.79 -1.89
N ASP D 60 -26.57 19.93 -2.47
CA ASP D 60 -25.74 21.12 -2.31
C ASP D 60 -25.78 21.98 -3.57
N PHE D 61 -26.91 21.99 -4.26
CA PHE D 61 -27.00 22.66 -5.55
C PHE D 61 -28.44 22.99 -5.85
N SER D 62 -28.61 23.92 -6.80
CA SER D 62 -29.90 24.36 -7.30
C SER D 62 -29.95 24.11 -8.80
N ILE D 63 -31.16 24.05 -9.33
CA ILE D 63 -31.38 23.67 -10.72
C ILE D 63 -32.20 24.75 -11.39
N HIS D 64 -31.85 25.09 -12.62
CA HIS D 64 -32.50 26.15 -13.35
C HIS D 64 -32.72 25.68 -14.79
N ARG D 65 -33.66 26.33 -15.46
CA ARG D 65 -34.13 25.86 -16.75
C ARG D 65 -34.05 26.96 -17.81
N LEU D 66 -33.78 26.56 -19.05
CA LEU D 66 -33.48 27.49 -20.13
C LEU D 66 -34.17 27.08 -21.42
N VAL D 67 -34.81 28.07 -22.04
CA VAL D 67 -35.48 27.94 -23.33
C VAL D 67 -34.58 28.55 -24.38
N LEU D 68 -34.09 27.73 -25.30
CA LEU D 68 -33.26 28.21 -26.40
C LEU D 68 -33.66 27.49 -27.68
N GLY D 69 -33.28 28.08 -28.80
CA GLY D 69 -33.48 27.48 -30.11
C GLY D 69 -32.17 27.07 -30.76
N THR D 70 -32.26 26.80 -32.05
CA THR D 70 -31.10 26.43 -32.85
C THR D 70 -31.12 27.20 -34.16
N HIS D 71 -29.93 27.50 -34.67
CA HIS D 71 -29.75 28.09 -35.99
C HIS D 71 -29.03 27.05 -36.85
N THR D 72 -29.80 26.31 -37.64
CA THR D 72 -29.27 25.28 -38.51
C THR D 72 -29.54 25.68 -39.94
N SER D 73 -28.48 25.70 -40.76
CA SER D 73 -28.64 26.11 -42.15
C SER D 73 -29.45 25.07 -42.94
N ASP D 74 -29.19 23.78 -42.70
CA ASP D 74 -29.88 22.72 -43.42
C ASP D 74 -30.26 21.57 -42.51
N GLU D 75 -30.54 21.85 -41.24
CA GLU D 75 -30.96 20.84 -40.29
C GLU D 75 -32.24 21.28 -39.60
N GLN D 76 -33.05 20.30 -39.18
CA GLN D 76 -34.29 20.62 -38.50
C GLN D 76 -34.03 21.40 -37.21
N ASN D 77 -34.46 22.65 -37.20
CA ASN D 77 -34.25 23.48 -36.02
C ASN D 77 -35.15 22.98 -34.89
N HIS D 78 -34.56 22.83 -33.71
CA HIS D 78 -35.25 22.28 -32.56
C HIS D 78 -35.33 23.32 -31.45
N LEU D 79 -36.53 23.53 -30.93
CA LEU D 79 -36.68 24.32 -29.72
C LEU D 79 -36.23 23.48 -28.54
N VAL D 80 -35.37 24.06 -27.70
CA VAL D 80 -34.64 23.32 -26.68
C VAL D 80 -34.93 23.92 -25.32
N ILE D 81 -35.29 23.06 -24.37
CA ILE D 81 -35.25 23.40 -22.95
C ILE D 81 -33.98 22.80 -22.36
N ALA D 82 -33.25 23.62 -21.61
CA ALA D 82 -32.02 23.20 -20.97
C ALA D 82 -32.14 23.42 -19.48
N SER D 83 -31.97 22.34 -18.72
CA SER D 83 -31.93 22.42 -17.27
C SER D 83 -30.47 22.55 -16.85
N VAL D 84 -30.19 23.48 -15.95
CA VAL D 84 -28.83 23.77 -15.55
C VAL D 84 -28.69 23.62 -14.05
N GLN D 85 -27.61 22.97 -13.64
CA GLN D 85 -27.31 22.73 -12.23
C GLN D 85 -26.49 23.88 -11.69
N LEU D 86 -26.92 24.42 -10.55
CA LEU D 86 -26.26 25.52 -9.88
C LEU D 86 -25.98 25.16 -8.43
N PRO D 87 -24.74 25.34 -7.97
CA PRO D 87 -24.45 25.05 -6.56
C PRO D 87 -25.24 25.93 -5.63
N ASN D 88 -25.52 25.42 -4.44
CA ASN D 88 -26.37 26.10 -3.49
C ASN D 88 -25.64 27.26 -2.82
N ASP D 89 -26.42 28.18 -2.25
CA ASP D 89 -25.87 29.23 -1.41
C ASP D 89 -25.26 28.63 -0.15
N ASP D 90 -25.90 27.60 0.41
CA ASP D 90 -25.31 26.94 1.57
C ASP D 90 -23.96 26.33 1.22
N ALA D 91 -23.85 25.72 0.04
CA ALA D 91 -22.57 25.23 -0.43
C ALA D 91 -21.61 26.36 -0.79
N GLN D 92 -22.11 27.59 -0.90
CA GLN D 92 -21.25 28.74 -1.22
C GLN D 92 -20.27 29.05 -0.09
N PHE D 93 -20.49 28.51 1.10
CA PHE D 93 -19.57 28.67 2.23
C PHE D 93 -19.23 27.31 2.82
N ASP D 94 -18.09 26.75 2.40
CA ASP D 94 -17.58 25.50 2.93
C ASP D 94 -16.07 25.49 2.84
N ALA D 95 -15.42 25.03 3.91
CA ALA D 95 -13.97 24.89 3.94
C ALA D 95 -13.64 23.43 3.68
N SER D 96 -13.28 23.11 2.43
CA SER D 96 -12.97 21.75 2.05
C SER D 96 -11.49 21.44 2.25
N HIS D 97 -10.62 22.19 1.58
CA HIS D 97 -9.19 21.97 1.67
C HIS D 97 -8.48 23.30 1.48
N TYR D 98 -7.15 23.26 1.55
CA TYR D 98 -6.32 24.44 1.40
C TYR D 98 -5.11 24.09 0.55
N ASP D 99 -4.76 25.01 -0.34
CA ASP D 99 -3.57 24.86 -1.18
C ASP D 99 -2.47 25.73 -0.60
N SER D 100 -1.35 25.10 -0.24
CA SER D 100 -0.19 25.84 0.22
C SER D 100 0.43 26.66 -0.90
N GLU D 101 0.20 26.27 -2.16
CA GLU D 101 0.75 27.02 -3.28
C GLU D 101 0.03 28.36 -3.47
N LYS D 102 -1.27 28.31 -3.73
CA LYS D 102 -2.03 29.52 -3.96
C LYS D 102 -2.44 30.23 -2.67
N GLY D 103 -2.23 29.58 -1.53
CA GLY D 103 -2.57 30.19 -0.26
C GLY D 103 -4.04 30.47 -0.08
N GLU D 104 -4.90 29.60 -0.63
CA GLU D 104 -6.33 29.82 -0.61
C GLU D 104 -7.05 28.50 -0.38
N PHE D 105 -8.34 28.60 -0.10
CA PHE D 105 -9.21 27.42 0.00
C PHE D 105 -9.72 27.05 -1.39
N GLY D 106 -8.79 26.63 -2.23
CA GLY D 106 -9.11 26.37 -3.63
C GLY D 106 -9.55 24.95 -3.90
N GLY D 107 -8.81 24.25 -4.75
CA GLY D 107 -9.15 22.89 -5.10
C GLY D 107 -9.87 22.78 -6.43
N PHE D 108 -9.21 22.17 -7.42
CA PHE D 108 -9.83 22.02 -8.73
C PHE D 108 -11.07 21.13 -8.64
N GLY D 109 -10.91 19.94 -8.07
CA GLY D 109 -11.94 18.95 -7.90
C GLY D 109 -12.58 18.51 -9.21
N SER D 110 -13.68 17.77 -9.06
CA SER D 110 -14.44 17.27 -10.22
C SER D 110 -15.94 17.47 -10.11
N VAL D 111 -16.48 17.83 -8.95
CA VAL D 111 -17.93 17.95 -8.81
C VAL D 111 -18.36 19.38 -9.10
N SER D 112 -19.23 19.53 -10.11
CA SER D 112 -19.66 20.86 -10.51
C SER D 112 -21.05 20.76 -11.11
N GLY D 113 -21.73 21.92 -11.15
CA GLY D 113 -23.00 22.00 -11.83
C GLY D 113 -22.84 21.74 -13.32
N LYS D 114 -23.92 21.25 -13.92
CA LYS D 114 -23.84 20.84 -15.31
C LYS D 114 -25.06 21.34 -16.06
N ILE D 115 -24.93 21.42 -17.37
CA ILE D 115 -25.95 21.92 -18.28
C ILE D 115 -26.50 20.74 -19.05
N GLU D 116 -27.83 20.58 -18.99
CA GLU D 116 -28.46 19.42 -19.61
C GLU D 116 -29.66 19.85 -20.44
N ILE D 117 -29.70 19.36 -21.67
CA ILE D 117 -30.85 19.55 -22.55
C ILE D 117 -31.92 18.55 -22.17
N GLU D 118 -33.14 19.03 -21.96
CA GLU D 118 -34.21 18.18 -21.46
C GLU D 118 -35.15 17.74 -22.57
N ILE D 119 -35.71 18.69 -23.32
CA ILE D 119 -36.71 18.42 -24.34
C ILE D 119 -36.35 19.22 -25.58
N LYS D 120 -36.40 18.56 -26.73
CA LYS D 120 -36.23 19.21 -28.02
C LYS D 120 -37.51 19.08 -28.81
N ILE D 121 -38.00 20.20 -29.35
CA ILE D 121 -39.22 20.23 -30.14
C ILE D 121 -38.87 20.72 -31.53
N ASN D 122 -39.30 19.97 -32.55
CA ASN D 122 -39.06 20.36 -33.93
C ASN D 122 -39.64 21.74 -34.20
N HIS D 123 -38.87 22.57 -34.90
CA HIS D 123 -39.30 23.91 -35.24
C HIS D 123 -39.11 24.17 -36.72
N GLU D 124 -40.11 24.80 -37.34
CA GLU D 124 -40.06 25.15 -38.75
C GLU D 124 -39.11 26.33 -38.93
N GLY D 125 -37.88 26.04 -39.35
CA GLY D 125 -36.89 27.07 -39.50
C GLY D 125 -36.35 27.54 -38.17
N GLU D 126 -35.49 28.55 -38.23
CA GLU D 126 -34.88 29.07 -37.01
C GLU D 126 -35.91 29.78 -36.16
N VAL D 127 -35.77 29.63 -34.84
CA VAL D 127 -36.67 30.30 -33.90
C VAL D 127 -36.20 31.74 -33.79
N ASN D 128 -36.93 32.67 -34.42
CA ASN D 128 -36.51 34.07 -34.38
C ASN D 128 -36.62 34.63 -32.97
N ARG D 129 -37.65 34.26 -32.21
CA ARG D 129 -37.80 34.74 -30.84
C ARG D 129 -38.73 33.80 -30.10
N ALA D 130 -38.36 33.45 -28.87
CA ALA D 130 -39.12 32.50 -28.06
C ALA D 130 -39.44 33.14 -26.72
N ARG D 131 -40.73 33.21 -26.39
CA ARG D 131 -41.19 33.72 -25.09
C ARG D 131 -42.39 32.91 -24.62
N TYR D 132 -42.57 32.85 -23.31
CA TYR D 132 -43.57 31.99 -22.70
C TYR D 132 -44.57 32.80 -21.88
N MET D 133 -45.57 32.11 -21.37
CA MET D 133 -46.52 32.75 -20.46
C MET D 133 -45.79 33.25 -19.23
N PRO D 134 -45.89 34.53 -18.89
CA PRO D 134 -45.38 34.98 -17.58
C PRO D 134 -46.07 34.29 -16.42
N GLN D 135 -47.22 33.67 -16.67
CA GLN D 135 -47.99 32.97 -15.65
C GLN D 135 -47.97 31.46 -15.81
N ASN D 136 -47.53 30.95 -16.95
CA ASN D 136 -47.57 29.51 -17.23
C ASN D 136 -46.40 29.13 -18.12
N PRO D 137 -45.29 28.68 -17.52
CA PRO D 137 -44.16 28.22 -18.33
C PRO D 137 -44.51 27.11 -19.31
N CYS D 138 -45.68 26.50 -19.18
CA CYS D 138 -46.07 25.46 -20.12
C CYS D 138 -46.20 25.98 -21.54
N ILE D 139 -46.75 27.19 -21.68
CA ILE D 139 -47.01 27.76 -23.00
C ILE D 139 -45.90 28.71 -23.37
N ILE D 140 -45.32 28.51 -24.55
CA ILE D 140 -44.21 29.31 -25.05
C ILE D 140 -44.52 29.71 -26.49
N ALA D 141 -44.18 30.95 -26.85
CA ALA D 141 -44.40 31.46 -28.21
C ALA D 141 -43.07 31.58 -28.94
N THR D 142 -43.03 31.08 -30.17
CA THR D 142 -41.82 31.10 -30.98
C THR D 142 -42.10 31.79 -32.32
N LYS D 143 -41.09 32.50 -32.82
CA LYS D 143 -41.17 33.15 -34.11
C LYS D 143 -40.45 32.32 -35.18
N THR D 144 -41.04 32.27 -36.37
CA THR D 144 -40.56 31.45 -37.46
C THR D 144 -40.08 32.32 -38.61
N PRO D 145 -39.13 31.82 -39.42
CA PRO D 145 -38.79 32.54 -40.66
C PRO D 145 -39.95 32.63 -41.61
N SER D 146 -40.91 31.72 -41.53
CA SER D 146 -42.13 31.81 -42.31
C SER D 146 -43.03 32.85 -41.69
N SER D 147 -44.17 33.12 -42.34
CA SER D 147 -45.13 34.06 -41.78
C SER D 147 -45.76 33.50 -40.50
N ASP D 148 -45.75 32.19 -40.33
CA ASP D 148 -46.46 31.53 -39.24
C ASP D 148 -45.82 31.87 -37.90
N VAL D 149 -46.66 31.85 -36.87
CA VAL D 149 -46.23 31.98 -35.49
C VAL D 149 -46.72 30.74 -34.75
N LEU D 150 -45.79 29.99 -34.17
CA LEU D 150 -46.09 28.69 -33.59
C LEU D 150 -45.96 28.71 -32.08
N VAL D 151 -46.79 27.92 -31.42
CA VAL D 151 -46.82 27.82 -29.97
C VAL D 151 -46.58 26.36 -29.59
N PHE D 152 -45.63 26.13 -28.69
CA PHE D 152 -45.25 24.80 -28.26
C PHE D 152 -45.49 24.64 -26.76
N ASP D 153 -45.81 23.41 -26.36
CA ASP D 153 -45.95 23.06 -24.94
C ASP D 153 -45.24 21.74 -24.69
N TYR D 154 -44.26 21.77 -23.79
CA TYR D 154 -43.52 20.57 -23.45
C TYR D 154 -44.41 19.54 -22.76
N THR D 155 -45.31 19.99 -21.88
CA THR D 155 -46.25 19.06 -21.27
C THR D 155 -47.18 18.42 -22.28
N LYS D 156 -47.43 19.10 -23.40
CA LYS D 156 -48.32 18.58 -24.44
C LYS D 156 -47.56 18.10 -25.66
N HIS D 157 -46.33 17.61 -25.46
CA HIS D 157 -45.54 17.09 -26.56
C HIS D 157 -44.52 16.12 -26.01
N PRO D 158 -44.17 15.07 -26.76
CA PRO D 158 -43.12 14.15 -26.29
C PRO D 158 -41.81 14.88 -26.05
N SER D 159 -41.08 14.42 -25.02
CA SER D 159 -39.83 15.06 -24.65
C SER D 159 -38.83 15.00 -25.80
N LYS D 160 -38.59 13.80 -26.33
CA LYS D 160 -37.70 13.69 -27.46
C LYS D 160 -38.37 14.29 -28.70
N PRO D 161 -37.60 14.96 -29.54
CA PRO D 161 -38.18 15.50 -30.78
C PRO D 161 -38.73 14.38 -31.65
N ASP D 162 -39.85 14.66 -32.31
CA ASP D 162 -40.53 13.63 -33.08
C ASP D 162 -39.63 13.17 -34.23
N PRO D 163 -39.63 11.87 -34.53
CA PRO D 163 -38.85 11.40 -35.69
C PRO D 163 -39.26 12.07 -36.99
N SER D 164 -40.53 12.44 -37.12
CA SER D 164 -40.96 13.22 -38.28
C SER D 164 -40.27 14.57 -38.28
N GLY D 165 -39.77 14.98 -39.43
CA GLY D 165 -39.11 16.27 -39.53
C GLY D 165 -40.04 17.43 -39.29
N GLU D 166 -41.30 17.29 -39.70
CA GLU D 166 -42.27 18.37 -39.55
C GLU D 166 -42.53 18.64 -38.07
N CYS D 167 -42.60 19.93 -37.74
CA CYS D 167 -42.92 20.33 -36.38
C CYS D 167 -44.39 20.05 -36.07
N ASN D 168 -44.72 20.06 -34.79
CA ASN D 168 -46.07 19.81 -34.31
C ASN D 168 -46.51 20.96 -33.42
N PRO D 169 -46.82 22.11 -34.01
CA PRO D 169 -47.25 23.26 -33.20
C PRO D 169 -48.62 23.01 -32.59
N ASP D 170 -48.75 23.36 -31.32
CA ASP D 170 -50.06 23.27 -30.68
C ASP D 170 -50.98 24.38 -31.18
N LEU D 171 -50.42 25.52 -31.55
CA LEU D 171 -51.18 26.65 -32.07
C LEU D 171 -50.37 27.36 -33.14
N ARG D 172 -51.07 27.89 -34.13
CA ARG D 172 -50.48 28.73 -35.17
C ARG D 172 -51.27 30.02 -35.25
N LEU D 173 -50.57 31.15 -35.34
CA LEU D 173 -51.20 32.46 -35.27
C LEU D 173 -51.07 33.18 -36.60
N ARG D 174 -52.12 33.91 -36.96
CA ARG D 174 -52.23 34.58 -38.25
C ARG D 174 -52.32 36.08 -38.08
N GLY D 175 -51.81 36.79 -39.07
CA GLY D 175 -51.84 38.24 -39.09
C GLY D 175 -50.60 38.85 -39.71
N HIS D 176 -49.51 38.09 -39.75
CA HIS D 176 -48.27 38.56 -40.33
C HIS D 176 -48.04 37.94 -41.71
N GLN D 177 -47.27 38.64 -42.52
CA GLN D 177 -47.04 38.25 -43.90
C GLN D 177 -45.64 37.70 -44.14
N LYS D 178 -44.73 37.84 -43.19
CA LYS D 178 -43.40 37.26 -43.28
C LYS D 178 -42.79 37.22 -41.89
N GLU D 179 -41.51 36.87 -41.82
CA GLU D 179 -40.82 36.72 -40.55
C GLU D 179 -40.71 38.06 -39.82
N GLY D 180 -40.20 37.99 -38.60
CA GLY D 180 -39.97 39.15 -37.79
C GLY D 180 -39.04 38.79 -36.64
N TYR D 181 -38.73 39.81 -35.82
CA TYR D 181 -37.85 39.61 -34.69
C TYR D 181 -38.41 40.20 -33.40
N GLY D 182 -39.71 40.45 -33.33
CA GLY D 182 -40.31 41.01 -32.13
C GLY D 182 -41.48 40.20 -31.61
N LEU D 183 -41.38 39.75 -30.37
CA LEU D 183 -42.44 38.99 -29.71
C LEU D 183 -42.47 39.35 -28.24
N SER D 184 -43.66 39.43 -27.66
CA SER D 184 -43.78 39.73 -26.24
C SER D 184 -45.10 39.19 -25.70
N TRP D 185 -45.17 39.11 -24.39
CA TRP D 185 -46.34 38.63 -23.68
C TRP D 185 -46.80 39.68 -22.67
N ASN D 186 -48.06 39.58 -22.27
CA ASN D 186 -48.60 40.55 -21.33
C ASN D 186 -48.53 39.98 -19.93
N PRO D 187 -47.71 40.53 -19.04
CA PRO D 187 -47.64 40.00 -17.67
C PRO D 187 -48.94 40.12 -16.92
N ASN D 188 -49.77 41.11 -17.24
CA ASN D 188 -51.00 41.36 -16.52
C ASN D 188 -52.23 40.77 -17.21
N LEU D 189 -52.18 40.60 -18.52
CA LEU D 189 -53.31 40.08 -19.29
C LEU D 189 -52.91 38.76 -19.93
N SER D 190 -53.75 37.75 -19.75
CA SER D 190 -53.43 36.41 -20.22
C SER D 190 -53.68 36.29 -21.72
N GLY D 191 -52.72 35.70 -22.42
CA GLY D 191 -52.87 35.41 -23.83
C GLY D 191 -52.54 36.56 -24.77
N HIS D 192 -52.21 37.73 -24.23
CA HIS D 192 -51.99 38.90 -25.08
C HIS D 192 -50.56 38.89 -25.62
N LEU D 193 -50.44 38.69 -26.93
CA LEU D 193 -49.16 38.63 -27.61
C LEU D 193 -48.98 39.89 -28.43
N LEU D 194 -47.76 40.41 -28.45
CA LEU D 194 -47.38 41.51 -29.32
C LEU D 194 -46.28 41.01 -30.25
N SER D 195 -46.48 41.18 -31.56
CA SER D 195 -45.57 40.64 -32.55
C SER D 195 -45.08 41.75 -33.47
N ALA D 196 -43.85 41.59 -33.94
CA ALA D 196 -43.23 42.53 -34.87
C ALA D 196 -42.73 41.75 -36.09
N SER D 197 -42.83 42.38 -37.25
CA SER D 197 -42.42 41.72 -38.48
C SER D 197 -41.97 42.77 -39.49
N ASP D 198 -41.25 42.29 -40.51
CA ASP D 198 -40.79 43.15 -41.59
C ASP D 198 -41.95 43.73 -42.39
N ASP D 199 -43.15 43.18 -42.25
CA ASP D 199 -44.34 43.61 -42.97
C ASP D 199 -44.83 44.98 -42.54
N HIS D 200 -44.08 45.70 -41.70
CA HIS D 200 -44.46 47.01 -41.19
C HIS D 200 -45.75 46.97 -40.40
N THR D 201 -46.14 45.79 -39.93
CA THR D 201 -47.36 45.59 -39.18
C THR D 201 -47.03 45.05 -37.80
N ILE D 202 -47.76 45.53 -36.80
CA ILE D 202 -47.65 45.07 -35.43
C ILE D 202 -48.91 44.29 -35.11
N CYS D 203 -48.78 43.00 -34.83
CA CYS D 203 -49.91 42.11 -34.66
C CYS D 203 -50.11 41.81 -33.18
N LEU D 204 -51.32 42.08 -32.69
CA LEU D 204 -51.71 41.74 -31.34
C LEU D 204 -52.64 40.53 -31.40
N TRP D 205 -52.33 39.51 -30.60
CA TRP D 205 -53.10 38.28 -30.59
C TRP D 205 -53.46 37.91 -29.16
N ASP D 206 -54.64 37.35 -29.01
CA ASP D 206 -55.13 36.87 -27.72
C ASP D 206 -55.45 35.39 -27.83
N ILE D 207 -54.73 34.57 -27.06
CA ILE D 207 -54.91 33.12 -27.11
C ILE D 207 -55.71 32.59 -25.94
N SER D 208 -56.14 33.47 -25.02
CA SER D 208 -56.95 33.00 -23.90
C SER D 208 -58.30 32.49 -24.36
N ALA D 209 -58.81 32.98 -25.48
CA ALA D 209 -60.11 32.58 -26.01
C ALA D 209 -60.01 31.51 -27.09
N VAL D 210 -58.81 31.04 -27.40
CA VAL D 210 -58.67 29.98 -28.41
C VAL D 210 -59.30 28.69 -27.88
N PRO D 211 -60.09 27.97 -28.69
CA PRO D 211 -60.67 26.72 -28.21
C PRO D 211 -59.60 25.68 -27.93
N LYS D 212 -60.01 24.63 -27.20
CA LYS D 212 -59.09 23.57 -26.86
C LYS D 212 -58.52 22.89 -28.11
N GLU D 213 -59.37 22.64 -29.09
CA GLU D 213 -58.95 21.98 -30.32
C GLU D 213 -58.56 22.97 -31.41
N GLY D 214 -58.63 24.27 -31.15
CA GLY D 214 -58.25 25.24 -32.15
C GLY D 214 -56.74 25.24 -32.40
N LYS D 215 -56.37 25.56 -33.64
CA LYS D 215 -54.97 25.60 -34.04
C LYS D 215 -54.58 26.89 -34.72
N VAL D 216 -55.48 27.51 -35.48
CA VAL D 216 -55.20 28.74 -36.19
C VAL D 216 -55.80 29.91 -35.42
N VAL D 217 -54.98 30.93 -35.16
CA VAL D 217 -55.40 32.11 -34.42
C VAL D 217 -55.35 33.31 -35.35
N ASP D 218 -56.45 34.04 -35.42
CA ASP D 218 -56.57 35.18 -36.30
C ASP D 218 -55.82 36.39 -35.76
N ALA D 219 -55.75 37.43 -36.58
CA ALA D 219 -55.13 38.70 -36.18
C ALA D 219 -56.13 39.51 -35.39
N LYS D 220 -56.01 39.48 -34.07
CA LYS D 220 -56.92 40.25 -33.22
C LYS D 220 -56.78 41.75 -33.49
N THR D 221 -55.55 42.23 -33.62
CA THR D 221 -55.30 43.65 -33.85
C THR D 221 -54.00 43.80 -34.62
N ILE D 222 -54.01 44.64 -35.66
CA ILE D 222 -52.84 44.92 -36.47
C ILE D 222 -52.58 46.42 -36.44
N PHE D 223 -51.38 46.81 -36.01
CA PHE D 223 -50.96 48.19 -35.99
C PHE D 223 -50.08 48.47 -37.20
N THR D 224 -50.26 49.65 -37.81
CA THR D 224 -49.51 50.02 -39.00
C THR D 224 -48.99 51.44 -38.92
N GLY D 225 -48.83 51.99 -37.71
CA GLY D 225 -48.33 53.35 -37.58
C GLY D 225 -46.89 53.50 -38.05
N HIS D 226 -46.06 52.49 -37.79
CA HIS D 226 -44.67 52.55 -38.21
C HIS D 226 -44.55 52.48 -39.72
N THR D 227 -43.65 53.28 -40.26
CA THR D 227 -43.35 53.30 -41.69
C THR D 227 -42.10 52.51 -42.03
N ALA D 228 -41.49 51.84 -41.05
CA ALA D 228 -40.29 51.06 -41.28
C ALA D 228 -40.45 49.70 -40.61
N VAL D 229 -39.37 48.93 -40.58
CA VAL D 229 -39.43 47.58 -40.05
C VAL D 229 -39.56 47.65 -38.54
N VAL D 230 -40.71 47.24 -38.02
CA VAL D 230 -40.92 47.24 -36.58
C VAL D 230 -39.96 46.24 -35.93
N GLU D 231 -38.96 46.76 -35.22
CA GLU D 231 -37.89 45.93 -34.71
C GLU D 231 -38.33 45.09 -33.52
N ASP D 232 -39.05 45.70 -32.57
CA ASP D 232 -39.42 45.01 -31.35
C ASP D 232 -40.67 45.63 -30.76
N VAL D 233 -41.44 44.81 -30.07
CA VAL D 233 -42.65 45.23 -29.36
C VAL D 233 -42.65 44.55 -28.00
N SER D 234 -43.19 45.26 -27.00
CA SER D 234 -43.18 44.73 -25.65
C SER D 234 -44.30 45.36 -24.83
N TRP D 235 -44.95 44.54 -24.01
CA TRP D 235 -45.95 45.03 -23.08
C TRP D 235 -45.30 45.84 -21.96
N HIS D 236 -46.13 46.63 -21.28
CA HIS D 236 -45.67 47.31 -20.09
C HIS D 236 -45.71 46.37 -18.89
N LEU D 237 -44.68 46.48 -18.04
CA LEU D 237 -44.59 45.61 -16.87
C LEU D 237 -45.75 45.80 -15.90
N LEU D 238 -46.27 47.01 -15.78
CA LEU D 238 -47.36 47.28 -14.86
C LEU D 238 -48.65 47.67 -15.56
N HIS D 239 -48.58 48.45 -16.63
CA HIS D 239 -49.78 48.86 -17.32
C HIS D 239 -50.44 47.68 -18.02
N GLU D 240 -51.75 47.56 -17.85
CA GLU D 240 -52.51 46.46 -18.39
C GLU D 240 -52.92 46.66 -19.84
N SER D 241 -52.76 47.87 -20.38
CA SER D 241 -53.18 48.17 -21.73
C SER D 241 -52.18 48.99 -22.52
N LEU D 242 -51.00 49.26 -21.98
CA LEU D 242 -50.00 50.10 -22.64
C LEU D 242 -48.81 49.27 -23.06
N PHE D 243 -48.25 49.63 -24.22
CA PHE D 243 -47.05 48.97 -24.72
C PHE D 243 -46.35 49.93 -25.68
N GLY D 244 -45.07 49.64 -25.93
CA GLY D 244 -44.28 50.47 -26.82
C GLY D 244 -43.69 49.69 -27.98
N SER D 245 -43.29 50.39 -29.04
CA SER D 245 -42.71 49.76 -30.21
C SER D 245 -41.49 50.54 -30.67
N VAL D 246 -40.50 49.82 -31.19
CA VAL D 246 -39.29 50.40 -31.76
C VAL D 246 -39.09 49.81 -33.16
N ALA D 247 -38.69 50.67 -34.10
CA ALA D 247 -38.55 50.25 -35.49
C ALA D 247 -37.31 50.88 -36.09
N ASP D 248 -37.05 50.54 -37.35
CA ASP D 248 -35.89 51.06 -38.07
C ASP D 248 -36.01 52.54 -38.40
N ASP D 249 -37.19 53.13 -38.20
CA ASP D 249 -37.40 54.54 -38.49
C ASP D 249 -36.98 55.44 -37.34
N GLN D 250 -36.01 55.01 -36.52
CA GLN D 250 -35.54 55.75 -35.35
C GLN D 250 -36.69 56.38 -34.57
N LYS D 251 -37.80 55.64 -34.47
CA LYS D 251 -39.03 56.14 -33.87
C LYS D 251 -39.37 55.35 -32.63
N LEU D 252 -39.70 56.06 -31.56
CA LEU D 252 -40.18 55.48 -30.31
C LEU D 252 -41.68 55.73 -30.24
N MET D 253 -42.47 54.68 -30.48
CA MET D 253 -43.92 54.81 -30.61
C MET D 253 -44.60 54.19 -29.41
N ILE D 254 -45.66 54.84 -28.94
CA ILE D 254 -46.45 54.37 -27.81
C ILE D 254 -47.87 54.14 -28.32
N TRP D 255 -48.40 52.95 -28.06
CA TRP D 255 -49.75 52.58 -28.43
C TRP D 255 -50.56 52.23 -27.20
N ASP D 256 -51.85 52.54 -27.23
CA ASP D 256 -52.79 52.12 -26.22
C ASP D 256 -53.80 51.17 -26.86
N THR D 257 -53.94 49.97 -26.30
CA THR D 257 -54.90 49.02 -26.84
C THR D 257 -56.33 49.51 -26.70
N ARG D 258 -56.59 50.40 -25.73
CA ARG D 258 -57.91 51.00 -25.60
C ARG D 258 -58.21 52.03 -26.69
N SER D 259 -57.18 52.50 -27.41
CA SER D 259 -57.40 53.44 -28.49
C SER D 259 -58.17 52.78 -29.62
N ASN D 260 -59.16 53.50 -30.15
CA ASN D 260 -60.00 52.98 -31.21
C ASN D 260 -59.31 52.89 -32.56
N ASN D 261 -58.15 53.53 -32.70
CA ASN D 261 -57.42 53.55 -33.96
C ASN D 261 -56.15 52.73 -33.81
N THR D 262 -55.99 51.73 -34.67
CA THR D 262 -54.77 50.92 -34.69
C THR D 262 -53.69 51.53 -35.58
N SER D 263 -54.01 52.58 -36.33
CA SER D 263 -53.03 53.26 -37.17
C SER D 263 -52.51 54.55 -36.55
N LYS D 264 -53.35 55.25 -35.78
CA LYS D 264 -52.92 56.47 -35.11
C LYS D 264 -52.30 56.10 -33.78
N PRO D 265 -51.00 56.33 -33.57
CA PRO D 265 -50.39 55.97 -32.30
C PRO D 265 -50.82 56.92 -31.18
N SER D 266 -50.76 56.41 -29.95
CA SER D 266 -51.07 57.25 -28.80
C SER D 266 -50.08 58.41 -28.69
N HIS D 267 -48.79 58.13 -28.93
CA HIS D 267 -47.76 59.15 -28.90
C HIS D 267 -46.66 58.77 -29.88
N SER D 268 -46.07 59.78 -30.50
CA SER D 268 -45.04 59.59 -31.51
C SER D 268 -43.84 60.45 -31.15
N VAL D 269 -42.75 59.82 -30.75
CA VAL D 269 -41.50 60.49 -30.43
C VAL D 269 -40.36 59.77 -31.15
N ASP D 270 -39.49 60.53 -31.80
CA ASP D 270 -38.33 59.94 -32.44
C ASP D 270 -37.39 59.34 -31.40
N ALA D 271 -36.62 58.34 -31.82
CA ALA D 271 -35.74 57.63 -30.90
C ALA D 271 -34.31 58.18 -30.93
N HIS D 272 -33.65 58.09 -32.08
CA HIS D 272 -32.27 58.54 -32.23
C HIS D 272 -32.07 59.05 -33.65
N THR D 273 -30.80 59.22 -34.03
CA THR D 273 -30.44 59.44 -35.41
C THR D 273 -30.22 58.15 -36.17
N ALA D 274 -30.24 57.02 -35.49
CA ALA D 274 -30.08 55.71 -36.10
C ALA D 274 -31.22 54.80 -35.68
N GLU D 275 -31.36 53.69 -36.41
CA GLU D 275 -32.43 52.74 -36.13
C GLU D 275 -32.24 52.14 -34.74
N VAL D 276 -33.35 51.85 -34.09
CA VAL D 276 -33.36 51.24 -32.77
C VAL D 276 -33.78 49.78 -32.90
N ASN D 277 -33.33 48.97 -31.95
CA ASN D 277 -33.53 47.53 -32.01
C ASN D 277 -34.59 47.03 -31.03
N CYS D 278 -34.48 47.37 -29.75
CA CYS D 278 -35.36 46.81 -28.74
C CYS D 278 -35.76 47.89 -27.74
N LEU D 279 -36.52 47.46 -26.74
CA LEU D 279 -36.88 48.33 -25.62
C LEU D 279 -37.06 47.47 -24.39
N SER D 280 -37.03 48.10 -23.22
CA SER D 280 -37.19 47.37 -21.97
C SER D 280 -37.67 48.34 -20.90
N PHE D 281 -38.53 47.83 -20.02
CA PHE D 281 -39.04 48.60 -18.89
C PHE D 281 -38.54 48.02 -17.58
N ASN D 282 -38.60 48.83 -16.54
CA ASN D 282 -38.26 48.36 -15.21
C ASN D 282 -39.29 47.33 -14.74
N PRO D 283 -38.85 46.22 -14.16
CA PRO D 283 -39.80 45.32 -13.49
C PRO D 283 -40.46 45.94 -12.28
N TYR D 284 -39.88 46.99 -11.71
CA TYR D 284 -40.43 47.68 -10.56
C TYR D 284 -41.02 49.03 -10.91
N SER D 285 -40.26 49.86 -11.62
CA SER D 285 -40.76 51.17 -12.04
C SER D 285 -41.68 51.03 -13.24
N GLU D 286 -42.44 52.10 -13.50
CA GLU D 286 -43.37 52.15 -14.61
C GLU D 286 -43.27 53.43 -15.42
N PHE D 287 -42.26 54.27 -15.19
CA PHE D 287 -42.13 55.54 -15.88
C PHE D 287 -40.84 55.66 -16.67
N ILE D 288 -39.98 54.64 -16.67
CA ILE D 288 -38.69 54.69 -17.32
C ILE D 288 -38.53 53.48 -18.21
N LEU D 289 -38.11 53.72 -19.45
CA LEU D 289 -37.89 52.67 -20.43
C LEU D 289 -36.52 52.84 -21.06
N ALA D 290 -35.94 51.73 -21.49
CA ALA D 290 -34.60 51.71 -22.07
C ALA D 290 -34.68 51.22 -23.52
N THR D 291 -34.07 51.98 -24.42
CA THR D 291 -34.02 51.62 -25.83
C THR D 291 -32.59 51.72 -26.34
N GLY D 292 -32.17 50.70 -27.09
CA GLY D 292 -30.85 50.67 -27.70
C GLY D 292 -30.95 51.00 -29.18
N SER D 293 -29.95 51.71 -29.68
CA SER D 293 -29.97 52.21 -31.05
C SER D 293 -28.68 51.78 -31.76
N ALA D 294 -28.66 51.98 -33.07
CA ALA D 294 -27.52 51.65 -33.90
C ALA D 294 -26.41 52.69 -33.82
N ASP D 295 -26.66 53.83 -33.18
CA ASP D 295 -25.69 54.90 -33.08
C ASP D 295 -24.78 54.76 -31.86
N LYS D 296 -24.60 53.52 -31.37
CA LYS D 296 -23.76 53.23 -30.21
C LYS D 296 -24.25 53.92 -28.95
N THR D 297 -25.53 54.30 -28.92
CA THR D 297 -26.10 54.99 -27.78
C THR D 297 -27.32 54.26 -27.27
N VAL D 298 -27.53 54.33 -25.96
CA VAL D 298 -28.74 53.83 -25.33
C VAL D 298 -29.32 55.00 -24.54
N ALA D 299 -30.53 55.40 -24.90
CA ALA D 299 -31.17 56.57 -24.34
C ALA D 299 -32.23 56.18 -23.33
N LEU D 300 -32.19 56.81 -22.16
CA LEU D 300 -33.25 56.65 -21.17
C LEU D 300 -34.35 57.67 -21.43
N TRP D 301 -35.59 57.23 -21.28
CA TRP D 301 -36.75 58.08 -21.51
C TRP D 301 -37.66 58.00 -20.30
N ASP D 302 -37.95 59.15 -19.70
CA ASP D 302 -38.95 59.22 -18.64
C ASP D 302 -40.33 59.25 -19.27
N LEU D 303 -41.22 58.38 -18.80
CA LEU D 303 -42.57 58.35 -19.35
C LEU D 303 -43.36 59.59 -18.97
N ARG D 304 -42.87 60.39 -18.04
CA ARG D 304 -43.48 61.69 -17.76
C ARG D 304 -43.32 62.63 -18.97
N ASN D 305 -42.18 62.58 -19.63
CA ASN D 305 -41.92 63.45 -20.79
C ASN D 305 -41.00 62.70 -21.74
N LEU D 306 -41.54 62.29 -22.89
CA LEU D 306 -40.77 61.59 -23.90
C LEU D 306 -40.01 62.53 -24.83
N LYS D 307 -40.26 63.83 -24.76
CA LYS D 307 -39.58 64.76 -25.66
C LYS D 307 -38.09 64.83 -25.36
N LEU D 308 -37.72 64.75 -24.09
CA LEU D 308 -36.33 64.84 -23.66
C LEU D 308 -35.89 63.50 -23.08
N LYS D 309 -34.77 63.00 -23.56
CA LYS D 309 -34.25 61.72 -23.08
C LYS D 309 -33.73 61.87 -21.65
N LEU D 310 -34.11 60.94 -20.79
CA LEU D 310 -33.63 60.98 -19.41
C LEU D 310 -32.11 60.88 -19.36
N HIS D 311 -31.55 59.96 -20.13
CA HIS D 311 -30.10 59.83 -20.22
C HIS D 311 -29.74 58.91 -21.38
N SER D 312 -28.78 59.35 -22.19
CA SER D 312 -28.32 58.60 -23.36
C SER D 312 -26.92 58.09 -23.05
N PHE D 313 -26.85 56.86 -22.55
CA PHE D 313 -25.56 56.26 -22.22
C PHE D 313 -24.80 55.89 -23.49
N GLU D 314 -23.47 56.01 -23.42
CA GLU D 314 -22.60 55.77 -24.57
C GLU D 314 -21.39 54.98 -24.11
N SER D 315 -21.35 53.69 -24.46
CA SER D 315 -20.16 52.89 -24.21
C SER D 315 -19.82 51.94 -25.35
N HIS D 316 -20.74 51.65 -26.27
CA HIS D 316 -20.45 50.72 -27.35
C HIS D 316 -19.85 51.44 -28.54
N LYS D 317 -19.28 50.64 -29.44
CA LYS D 317 -18.66 51.12 -30.66
C LYS D 317 -19.49 50.78 -31.90
N ASP D 318 -20.69 50.25 -31.71
CA ASP D 318 -21.50 49.79 -32.83
C ASP D 318 -22.95 49.75 -32.40
N GLU D 319 -23.78 49.10 -33.23
CA GLU D 319 -25.20 48.95 -32.92
C GLU D 319 -25.40 48.08 -31.69
N ILE D 320 -26.37 48.45 -30.87
CA ILE D 320 -26.76 47.69 -29.69
C ILE D 320 -28.07 46.96 -29.99
N PHE D 321 -28.11 45.68 -29.68
CA PHE D 321 -29.20 44.80 -30.09
C PHE D 321 -30.23 44.58 -29.01
N GLN D 322 -29.85 44.11 -27.83
CA GLN D 322 -30.80 43.71 -26.80
C GLN D 322 -30.48 44.45 -25.50
N VAL D 323 -31.53 44.96 -24.85
CA VAL D 323 -31.43 45.72 -23.60
C VAL D 323 -32.42 45.12 -22.62
N GLN D 324 -31.97 44.87 -21.38
CA GLN D 324 -32.85 44.25 -20.40
C GLN D 324 -32.60 44.76 -18.99
N TRP D 325 -33.69 44.90 -18.25
CA TRP D 325 -33.66 45.39 -16.88
C TRP D 325 -33.56 44.24 -15.88
N SER D 326 -33.52 44.58 -14.57
CA SER D 326 -33.23 43.62 -13.53
C SER D 326 -34.39 43.36 -12.59
N PRO D 327 -34.94 42.14 -12.57
CA PRO D 327 -35.91 41.74 -11.54
C PRO D 327 -35.39 41.80 -10.13
N HIS D 328 -34.07 41.85 -9.97
CA HIS D 328 -33.52 41.97 -8.62
C HIS D 328 -33.31 43.43 -8.25
N ASN D 329 -32.75 44.20 -9.17
CA ASN D 329 -32.36 45.57 -8.88
C ASN D 329 -33.04 46.50 -9.86
N GLU D 330 -33.75 47.50 -9.32
CA GLU D 330 -34.53 48.37 -10.18
C GLU D 330 -33.65 49.23 -11.08
N THR D 331 -32.53 49.72 -10.54
CA THR D 331 -31.69 50.69 -11.23
C THR D 331 -30.47 50.04 -11.90
N ILE D 332 -30.60 48.82 -12.42
CA ILE D 332 -29.50 48.09 -13.04
C ILE D 332 -29.89 47.66 -14.45
N LEU D 333 -29.04 47.98 -15.42
CA LEU D 333 -29.34 47.76 -16.82
C LEU D 333 -28.06 47.32 -17.52
N ALA D 334 -28.17 46.39 -18.46
CA ALA D 334 -27.04 46.09 -19.33
C ALA D 334 -27.55 45.88 -20.75
N SER D 335 -26.62 46.00 -21.71
CA SER D 335 -26.93 45.87 -23.11
C SER D 335 -25.75 45.22 -23.81
N SER D 336 -26.06 44.46 -24.87
CA SER D 336 -25.10 43.77 -25.70
C SER D 336 -25.48 44.01 -27.16
N GLY D 337 -24.46 44.03 -28.02
CA GLY D 337 -24.67 44.22 -29.44
C GLY D 337 -23.61 43.48 -30.24
N THR D 338 -23.23 44.02 -31.40
CA THR D 338 -22.24 43.36 -32.24
C THR D 338 -20.82 43.49 -31.71
N ASP D 339 -20.58 44.31 -30.69
CA ASP D 339 -19.27 44.46 -30.07
C ASP D 339 -18.83 43.23 -29.30
N ARG D 340 -19.70 42.23 -29.17
CA ARG D 340 -19.46 41.04 -28.36
C ARG D 340 -19.23 41.38 -26.89
N ARG D 341 -19.58 42.59 -26.47
CA ARG D 341 -19.34 43.08 -25.12
C ARG D 341 -20.67 43.34 -24.43
N LEU D 342 -20.80 42.83 -23.21
CA LEU D 342 -21.99 43.05 -22.41
C LEU D 342 -21.65 44.01 -21.29
N ASN D 343 -22.37 45.12 -21.22
CA ASN D 343 -21.97 46.22 -20.37
C ASN D 343 -23.03 46.44 -19.32
N VAL D 344 -22.64 46.37 -18.05
CA VAL D 344 -23.55 46.50 -16.92
C VAL D 344 -23.56 47.95 -16.46
N TRP D 345 -24.76 48.51 -16.37
CA TRP D 345 -24.92 49.95 -16.19
C TRP D 345 -25.80 50.21 -14.96
N ASP D 346 -25.34 51.12 -14.12
CA ASP D 346 -26.02 51.45 -12.87
C ASP D 346 -26.52 52.89 -12.91
N LEU D 347 -27.67 53.13 -12.27
CA LEU D 347 -28.24 54.46 -12.18
C LEU D 347 -27.81 55.20 -10.91
N SER D 348 -27.14 54.53 -9.98
CA SER D 348 -26.67 55.20 -8.77
C SER D 348 -25.37 55.96 -9.00
N LYS D 349 -24.67 55.70 -10.09
CA LYS D 349 -23.42 56.38 -10.42
C LYS D 349 -23.62 57.47 -11.45
N ILE D 350 -24.87 57.84 -11.73
CA ILE D 350 -25.14 58.88 -12.72
C ILE D 350 -24.77 60.23 -12.14
N GLY D 351 -24.02 61.01 -12.91
CA GLY D 351 -23.56 62.31 -12.44
C GLY D 351 -22.59 62.23 -11.30
N GLU D 352 -21.67 61.26 -11.32
CA GLU D 352 -20.66 61.09 -10.29
C GLU D 352 -19.29 61.40 -10.87
N GLU D 353 -18.56 62.28 -10.19
CA GLU D 353 -17.22 62.63 -10.65
C GLU D 353 -16.27 61.46 -10.51
N GLN D 354 -15.42 61.28 -11.51
CA GLN D 354 -14.45 60.19 -11.51
C GLN D 354 -13.12 60.69 -12.07
N SER D 355 -12.05 60.03 -11.66
CA SER D 355 -10.74 60.35 -12.17
C SER D 355 -10.63 59.94 -13.64
N PRO D 356 -9.82 60.66 -14.42
CA PRO D 356 -9.62 60.24 -15.82
C PRO D 356 -9.05 58.84 -15.94
N GLU D 357 -8.24 58.40 -14.97
CA GLU D 357 -7.72 57.04 -14.97
C GLU D 357 -8.85 56.02 -14.99
N ASP D 358 -10.00 56.38 -14.43
CA ASP D 358 -11.20 55.56 -14.52
C ASP D 358 -12.11 56.00 -15.67
N ALA D 359 -11.66 56.96 -16.48
CA ALA D 359 -12.50 57.53 -17.52
C ALA D 359 -11.97 57.34 -18.93
N GLU D 360 -10.75 56.80 -19.12
CA GLU D 360 -10.30 56.54 -20.48
C GLU D 360 -11.23 55.57 -21.19
N ASP D 361 -11.69 54.53 -20.47
CA ASP D 361 -12.58 53.55 -21.07
C ASP D 361 -13.89 54.16 -21.53
N GLY D 362 -14.48 55.03 -20.71
CA GLY D 362 -15.75 55.62 -21.03
C GLY D 362 -16.36 56.33 -19.83
N PRO D 363 -17.65 56.64 -19.93
CA PRO D 363 -18.33 57.37 -18.86
C PRO D 363 -18.44 56.51 -17.60
N PRO D 364 -18.49 57.13 -16.43
CA PRO D 364 -18.70 56.36 -15.19
C PRO D 364 -20.07 55.72 -15.09
N GLU D 365 -20.97 56.01 -16.03
CA GLU D 365 -22.27 55.35 -16.05
C GLU D 365 -22.12 53.84 -16.08
N LEU D 366 -21.12 53.36 -16.81
CA LEU D 366 -20.85 51.93 -16.87
C LEU D 366 -20.29 51.43 -15.54
N LEU D 367 -20.62 50.19 -15.22
CA LEU D 367 -20.06 49.50 -14.06
C LEU D 367 -19.27 48.27 -14.42
N PHE D 368 -19.66 47.55 -15.47
CA PHE D 368 -19.01 46.29 -15.81
C PHE D 368 -19.11 46.07 -17.31
N ILE D 369 -18.15 45.30 -17.84
CA ILE D 369 -18.13 44.90 -19.24
C ILE D 369 -17.88 43.40 -19.30
N HIS D 370 -18.69 42.70 -20.10
CA HIS D 370 -18.46 41.29 -20.36
C HIS D 370 -18.10 41.12 -21.83
N GLY D 371 -16.83 40.79 -22.08
CA GLY D 371 -16.37 40.54 -23.43
C GLY D 371 -15.85 39.13 -23.62
N GLY D 372 -16.53 38.16 -23.03
CA GLY D 372 -16.16 36.77 -23.15
C GLY D 372 -16.72 36.08 -24.38
N HIS D 373 -17.18 36.83 -25.35
CA HIS D 373 -17.87 36.29 -26.52
C HIS D 373 -16.93 36.23 -27.71
N THR D 374 -16.73 35.02 -28.24
CA THR D 374 -16.01 34.89 -29.50
C THR D 374 -16.78 35.56 -30.64
N ALA D 375 -18.09 35.40 -30.65
CA ALA D 375 -18.95 35.96 -31.68
C ALA D 375 -19.89 36.98 -31.05
N LYS D 376 -20.71 37.60 -31.90
CA LYS D 376 -21.67 38.59 -31.43
C LYS D 376 -22.65 37.96 -30.45
N ILE D 377 -22.94 38.69 -29.38
CA ILE D 377 -23.82 38.19 -28.33
C ILE D 377 -25.23 38.10 -28.89
N SER D 378 -25.74 36.87 -29.04
CA SER D 378 -27.05 36.68 -29.65
C SER D 378 -28.18 37.11 -28.71
N ASP D 379 -28.14 36.67 -27.46
CA ASP D 379 -29.25 36.94 -26.55
C ASP D 379 -28.82 36.77 -25.10
N PHE D 380 -29.51 37.47 -24.20
CA PHE D 380 -29.27 37.34 -22.76
C PHE D 380 -30.56 37.52 -21.97
N SER D 381 -30.51 37.08 -20.72
CA SER D 381 -31.66 37.11 -19.82
C SER D 381 -31.15 37.13 -18.39
N TRP D 382 -31.85 37.84 -17.50
CA TRP D 382 -31.35 37.98 -16.15
C TRP D 382 -32.15 37.12 -15.19
N ASN D 383 -31.45 36.36 -14.36
CA ASN D 383 -32.08 35.33 -13.56
C ASN D 383 -32.97 35.98 -12.51
N PRO D 384 -34.29 35.75 -12.56
CA PRO D 384 -35.17 36.37 -11.57
C PRO D 384 -34.97 35.84 -10.18
N ASN D 385 -34.54 34.59 -10.03
CA ASN D 385 -34.30 34.00 -8.73
C ASN D 385 -32.88 34.30 -8.24
N GLU D 386 -31.90 33.93 -9.02
CA GLU D 386 -30.56 34.24 -8.57
C GLU D 386 -30.14 35.61 -9.09
N PRO D 387 -29.72 36.51 -8.19
CA PRO D 387 -29.31 37.84 -8.64
C PRO D 387 -27.95 37.81 -9.32
N TRP D 388 -27.75 38.78 -10.22
CA TRP D 388 -26.52 38.99 -10.96
C TRP D 388 -26.17 37.79 -11.84
N VAL D 389 -27.08 36.84 -12.00
CA VAL D 389 -26.81 35.60 -12.71
C VAL D 389 -27.37 35.72 -14.11
N ILE D 390 -26.50 35.60 -15.11
CA ILE D 390 -26.87 35.88 -16.49
C ILE D 390 -26.30 34.81 -17.38
N CYS D 391 -27.09 34.37 -18.34
CA CYS D 391 -26.62 33.57 -19.45
C CYS D 391 -26.64 34.42 -20.72
N SER D 392 -25.57 34.35 -21.49
CA SER D 392 -25.48 34.98 -22.81
C SER D 392 -24.97 33.97 -23.82
N VAL D 393 -25.38 34.16 -25.08
CA VAL D 393 -25.03 33.27 -26.17
C VAL D 393 -24.41 34.09 -27.30
N SER D 394 -23.28 33.62 -27.80
CA SER D 394 -22.65 34.19 -28.98
C SER D 394 -23.09 33.39 -30.20
N GLU D 395 -22.82 33.94 -31.38
CA GLU D 395 -23.25 33.30 -32.62
C GLU D 395 -22.54 31.97 -32.85
N ASP D 396 -21.38 31.76 -32.23
CA ASP D 396 -20.63 30.51 -32.43
C ASP D 396 -21.10 29.41 -31.48
N ASN D 397 -22.43 29.21 -31.42
CA ASN D 397 -23.06 28.24 -30.53
C ASN D 397 -22.36 28.18 -29.18
N ILE D 398 -21.97 29.34 -28.65
CA ILE D 398 -21.26 29.42 -27.38
C ILE D 398 -22.23 29.95 -26.36
N MET D 399 -22.46 29.17 -25.30
CA MET D 399 -23.39 29.57 -24.26
C MET D 399 -22.68 29.45 -22.92
N GLN D 400 -22.53 30.58 -22.25
CA GLN D 400 -21.94 30.63 -20.93
C GLN D 400 -22.97 31.15 -19.94
N VAL D 401 -22.87 30.67 -18.71
CA VAL D 401 -23.62 31.21 -17.60
C VAL D 401 -22.59 31.83 -16.66
N TRP D 402 -22.77 33.09 -16.34
CA TRP D 402 -21.73 33.84 -15.68
C TRP D 402 -22.30 34.74 -14.59
N GLN D 403 -21.43 35.11 -13.66
CA GLN D 403 -21.76 36.09 -12.64
C GLN D 403 -20.48 36.78 -12.21
N MET D 404 -20.51 38.11 -12.17
CA MET D 404 -19.33 38.92 -11.96
C MET D 404 -18.82 38.81 -10.53
N ALA D 405 -17.80 39.60 -10.23
CA ALA D 405 -17.36 39.75 -8.86
C ALA D 405 -18.41 40.48 -8.03
N GLU D 406 -18.62 39.98 -6.80
CA GLU D 406 -19.63 40.58 -5.93
C GLU D 406 -19.27 41.99 -5.50
N ASN D 407 -17.98 42.28 -5.34
CA ASN D 407 -17.52 43.57 -4.86
C ASN D 407 -17.71 44.68 -5.88
N ILE D 408 -17.96 44.34 -7.15
CA ILE D 408 -18.14 45.36 -8.17
C ILE D 408 -19.50 46.05 -8.06
N TYR D 409 -20.46 45.44 -7.37
CA TYR D 409 -21.75 46.06 -7.13
C TYR D 409 -22.08 46.23 -5.66
N ASN D 410 -21.46 45.44 -4.79
CA ASN D 410 -21.71 45.54 -3.35
C ASN D 410 -20.63 46.33 -2.61
N ASP D 411 -19.47 46.52 -3.23
CA ASP D 411 -18.38 47.30 -2.65
C ASP D 411 -17.98 46.79 -1.27
N MET E 1 -32.82 22.08 34.21
CA MET E 1 -32.47 21.02 33.26
C MET E 1 -32.50 21.57 31.83
N LYS E 2 -31.33 21.62 31.20
CA LYS E 2 -31.24 22.06 29.82
C LYS E 2 -30.40 21.06 29.05
N VAL E 3 -30.82 20.78 27.82
CA VAL E 3 -30.21 19.78 26.97
C VAL E 3 -29.40 20.49 25.90
N ILE E 4 -28.14 20.10 25.76
CA ILE E 4 -27.23 20.72 24.80
C ILE E 4 -26.72 19.64 23.87
N THR E 5 -27.11 19.71 22.60
CA THR E 5 -26.51 18.87 21.58
C THR E 5 -25.10 19.35 21.27
N CYS E 6 -24.16 18.42 21.28
CA CYS E 6 -22.74 18.74 21.10
C CYS E 6 -22.41 18.67 19.62
N GLU E 7 -22.26 19.84 19.00
CA GLU E 7 -21.97 19.94 17.58
C GLU E 7 -20.48 19.89 17.28
N ILE E 8 -19.66 19.82 18.31
CA ILE E 8 -18.21 19.94 18.18
C ILE E 8 -17.65 18.66 17.59
N ALA E 9 -16.45 18.77 17.04
CA ALA E 9 -15.78 17.60 16.48
C ALA E 9 -15.31 16.68 17.60
N TRP E 10 -16.00 15.57 17.77
CA TRP E 10 -15.66 14.62 18.83
C TRP E 10 -14.53 13.71 18.40
N HIS E 11 -14.79 12.88 17.40
CA HIS E 11 -13.82 11.98 16.81
C HIS E 11 -13.78 12.17 15.31
N ASN E 12 -13.78 13.43 14.90
CA ASN E 12 -13.78 13.82 13.49
C ASN E 12 -14.81 13.02 12.70
N LYS E 13 -16.01 12.94 13.28
CA LYS E 13 -17.26 12.39 12.78
C LYS E 13 -17.40 10.88 12.93
N GLU E 14 -16.37 10.18 13.42
CA GLU E 14 -16.57 8.78 13.75
C GLU E 14 -17.45 8.62 14.98
N PRO E 15 -18.31 7.61 14.98
CA PRO E 15 -19.30 7.48 16.06
C PRO E 15 -18.64 7.22 17.41
N VAL E 16 -19.33 7.64 18.46
CA VAL E 16 -18.89 7.44 19.84
C VAL E 16 -19.57 6.19 20.37
N TYR E 17 -18.91 5.51 21.30
CA TYR E 17 -19.39 4.25 21.87
C TYR E 17 -19.32 4.20 23.39
N SER E 18 -18.39 4.91 24.00
CA SER E 18 -18.28 4.87 25.44
C SER E 18 -17.68 6.17 25.96
N LEU E 19 -18.01 6.49 27.21
CA LEU E 19 -17.62 7.74 27.82
C LEU E 19 -17.72 7.61 29.33
N ASP E 20 -16.88 8.36 30.04
CA ASP E 20 -16.84 8.27 31.49
C ASP E 20 -16.35 9.58 32.09
N PHE E 21 -16.88 9.88 33.28
CA PHE E 21 -16.52 11.05 34.08
C PHE E 21 -15.41 10.69 35.05
N GLN E 22 -14.98 11.69 35.82
CA GLN E 22 -13.97 11.49 36.85
C GLN E 22 -14.63 11.40 38.21
N HIS E 23 -14.66 10.19 38.77
CA HIS E 23 -15.29 9.99 40.08
C HIS E 23 -14.42 10.49 41.22
N GLY E 24 -13.10 10.50 41.05
CA GLY E 24 -12.21 10.85 42.14
C GLY E 24 -12.40 12.27 42.64
N THR E 25 -12.52 13.21 41.71
CA THR E 25 -12.68 14.61 42.10
C THR E 25 -14.16 14.97 42.12
N ALA E 26 -14.62 15.54 43.22
CA ALA E 26 -15.97 16.04 43.35
C ALA E 26 -16.09 17.50 42.94
N GLY E 27 -15.01 18.11 42.46
CA GLY E 27 -15.07 19.49 42.04
C GLY E 27 -15.96 19.68 40.82
N ARG E 28 -16.40 20.92 40.64
CA ARG E 28 -17.28 21.25 39.52
C ARG E 28 -16.63 20.89 38.19
N ILE E 29 -15.30 20.98 38.12
CA ILE E 29 -14.58 20.66 36.89
C ILE E 29 -14.53 19.15 36.72
N HIS E 30 -14.57 18.69 35.47
CA HIS E 30 -14.61 17.26 35.17
C HIS E 30 -13.72 16.93 33.98
N ARG E 31 -13.16 15.72 33.99
CA ARG E 31 -12.32 15.20 32.93
C ARG E 31 -13.06 14.05 32.26
N LEU E 32 -13.23 14.14 30.95
CA LEU E 32 -14.12 13.24 30.24
C LEU E 32 -13.36 12.53 29.13
N ALA E 33 -13.55 11.22 29.03
CA ALA E 33 -12.92 10.40 28.01
C ALA E 33 -14.00 9.78 27.14
N SER E 34 -13.62 9.44 25.91
CA SER E 34 -14.59 9.00 24.90
C SER E 34 -14.00 7.88 24.06
N ALA E 35 -14.90 7.07 23.49
CA ALA E 35 -14.54 5.89 22.70
C ALA E 35 -15.10 5.99 21.29
N GLY E 36 -14.24 5.81 20.28
CA GLY E 36 -14.64 5.86 18.89
C GLY E 36 -13.81 4.91 18.04
N VAL E 37 -14.25 4.73 16.79
CA VAL E 37 -13.53 3.84 15.88
C VAL E 37 -12.32 4.49 15.21
N ASP E 38 -12.03 5.75 15.52
CA ASP E 38 -10.81 6.36 15.04
C ASP E 38 -9.57 5.80 15.71
N THR E 39 -9.76 4.76 16.54
CA THR E 39 -8.69 4.22 17.37
C THR E 39 -8.04 5.31 18.22
N ASN E 40 -8.81 6.36 18.52
CA ASN E 40 -8.31 7.51 19.25
C ASN E 40 -9.14 7.73 20.50
N VAL E 41 -8.46 7.78 21.64
CA VAL E 41 -9.10 8.09 22.91
C VAL E 41 -8.80 9.55 23.22
N ARG E 42 -9.85 10.35 23.31
CA ARG E 42 -9.74 11.80 23.45
C ARG E 42 -10.24 12.20 24.82
N ILE E 43 -9.41 12.88 25.59
CA ILE E 43 -9.79 13.39 26.90
C ILE E 43 -10.32 14.79 26.71
N TRP E 44 -11.45 15.09 27.33
CA TRP E 44 -12.06 16.41 27.20
C TRP E 44 -12.35 16.98 28.58
N LYS E 45 -12.20 18.28 28.69
CA LYS E 45 -12.50 19.01 29.91
C LYS E 45 -13.86 19.67 29.73
N VAL E 46 -14.75 19.49 30.71
CA VAL E 46 -16.08 20.06 30.65
C VAL E 46 -16.37 20.78 31.96
N GLU E 47 -17.16 21.84 31.86
CA GLU E 47 -17.69 22.54 33.03
C GLU E 47 -18.83 23.43 32.56
N LYS E 48 -19.63 23.89 33.50
CA LYS E 48 -20.69 24.82 33.19
C LYS E 48 -20.11 26.16 32.77
N GLY E 49 -20.67 26.73 31.71
CA GLY E 49 -20.25 28.04 31.28
C GLY E 49 -20.84 29.13 32.15
N PRO E 50 -20.52 30.39 31.86
CA PRO E 50 -21.15 31.49 32.61
C PRO E 50 -22.66 31.50 32.46
N ASP E 51 -23.18 31.00 31.35
CA ASP E 51 -24.60 30.85 31.14
C ASP E 51 -25.13 29.52 31.66
N GLY E 52 -24.29 28.74 32.33
CA GLY E 52 -24.67 27.42 32.79
C GLY E 52 -24.57 26.34 31.75
N LYS E 53 -24.19 26.68 30.52
CA LYS E 53 -24.08 25.68 29.47
C LYS E 53 -22.84 24.82 29.69
N ALA E 54 -23.01 23.52 29.45
CA ALA E 54 -21.93 22.56 29.58
C ALA E 54 -21.02 22.73 28.36
N ILE E 55 -19.98 23.54 28.50
CA ILE E 55 -19.02 23.76 27.44
C ILE E 55 -17.82 22.84 27.68
N VAL E 56 -17.25 22.33 26.60
CA VAL E 56 -16.23 21.29 26.65
C VAL E 56 -14.99 21.76 25.91
N GLU E 57 -13.84 21.20 26.28
CA GLU E 57 -12.58 21.48 25.60
C GLU E 57 -11.71 20.23 25.63
N PHE E 58 -10.93 20.05 24.56
CA PHE E 58 -10.05 18.90 24.46
C PHE E 58 -8.97 18.94 25.53
N LEU E 59 -8.52 17.77 25.94
CA LEU E 59 -7.45 17.68 26.94
C LEU E 59 -6.25 16.90 26.44
N SER E 60 -6.44 15.66 25.99
CA SER E 60 -5.34 14.83 25.51
C SER E 60 -5.92 13.74 24.63
N ASN E 61 -5.04 13.11 23.84
CA ASN E 61 -5.45 12.07 22.91
C ASN E 61 -4.61 10.82 23.12
N LEU E 62 -5.21 9.68 22.85
CA LEU E 62 -4.55 8.39 22.84
C LEU E 62 -4.70 7.78 21.47
N ALA E 63 -3.60 7.35 20.86
CA ALA E 63 -3.66 6.81 19.52
C ALA E 63 -2.96 5.47 19.39
N ARG E 64 -2.62 4.83 20.51
CA ARG E 64 -1.93 3.54 20.44
C ARG E 64 -2.80 2.47 19.81
N HIS E 65 -4.11 2.62 19.89
CA HIS E 65 -5.02 1.60 19.41
C HIS E 65 -4.77 1.29 17.94
N THR E 66 -4.44 0.03 17.67
CA THR E 66 -4.41 -0.43 16.29
C THR E 66 -5.82 -0.61 15.75
N LYS E 67 -6.80 -0.71 16.64
CA LYS E 67 -8.17 -0.97 16.26
C LYS E 67 -9.13 -0.09 17.04
N ALA E 68 -10.40 -0.15 16.63
CA ALA E 68 -11.44 0.67 17.23
C ALA E 68 -11.69 0.25 18.67
N VAL E 69 -12.11 1.21 19.48
CA VAL E 69 -12.43 0.98 20.87
C VAL E 69 -13.94 0.99 21.03
N ASN E 70 -14.42 0.29 22.06
CA ASN E 70 -15.86 0.15 22.27
C ASN E 70 -16.32 0.64 23.63
N VAL E 71 -15.57 0.35 24.69
CA VAL E 71 -15.99 0.68 26.05
C VAL E 71 -14.82 1.34 26.77
N VAL E 72 -15.12 2.40 27.52
CA VAL E 72 -14.13 3.22 28.20
C VAL E 72 -14.70 3.60 29.57
N ARG E 73 -14.04 3.17 30.64
CA ARG E 73 -14.50 3.47 31.98
C ARG E 73 -13.32 3.70 32.91
N PHE E 74 -13.39 4.78 33.69
CA PHE E 74 -12.38 5.10 34.68
C PHE E 74 -12.52 4.19 35.89
N SER E 75 -11.51 4.22 36.74
CA SER E 75 -11.61 3.60 38.03
C SER E 75 -12.61 4.35 38.89
N PRO E 76 -13.17 3.71 39.91
CA PRO E 76 -13.91 4.48 40.91
C PRO E 76 -13.07 5.58 41.51
N THR E 77 -11.77 5.30 41.68
CA THR E 77 -10.84 6.36 42.04
C THR E 77 -10.70 7.39 40.94
N GLY E 78 -10.82 6.95 39.69
CA GLY E 78 -10.71 7.84 38.55
C GLY E 78 -9.29 8.19 38.17
N GLU E 79 -8.30 7.88 39.01
CA GLU E 79 -6.92 8.16 38.68
C GLU E 79 -6.38 7.28 37.57
N ILE E 80 -6.93 6.07 37.42
CA ILE E 80 -6.49 5.12 36.42
C ILE E 80 -7.68 4.74 35.55
N LEU E 81 -7.47 4.70 34.25
CA LEU E 81 -8.53 4.50 33.27
C LEU E 81 -8.32 3.18 32.52
N ALA E 82 -9.41 2.49 32.26
CA ALA E 82 -9.39 1.24 31.50
C ALA E 82 -9.79 1.54 30.06
N SER E 83 -8.99 1.03 29.12
CA SER E 83 -9.18 1.29 27.69
C SER E 83 -9.29 -0.02 26.94
N GLY E 84 -10.38 -0.20 26.19
CA GLY E 84 -10.62 -1.43 25.46
C GLY E 84 -10.96 -1.26 24.00
N GLY E 85 -10.17 -1.88 23.12
CA GLY E 85 -10.39 -1.79 21.69
C GLY E 85 -10.65 -3.14 21.03
N ASP E 86 -10.91 -3.08 19.73
CA ASP E 86 -11.10 -4.27 18.90
C ASP E 86 -9.83 -5.10 18.83
N ASP E 87 -8.67 -4.50 19.04
CA ASP E 87 -7.41 -5.19 18.94
C ASP E 87 -7.23 -6.23 20.04
N ALA E 88 -8.30 -6.55 20.76
CA ALA E 88 -8.33 -7.67 21.69
C ALA E 88 -7.34 -7.50 22.84
N VAL E 89 -7.11 -6.25 23.25
CA VAL E 89 -6.21 -5.97 24.36
C VAL E 89 -6.76 -4.77 25.13
N ILE E 90 -6.50 -4.78 26.44
CA ILE E 90 -6.95 -3.73 27.34
C ILE E 90 -5.73 -3.19 28.07
N LEU E 91 -5.49 -1.89 27.92
CA LEU E 91 -4.40 -1.22 28.60
C LEU E 91 -4.94 -0.28 29.67
N LEU E 92 -4.18 -0.12 30.74
CA LEU E 92 -4.52 0.78 31.84
C LEU E 92 -3.60 1.99 31.75
N TRP E 93 -4.16 3.17 31.99
CA TRP E 93 -3.43 4.41 31.84
C TRP E 93 -3.47 5.24 33.11
N LYS E 94 -2.43 6.06 33.28
CA LYS E 94 -2.40 7.06 34.31
C LYS E 94 -1.76 8.32 33.74
N VAL E 95 -2.26 9.47 34.18
CA VAL E 95 -1.65 10.74 33.77
C VAL E 95 -0.23 10.79 34.31
N ASN E 96 0.68 11.34 33.51
CA ASN E 96 2.09 11.39 33.86
C ASN E 96 2.49 12.83 34.15
N ASP E 97 3.28 13.01 35.20
CA ASP E 97 3.79 14.32 35.57
C ASP E 97 5.21 14.52 35.05
N ALA E 112 2.60 16.37 21.17
CA ALA E 112 2.28 17.05 22.42
C ALA E 112 1.75 18.45 22.15
N GLN E 113 1.75 18.84 20.88
CA GLN E 113 1.25 20.16 20.51
C GLN E 113 -0.24 20.29 20.82
N LEU E 114 -1.00 19.23 20.57
CA LEU E 114 -2.45 19.24 20.81
C LEU E 114 -2.85 18.52 22.09
N ASN E 115 -1.91 17.94 22.82
CA ASN E 115 -2.19 17.29 24.09
C ASN E 115 -1.61 18.13 25.22
N LYS E 116 -2.49 18.65 26.07
CA LYS E 116 -2.02 19.45 27.21
C LYS E 116 -1.31 18.56 28.22
N GLU E 117 -1.77 17.31 28.35
CA GLU E 117 -1.16 16.36 29.28
C GLU E 117 -0.89 15.06 28.54
N ASN E 118 0.05 14.31 29.06
CA ASN E 118 0.37 12.99 28.54
C ASN E 118 -0.23 11.92 29.44
N TRP E 119 -0.89 10.95 28.83
CA TRP E 119 -1.45 9.81 29.56
C TRP E 119 -0.74 8.56 29.08
N THR E 120 -0.23 7.78 30.02
CA THR E 120 0.64 6.66 29.71
C THR E 120 0.00 5.36 30.13
N VAL E 121 0.21 4.33 29.31
CA VAL E 121 -0.20 2.98 29.68
C VAL E 121 0.49 2.59 30.97
N VAL E 122 -0.26 1.96 31.87
CA VAL E 122 0.27 1.48 33.14
C VAL E 122 0.29 -0.04 33.18
N LYS E 123 -0.79 -0.69 32.77
CA LYS E 123 -0.88 -2.14 32.73
C LYS E 123 -1.23 -2.60 31.32
N THR E 124 -0.86 -3.84 31.03
CA THR E 124 -1.11 -4.48 29.74
C THR E 124 -1.89 -5.75 30.00
N LEU E 125 -3.22 -5.68 29.88
CA LEU E 125 -4.09 -6.80 30.19
C LEU E 125 -4.70 -7.39 28.92
N ARG E 126 -4.55 -8.69 28.75
CA ARG E 126 -5.19 -9.46 27.72
C ARG E 126 -5.94 -10.62 28.37
N GLY E 127 -6.63 -11.41 27.54
CA GLY E 127 -7.45 -12.49 28.04
C GLY E 127 -8.73 -12.65 27.25
N HIS E 128 -9.26 -11.56 26.72
CA HIS E 128 -10.17 -11.64 25.59
C HIS E 128 -9.40 -11.41 24.30
N LEU E 129 -9.33 -12.45 23.48
CA LEU E 129 -8.60 -12.38 22.23
C LEU E 129 -9.51 -12.00 21.07
N GLU E 130 -10.53 -11.16 21.33
CA GLU E 130 -11.47 -10.74 20.32
C GLU E 130 -11.82 -9.28 20.55
N ASP E 131 -12.74 -8.72 19.76
CA ASP E 131 -13.26 -7.39 20.07
C ASP E 131 -13.96 -7.38 21.42
N VAL E 132 -13.80 -6.29 22.14
CA VAL E 132 -14.33 -6.13 23.49
C VAL E 132 -15.55 -5.23 23.45
N TYR E 133 -16.62 -5.65 24.13
CA TYR E 133 -17.81 -4.82 24.27
C TYR E 133 -17.87 -4.04 25.56
N ASP E 134 -17.63 -4.67 26.71
CA ASP E 134 -17.89 -4.02 27.99
C ASP E 134 -16.73 -4.25 28.94
N ILE E 135 -16.55 -3.31 29.86
CA ILE E 135 -15.58 -3.41 30.93
C ILE E 135 -16.28 -2.98 32.21
N CYS E 136 -15.86 -3.54 33.33
CA CYS E 136 -16.38 -3.12 34.62
C CYS E 136 -15.27 -3.07 35.65
N TRP E 137 -15.33 -2.03 36.47
CA TRP E 137 -14.43 -1.87 37.60
C TRP E 137 -15.07 -2.45 38.85
N ALA E 138 -14.23 -2.82 39.80
CA ALA E 138 -14.73 -3.29 41.07
C ALA E 138 -15.23 -2.12 41.91
N THR E 139 -15.75 -2.43 43.09
CA THR E 139 -16.15 -1.39 44.02
C THR E 139 -14.94 -0.62 44.55
N ASP E 140 -13.74 -1.15 44.36
CA ASP E 140 -12.52 -0.48 44.79
C ASP E 140 -11.58 -0.11 43.65
N GLY E 141 -11.82 -0.61 42.44
CA GLY E 141 -10.92 -0.35 41.33
C GLY E 141 -9.74 -1.29 41.24
N ASN E 142 -9.65 -2.30 42.11
CA ASN E 142 -8.54 -3.25 42.06
C ASN E 142 -8.92 -4.57 41.39
N LEU E 143 -10.20 -4.86 41.27
CA LEU E 143 -10.66 -6.00 40.49
C LEU E 143 -11.34 -5.49 39.22
N MET E 144 -11.20 -6.28 38.15
CA MET E 144 -11.63 -5.82 36.84
C MET E 144 -12.56 -6.83 36.20
N ALA E 145 -13.63 -6.34 35.57
CA ALA E 145 -14.54 -7.17 34.80
C ALA E 145 -14.62 -6.62 33.39
N SER E 146 -14.68 -7.51 32.40
CA SER E 146 -14.68 -7.11 31.00
C SER E 146 -15.52 -8.08 30.17
N ALA E 147 -16.14 -7.54 29.12
CA ALA E 147 -17.00 -8.33 28.22
C ALA E 147 -16.58 -8.09 26.77
N SER E 148 -16.69 -9.15 25.96
CA SER E 148 -16.15 -9.11 24.62
C SER E 148 -17.02 -9.91 23.66
N VAL E 149 -16.55 -10.03 22.42
CA VAL E 149 -17.18 -10.94 21.49
C VAL E 149 -17.10 -12.37 22.00
N ASP E 150 -16.00 -12.71 22.65
CA ASP E 150 -15.50 -14.06 22.78
C ASP E 150 -16.44 -14.97 23.58
N ASN E 151 -17.58 -14.43 23.98
CA ASN E 151 -18.59 -15.16 24.77
C ASN E 151 -18.02 -15.55 26.12
N THR E 152 -17.05 -14.79 26.60
CA THR E 152 -16.29 -15.17 27.78
C THR E 152 -16.31 -14.05 28.80
N ALA E 153 -16.46 -14.44 30.06
CA ALA E 153 -16.40 -13.52 31.19
C ALA E 153 -15.06 -13.71 31.90
N ILE E 154 -14.30 -12.64 32.02
CA ILE E 154 -12.95 -12.70 32.55
C ILE E 154 -12.92 -11.92 33.85
N ILE E 155 -11.95 -12.24 34.70
CA ILE E 155 -11.72 -11.49 35.92
C ILE E 155 -10.24 -11.17 36.00
N TRP E 156 -9.92 -9.91 36.28
CA TRP E 156 -8.55 -9.43 36.37
C TRP E 156 -8.31 -8.78 37.72
N ASP E 157 -7.07 -8.90 38.18
CA ASP E 157 -6.59 -8.15 39.34
C ASP E 157 -5.82 -6.95 38.84
N VAL E 158 -6.29 -5.75 39.19
CA VAL E 158 -5.62 -4.54 38.74
C VAL E 158 -4.23 -4.44 39.36
N SER E 159 -4.08 -4.88 40.61
CA SER E 159 -2.80 -4.72 41.30
C SER E 159 -1.70 -5.49 40.59
N LYS E 160 -1.96 -6.74 40.21
CA LYS E 160 -0.96 -7.53 39.52
C LYS E 160 -1.11 -7.49 38.00
N GLY E 161 -2.31 -7.24 37.50
CA GLY E 161 -2.52 -7.18 36.07
C GLY E 161 -2.37 -8.49 35.33
N GLN E 162 -2.91 -9.57 35.92
CA GLN E 162 -2.95 -10.87 35.26
C GLN E 162 -4.34 -11.46 35.38
N LYS E 163 -4.66 -12.33 34.42
CA LYS E 163 -5.96 -13.00 34.41
C LYS E 163 -6.09 -13.97 35.58
N ILE E 164 -7.28 -14.02 36.17
CA ILE E 164 -7.55 -14.94 37.26
C ILE E 164 -8.76 -15.82 37.04
N SER E 165 -9.75 -15.42 36.25
CA SER E 165 -10.97 -16.20 36.12
C SER E 165 -11.54 -16.07 34.71
N ILE E 166 -12.13 -17.16 34.23
CA ILE E 166 -12.77 -17.21 32.93
C ILE E 166 -14.10 -17.95 33.07
N PHE E 167 -15.16 -17.36 32.55
CA PHE E 167 -16.50 -17.96 32.58
C PHE E 167 -16.94 -18.19 31.14
N ASN E 168 -17.16 -19.45 30.78
CA ASN E 168 -17.37 -19.85 29.39
C ASN E 168 -18.79 -20.32 29.15
N GLU E 169 -19.69 -20.11 30.10
CA GLU E 169 -21.03 -20.68 30.03
C GLU E 169 -21.90 -20.03 28.97
N HIS E 170 -21.45 -18.95 28.35
CA HIS E 170 -22.30 -18.20 27.44
C HIS E 170 -22.30 -18.82 26.05
N LYS E 171 -23.49 -18.81 25.42
CA LYS E 171 -23.68 -19.31 24.07
C LYS E 171 -23.61 -18.24 23.02
N SER E 172 -23.93 -16.99 23.36
CA SER E 172 -23.89 -15.91 22.41
C SER E 172 -23.05 -14.77 22.96
N TYR E 173 -23.09 -13.62 22.27
CA TYR E 173 -22.28 -12.47 22.69
C TYR E 173 -22.77 -11.93 24.02
N VAL E 174 -21.83 -11.32 24.75
CA VAL E 174 -22.11 -10.72 26.05
C VAL E 174 -21.83 -9.22 25.94
N GLN E 175 -22.85 -8.41 26.23
CA GLN E 175 -22.77 -6.97 25.99
C GLN E 175 -22.79 -6.15 27.27
N GLY E 176 -22.85 -6.79 28.43
CA GLY E 176 -22.87 -6.02 29.65
C GLY E 176 -22.43 -6.79 30.87
N VAL E 177 -21.49 -6.23 31.62
CA VAL E 177 -21.03 -6.81 32.87
C VAL E 177 -21.01 -5.70 33.91
N THR E 178 -21.27 -6.08 35.15
CA THR E 178 -21.25 -5.12 36.22
C THR E 178 -20.79 -5.81 37.49
N TRP E 179 -20.20 -5.04 38.38
CA TRP E 179 -19.70 -5.53 39.66
C TRP E 179 -20.61 -5.08 40.79
N ASP E 180 -20.92 -6.00 41.68
CA ASP E 180 -21.70 -5.66 42.85
C ASP E 180 -20.93 -4.65 43.67
N PRO E 181 -21.49 -3.47 43.95
CA PRO E 181 -20.79 -2.54 44.85
C PRO E 181 -20.54 -3.13 46.22
N LEU E 182 -21.45 -4.00 46.70
CA LEU E 182 -21.17 -4.75 47.91
C LEU E 182 -20.00 -5.69 47.71
N GLY E 183 -19.79 -6.15 46.49
CA GLY E 183 -18.70 -7.06 46.18
C GLY E 183 -19.02 -8.52 46.32
N GLN E 184 -20.29 -8.91 46.23
CA GLN E 184 -20.68 -10.30 46.36
C GLN E 184 -21.24 -10.89 45.07
N TYR E 185 -21.49 -10.08 44.05
CA TYR E 185 -22.12 -10.57 42.84
C TYR E 185 -21.44 -9.98 41.61
N VAL E 186 -21.54 -10.73 40.51
CA VAL E 186 -21.16 -10.26 39.19
C VAL E 186 -22.29 -10.63 38.23
N ALA E 187 -22.87 -9.63 37.58
CA ALA E 187 -24.04 -9.83 36.73
C ALA E 187 -23.62 -9.75 35.27
N THR E 188 -24.00 -10.76 34.49
CA THR E 188 -23.65 -10.85 33.09
C THR E 188 -24.87 -11.27 32.27
N LEU E 189 -24.94 -10.78 31.05
CA LEU E 189 -26.03 -11.11 30.13
C LEU E 189 -25.44 -11.69 28.86
N SER E 190 -26.12 -12.66 28.28
CA SER E 190 -25.79 -13.08 26.93
C SER E 190 -26.76 -12.43 25.95
N CYS E 191 -26.33 -12.33 24.69
CA CYS E 191 -27.22 -11.86 23.64
C CYS E 191 -28.32 -12.87 23.33
N ASP E 192 -28.20 -14.07 23.90
CA ASP E 192 -29.14 -15.16 23.70
C ASP E 192 -30.35 -15.04 24.63
N ARG E 193 -30.65 -13.83 25.10
CA ARG E 193 -31.77 -13.56 26.01
C ARG E 193 -31.58 -14.32 27.32
N VAL E 194 -30.33 -14.46 27.75
CA VAL E 194 -29.98 -15.21 28.95
C VAL E 194 -29.22 -14.29 29.89
N LEU E 195 -29.62 -14.29 31.15
CA LEU E 195 -29.00 -13.47 32.18
C LEU E 195 -28.38 -14.38 33.23
N ARG E 196 -27.14 -14.09 33.62
CA ARG E 196 -26.44 -14.86 34.63
C ARG E 196 -25.83 -13.94 35.67
N VAL E 197 -25.90 -14.36 36.94
CA VAL E 197 -25.29 -13.66 38.05
C VAL E 197 -24.23 -14.58 38.65
N TYR E 198 -23.06 -14.02 38.94
CA TYR E 198 -21.93 -14.80 39.40
C TYR E 198 -21.51 -14.38 40.81
N SER E 199 -21.24 -15.38 41.63
CA SER E 199 -20.69 -15.14 42.96
C SER E 199 -19.22 -14.77 42.85
N ILE E 200 -18.68 -14.24 43.94
CA ILE E 200 -17.29 -13.84 43.98
C ILE E 200 -16.45 -14.99 44.53
N GLN E 201 -16.79 -15.43 45.74
CA GLN E 201 -16.07 -16.53 46.35
C GLN E 201 -16.33 -17.85 45.61
N LYS E 202 -17.58 -18.08 45.20
CA LYS E 202 -17.90 -19.32 44.50
C LYS E 202 -17.41 -19.33 43.07
N LYS E 203 -17.37 -18.17 42.41
CA LYS E 203 -16.91 -18.05 41.03
C LYS E 203 -17.71 -18.95 40.09
N ARG E 204 -19.02 -18.98 40.29
CA ARG E 204 -19.90 -19.80 39.48
C ARG E 204 -21.19 -19.04 39.25
N VAL E 205 -22.12 -19.65 38.51
CA VAL E 205 -23.37 -19.01 38.13
C VAL E 205 -24.27 -19.00 39.36
N ALA E 206 -24.25 -17.90 40.11
CA ALA E 206 -25.13 -17.77 41.26
C ALA E 206 -26.60 -17.76 40.83
N PHE E 207 -26.91 -17.01 39.78
CA PHE E 207 -28.26 -16.95 39.25
C PHE E 207 -28.20 -17.02 37.73
N ASN E 208 -29.27 -17.55 37.14
CA ASN E 208 -29.35 -17.66 35.69
C ASN E 208 -30.82 -17.64 35.29
N VAL E 209 -31.25 -16.54 34.68
CA VAL E 209 -32.65 -16.35 34.32
C VAL E 209 -32.74 -15.99 32.83
N SER E 210 -33.57 -16.73 32.10
CA SER E 210 -33.78 -16.45 30.68
C SER E 210 -35.27 -16.40 30.34
N LYS E 211 -36.07 -17.24 31.00
CA LYS E 211 -37.50 -17.37 30.72
C LYS E 211 -38.30 -17.23 32.01
N MET E 212 -39.53 -16.73 31.88
CA MET E 212 -40.42 -16.49 33.02
C MET E 212 -41.83 -16.93 32.68
N LEU E 213 -42.49 -17.59 33.63
CA LEU E 213 -43.90 -17.94 33.52
C LEU E 213 -44.76 -16.79 34.01
N SER E 214 -45.94 -16.64 33.44
CA SER E 214 -46.82 -15.55 33.81
C SER E 214 -47.95 -16.05 34.70
N ALA E 222 -50.16 -19.77 33.15
CA ALA E 222 -48.87 -19.11 33.35
C ALA E 222 -47.90 -19.44 32.22
N ARG E 223 -48.13 -18.83 31.06
CA ARG E 223 -47.29 -19.08 29.91
C ARG E 223 -45.88 -18.52 30.14
N SER E 224 -44.88 -19.26 29.67
CA SER E 224 -43.48 -18.92 29.88
C SER E 224 -42.85 -18.46 28.58
N TYR E 225 -42.17 -17.32 28.63
CA TYR E 225 -41.47 -16.80 27.46
C TYR E 225 -40.24 -16.04 27.93
N ARG E 226 -39.30 -15.84 27.01
CA ARG E 226 -38.03 -15.20 27.33
C ARG E 226 -38.23 -13.70 27.49
N MET E 227 -37.57 -13.13 28.49
CA MET E 227 -37.78 -11.74 28.86
C MET E 227 -36.94 -10.77 28.07
N PHE E 228 -35.89 -11.23 27.40
CA PHE E 228 -34.92 -10.34 26.78
C PHE E 228 -35.00 -10.48 25.27
N HIS E 229 -34.46 -9.49 24.58
CA HIS E 229 -34.56 -9.45 23.14
C HIS E 229 -33.50 -10.34 22.49
N ASP E 230 -33.86 -10.89 21.34
CA ASP E 230 -33.01 -11.85 20.64
C ASP E 230 -31.88 -11.11 19.93
N ASP E 231 -31.10 -11.84 19.12
CA ASP E 231 -30.07 -11.23 18.32
C ASP E 231 -30.64 -10.37 17.20
N SER E 232 -31.95 -10.45 16.96
CA SER E 232 -32.57 -9.73 15.87
C SER E 232 -32.55 -8.22 16.07
N MET E 233 -32.21 -7.75 17.26
CA MET E 233 -32.21 -6.32 17.52
C MET E 233 -31.06 -5.65 16.76
N LYS E 234 -31.32 -4.44 16.26
CA LYS E 234 -30.33 -3.66 15.55
C LYS E 234 -29.45 -2.85 16.50
N SER E 235 -29.36 -3.28 17.76
CA SER E 235 -28.56 -2.61 18.77
C SER E 235 -27.22 -3.30 18.93
N PHE E 236 -26.20 -2.52 19.28
CA PHE E 236 -24.85 -3.05 19.34
C PHE E 236 -24.45 -3.36 20.78
N PHE E 237 -25.03 -2.65 21.74
CA PHE E 237 -24.66 -2.77 23.14
C PHE E 237 -25.89 -3.03 24.00
N ARG E 238 -25.67 -3.74 25.10
CA ARG E 238 -26.71 -4.08 26.08
C ARG E 238 -26.24 -3.70 27.47
N ARG E 239 -25.72 -2.48 27.61
CA ARG E 239 -25.07 -2.06 28.83
C ARG E 239 -26.07 -1.94 29.99
N LEU E 240 -25.60 -2.25 31.19
CA LEU E 240 -26.38 -2.07 32.40
C LEU E 240 -25.43 -1.93 33.59
N SER E 241 -25.94 -1.38 34.68
CA SER E 241 -25.13 -1.12 35.86
C SER E 241 -25.88 -1.49 37.13
N PHE E 242 -25.12 -1.92 38.14
CA PHE E 242 -25.67 -2.00 39.49
C PHE E 242 -26.04 -0.61 39.99
N THR E 243 -27.02 -0.59 40.88
CA THR E 243 -27.26 0.62 41.65
C THR E 243 -26.05 0.87 42.56
N PRO E 244 -25.63 2.12 42.72
CA PRO E 244 -24.53 2.40 43.67
C PRO E 244 -24.83 1.92 45.07
N ASP E 245 -26.09 1.91 45.48
CA ASP E 245 -26.45 1.23 46.73
C ASP E 245 -26.22 -0.26 46.61
N GLY E 246 -26.44 -0.82 45.43
CA GLY E 246 -26.21 -2.23 45.19
C GLY E 246 -27.39 -3.14 45.49
N SER E 247 -28.49 -2.61 46.00
CA SER E 247 -29.66 -3.40 46.32
C SER E 247 -30.61 -3.55 45.14
N LEU E 248 -30.41 -2.79 44.06
CA LEU E 248 -31.29 -2.83 42.91
C LEU E 248 -30.49 -3.17 41.66
N LEU E 249 -31.00 -4.12 40.87
CA LEU E 249 -30.37 -4.54 39.64
C LEU E 249 -31.28 -4.16 38.47
N LEU E 250 -30.68 -3.63 37.42
CA LEU E 250 -31.42 -3.06 36.30
C LEU E 250 -30.97 -3.73 35.01
N THR E 251 -31.92 -4.19 34.21
CA THR E 251 -31.62 -4.92 32.98
C THR E 251 -32.37 -4.32 31.81
N PRO E 252 -31.69 -3.72 30.83
CA PRO E 252 -32.40 -3.19 29.66
C PRO E 252 -32.73 -4.27 28.65
N ALA E 253 -33.25 -3.86 27.49
CA ALA E 253 -33.52 -4.78 26.38
C ALA E 253 -34.46 -5.91 26.79
N GLY E 254 -35.47 -5.57 27.59
CA GLY E 254 -36.43 -6.54 28.02
C GLY E 254 -37.59 -6.68 27.04
N CYS E 255 -38.25 -7.83 27.10
CA CYS E 255 -39.44 -8.12 26.31
C CYS E 255 -40.61 -8.38 27.24
N VAL E 256 -41.71 -7.68 27.03
CA VAL E 256 -42.97 -7.95 27.71
C VAL E 256 -44.00 -8.33 26.66
N GLU E 257 -44.52 -9.56 26.75
CA GLU E 257 -45.54 -10.04 25.83
C GLU E 257 -46.89 -9.93 26.56
N SER E 258 -47.44 -8.72 26.54
CA SER E 258 -48.76 -8.50 27.12
C SER E 258 -49.82 -9.31 26.39
N GLY E 259 -49.74 -9.34 25.06
CA GLY E 259 -50.63 -10.15 24.26
C GLY E 259 -49.89 -10.98 23.23
N GLU E 260 -50.38 -10.99 22.00
CA GLU E 260 -49.72 -11.71 20.92
C GLU E 260 -48.42 -11.05 20.49
N ASN E 261 -48.17 -9.82 20.90
CA ASN E 261 -46.96 -9.08 20.58
C ASN E 261 -46.05 -9.01 21.81
N VAL E 262 -44.81 -8.62 21.57
CA VAL E 262 -43.85 -8.34 22.63
C VAL E 262 -43.48 -6.86 22.54
N MET E 263 -43.02 -6.29 23.65
CA MET E 263 -42.75 -4.87 23.68
C MET E 263 -41.47 -4.64 24.48
N ASN E 264 -40.73 -3.59 24.10
CA ASN E 264 -39.50 -3.23 24.79
C ASN E 264 -39.75 -2.80 26.23
N THR E 265 -38.82 -3.15 27.11
CA THR E 265 -38.89 -2.75 28.51
C THR E 265 -37.53 -2.95 29.15
N THR E 266 -37.43 -2.58 30.41
CA THR E 266 -36.26 -2.86 31.24
C THR E 266 -36.74 -3.44 32.56
N TYR E 267 -35.99 -4.39 33.10
CA TYR E 267 -36.41 -5.05 34.33
C TYR E 267 -35.57 -4.56 35.51
N VAL E 268 -36.22 -4.52 36.66
CA VAL E 268 -35.59 -4.06 37.89
C VAL E 268 -35.58 -5.21 38.90
N PHE E 269 -34.41 -5.52 39.43
CA PHE E 269 -34.24 -6.64 40.34
C PHE E 269 -33.74 -6.15 41.67
N SER E 270 -34.15 -6.84 42.73
CA SER E 270 -33.70 -6.55 44.08
C SER E 270 -32.90 -7.75 44.61
N ARG E 271 -32.15 -7.49 45.68
CA ARG E 271 -31.34 -8.54 46.28
C ARG E 271 -32.18 -9.67 46.86
N LYS E 272 -33.46 -9.40 47.13
CA LYS E 272 -34.33 -10.44 47.67
C LYS E 272 -34.46 -11.60 46.71
N ASN E 273 -34.65 -11.32 45.42
CA ASN E 273 -34.76 -12.37 44.41
C ASN E 273 -34.26 -11.83 43.09
N LEU E 274 -33.24 -12.48 42.54
CA LEU E 274 -32.70 -12.13 41.24
C LEU E 274 -33.34 -12.92 40.12
N LYS E 275 -34.23 -13.86 40.45
CA LYS E 275 -34.96 -14.59 39.42
C LYS E 275 -36.17 -13.79 38.96
N ARG E 276 -37.00 -13.36 39.91
CA ARG E 276 -38.17 -12.57 39.59
C ARG E 276 -37.86 -11.10 39.81
N PRO E 277 -37.80 -10.27 38.77
CA PRO E 277 -37.60 -8.83 38.97
C PRO E 277 -38.80 -8.24 39.70
N ILE E 278 -38.56 -7.13 40.41
CA ILE E 278 -39.64 -6.49 41.15
C ILE E 278 -40.71 -5.99 40.19
N ALA E 279 -40.30 -5.36 39.09
CA ALA E 279 -41.22 -4.86 38.07
C ALA E 279 -40.41 -4.58 36.82
N HIS E 280 -40.99 -3.81 35.91
CA HIS E 280 -40.31 -3.42 34.69
C HIS E 280 -40.82 -2.06 34.24
N LEU E 281 -40.05 -1.42 33.36
CA LEU E 281 -40.46 -0.15 32.78
C LEU E 281 -40.67 -0.31 31.28
N PRO E 282 -41.90 -0.50 30.81
CA PRO E 282 -42.13 -0.59 29.36
C PRO E 282 -41.75 0.72 28.69
N CYS E 283 -41.14 0.62 27.51
CA CYS E 283 -40.66 1.79 26.78
C CYS E 283 -41.18 1.72 25.35
N PRO E 284 -42.36 2.28 25.09
CA PRO E 284 -42.96 2.17 23.76
C PRO E 284 -42.05 2.73 22.68
N GLY E 285 -42.05 2.05 21.53
CA GLY E 285 -41.25 2.48 20.40
C GLY E 285 -39.86 1.88 20.37
N LYS E 286 -38.88 2.64 20.86
CA LYS E 286 -37.50 2.24 20.73
C LYS E 286 -37.10 1.25 21.82
N ALA E 287 -35.90 0.69 21.68
CA ALA E 287 -35.41 -0.37 22.56
C ALA E 287 -34.29 0.14 23.44
N THR E 288 -34.32 -0.27 24.71
CA THR E 288 -33.27 0.11 25.65
C THR E 288 -31.98 -0.63 25.31
N LEU E 289 -30.86 0.03 25.57
CA LEU E 289 -29.55 -0.58 25.33
C LEU E 289 -28.53 -0.33 26.43
N ALA E 290 -28.67 0.73 27.22
CA ALA E 290 -27.70 1.01 28.27
C ALA E 290 -28.42 1.50 29.51
N VAL E 291 -27.91 1.11 30.67
CA VAL E 291 -28.48 1.48 31.95
C VAL E 291 -27.36 1.97 32.85
N ARG E 292 -27.52 3.18 33.39
CA ARG E 292 -26.52 3.76 34.28
C ARG E 292 -27.20 4.47 35.44
N CYS E 293 -26.55 4.44 36.59
CA CYS E 293 -27.08 5.05 37.81
C CYS E 293 -26.14 6.13 38.28
N CYS E 294 -26.69 7.30 38.62
CA CYS E 294 -25.87 8.37 39.15
C CYS E 294 -25.28 7.96 40.50
N PRO E 295 -23.99 8.22 40.73
CA PRO E 295 -23.34 7.75 41.96
C PRO E 295 -23.64 8.56 43.20
N VAL E 296 -24.50 9.57 43.10
CA VAL E 296 -24.80 10.44 44.23
C VAL E 296 -26.17 10.07 44.79
N TYR E 297 -26.36 10.33 46.07
CA TYR E 297 -27.60 10.04 46.76
C TYR E 297 -28.39 11.33 46.97
N PHE E 298 -29.68 11.17 47.25
CA PHE E 298 -30.53 12.31 47.53
C PHE E 298 -31.55 11.93 48.60
N GLU E 299 -32.05 12.97 49.26
CA GLU E 299 -33.09 12.79 50.25
C GLU E 299 -34.37 12.33 49.58
N LEU E 300 -35.25 11.74 50.39
CA LEU E 300 -36.54 11.28 49.88
C LEU E 300 -37.41 12.49 49.55
N ARG E 301 -37.78 12.61 48.29
CA ARG E 301 -38.65 13.71 47.88
C ARG E 301 -40.04 13.55 48.51
N PRO E 302 -40.65 14.64 48.98
CA PRO E 302 -41.97 14.53 49.62
C PRO E 302 -43.05 14.10 48.64
N VAL E 303 -43.60 12.89 48.84
CA VAL E 303 -44.63 12.35 47.97
C VAL E 303 -45.59 11.54 48.82
N VAL E 304 -46.79 11.30 48.28
CA VAL E 304 -47.78 10.48 48.97
C VAL E 304 -47.23 9.07 49.16
N GLU E 305 -47.52 8.48 50.32
CA GLU E 305 -47.02 7.15 50.66
C GLU E 305 -47.82 6.12 49.86
N THR E 306 -47.31 5.78 48.68
CA THR E 306 -47.98 4.82 47.81
C THR E 306 -46.99 3.79 47.28
N GLY E 307 -47.44 2.95 46.35
CA GLY E 307 -46.57 1.95 45.75
C GLY E 307 -45.94 2.44 44.46
N VAL E 308 -45.96 3.76 44.26
CA VAL E 308 -45.37 4.36 43.07
C VAL E 308 -43.86 4.14 43.04
N GLU E 309 -43.20 4.30 44.19
CA GLU E 309 -41.76 4.13 44.25
C GLU E 309 -41.37 2.71 43.91
N LEU E 310 -40.27 2.57 43.17
CA LEU E 310 -39.79 1.25 42.79
C LEU E 310 -39.26 0.48 43.99
N MET E 311 -38.54 1.16 44.88
CA MET E 311 -38.08 0.58 46.12
C MET E 311 -38.15 1.64 47.21
N SER E 312 -38.53 1.21 48.41
CA SER E 312 -38.57 2.07 49.58
C SER E 312 -37.19 2.03 50.24
N LEU E 313 -36.50 3.17 50.23
CA LEU E 313 -35.17 3.27 50.81
C LEU E 313 -35.09 4.56 51.63
N PRO E 314 -34.28 4.58 52.69
CA PRO E 314 -34.14 5.82 53.48
C PRO E 314 -33.60 6.98 52.65
N TYR E 315 -32.76 6.71 51.67
CA TYR E 315 -32.22 7.72 50.77
C TYR E 315 -32.53 7.33 49.33
N ARG E 316 -32.79 8.34 48.51
CA ARG E 316 -33.14 8.08 47.12
C ARG E 316 -31.94 8.19 46.20
N LEU E 317 -32.13 7.70 44.98
CA LEU E 317 -31.10 7.81 43.95
C LEU E 317 -31.78 7.95 42.60
N VAL E 318 -31.10 8.61 41.68
CA VAL E 318 -31.63 8.88 40.35
C VAL E 318 -30.66 8.28 39.35
N PHE E 319 -31.21 7.77 38.24
CA PHE E 319 -30.43 7.04 37.27
C PHE E 319 -30.94 7.36 35.88
N ALA E 320 -30.09 7.10 34.89
CA ALA E 320 -30.42 7.36 33.50
C ALA E 320 -30.46 6.05 32.73
N VAL E 321 -31.36 5.98 31.76
CA VAL E 321 -31.51 4.79 30.93
C VAL E 321 -31.38 5.21 29.47
N ALA E 322 -30.61 4.44 28.71
CA ALA E 322 -30.35 4.74 27.30
C ALA E 322 -31.14 3.77 26.44
N SER E 323 -32.12 4.29 25.73
CA SER E 323 -32.89 3.50 24.78
C SER E 323 -32.22 3.57 23.42
N GLU E 324 -32.93 3.11 22.38
CA GLU E 324 -32.41 3.24 21.03
C GLU E 324 -32.18 4.70 20.67
N ASP E 325 -33.12 5.58 21.01
CA ASP E 325 -32.95 6.99 20.69
C ASP E 325 -33.09 7.88 21.91
N SER E 326 -33.97 7.51 22.83
CA SER E 326 -34.32 8.38 23.94
C SER E 326 -33.56 8.01 25.20
N VAL E 327 -33.47 8.98 26.10
CA VAL E 327 -32.95 8.78 27.44
C VAL E 327 -34.04 9.22 28.42
N LEU E 328 -34.20 8.45 29.49
CA LEU E 328 -35.26 8.70 30.45
C LEU E 328 -34.69 8.68 31.86
N LEU E 329 -35.27 9.52 32.72
CA LEU E 329 -34.75 9.75 34.06
C LEU E 329 -35.77 9.29 35.09
N TYR E 330 -35.34 8.40 35.99
CA TYR E 330 -36.18 7.90 37.06
C TYR E 330 -35.46 8.04 38.40
N ASP E 331 -36.26 8.23 39.45
CA ASP E 331 -35.80 8.32 40.83
C ASP E 331 -36.35 7.16 41.64
N THR E 332 -35.95 7.13 42.91
CA THR E 332 -36.36 6.07 43.82
C THR E 332 -37.85 6.13 44.14
N GLN E 333 -38.46 7.33 44.16
CA GLN E 333 -39.86 7.50 44.55
C GLN E 333 -40.86 7.39 43.42
N GLN E 334 -40.43 7.55 42.18
CA GLN E 334 -41.40 7.67 41.11
C GLN E 334 -41.16 6.59 40.07
N SER E 335 -42.28 6.12 39.52
CA SER E 335 -42.29 5.06 38.52
C SER E 335 -42.22 5.65 37.11
N PHE E 336 -43.08 6.62 36.81
CA PHE E 336 -42.96 7.34 35.56
C PHE E 336 -41.67 8.17 35.56
N PRO E 337 -41.06 8.38 34.41
CA PRO E 337 -39.84 9.19 34.33
C PRO E 337 -40.16 10.68 34.51
N PHE E 338 -39.43 11.32 35.42
CA PHE E 338 -39.58 12.76 35.57
C PHE E 338 -38.89 13.53 34.45
N GLY E 339 -37.74 13.05 33.99
CA GLY E 339 -36.99 13.70 32.92
C GLY E 339 -37.07 12.88 31.65
N TYR E 340 -37.51 13.53 30.57
CA TYR E 340 -37.68 12.86 29.28
C TYR E 340 -37.03 13.69 28.20
N VAL E 341 -36.20 13.04 27.38
CA VAL E 341 -35.55 13.68 26.25
C VAL E 341 -35.61 12.72 25.07
N SER E 342 -35.86 13.26 23.88
CA SER E 342 -35.96 12.45 22.68
C SER E 342 -35.62 13.29 21.47
N ASN E 343 -35.42 12.63 20.33
CA ASN E 343 -35.27 13.29 19.03
C ASN E 343 -34.13 14.31 19.08
N ILE E 344 -32.96 13.87 19.51
CA ILE E 344 -31.83 14.78 19.63
C ILE E 344 -30.67 14.29 18.77
N HIS E 345 -30.34 13.00 18.90
CA HIS E 345 -29.32 12.38 18.07
C HIS E 345 -29.98 11.63 16.93
N TYR E 346 -29.44 11.82 15.73
CA TYR E 346 -30.03 11.21 14.55
C TYR E 346 -29.87 9.70 14.56
N HIS E 347 -28.70 9.19 14.91
CA HIS E 347 -28.52 7.75 14.99
C HIS E 347 -28.86 7.22 16.36
N THR E 348 -28.72 5.91 16.50
CA THR E 348 -29.02 5.26 17.76
C THR E 348 -28.01 5.65 18.81
N LEU E 349 -28.42 5.50 20.07
CA LEU E 349 -27.60 5.90 21.20
C LEU E 349 -26.43 4.94 21.37
N SER E 350 -25.37 5.42 22.01
CA SER E 350 -24.21 4.58 22.28
C SER E 350 -23.91 4.44 23.77
N ASP E 351 -23.78 5.55 24.49
CA ASP E 351 -23.43 5.48 25.90
C ASP E 351 -23.98 6.68 26.64
N ILE E 352 -24.11 6.53 27.95
CA ILE E 352 -24.56 7.56 28.87
C ILE E 352 -23.65 7.53 30.10
N SER E 353 -23.30 8.72 30.57
CA SER E 353 -22.41 8.81 31.71
C SER E 353 -22.93 9.83 32.69
N TRP E 354 -22.61 9.61 33.96
CA TRP E 354 -23.03 10.48 35.05
C TRP E 354 -21.82 11.21 35.60
N SER E 355 -21.96 12.51 35.82
CA SER E 355 -20.89 13.24 36.46
C SER E 355 -20.78 12.84 37.93
N SER E 356 -19.59 13.03 38.49
CA SER E 356 -19.36 12.67 39.89
C SER E 356 -20.31 13.44 40.80
N ASP E 357 -20.48 14.74 40.56
CA ASP E 357 -21.49 15.52 41.25
C ASP E 357 -22.90 15.23 40.75
N GLY E 358 -23.03 14.59 39.59
CA GLY E 358 -24.33 14.31 39.01
C GLY E 358 -24.92 15.46 38.21
N ALA E 359 -24.26 16.62 38.19
CA ALA E 359 -24.79 17.78 37.49
C ALA E 359 -24.62 17.69 35.98
N PHE E 360 -23.69 16.87 35.50
CA PHE E 360 -23.45 16.70 34.08
C PHE E 360 -23.84 15.29 33.68
N LEU E 361 -24.74 15.18 32.71
CA LEU E 361 -25.18 13.89 32.20
C LEU E 361 -24.78 13.84 30.73
N ALA E 362 -23.68 13.15 30.45
CA ALA E 362 -23.09 13.15 29.12
C ALA E 362 -23.76 12.09 28.26
N ILE E 363 -24.34 12.52 27.14
CA ILE E 363 -25.09 11.65 26.25
C ILE E 363 -24.24 11.42 25.01
N SER E 364 -24.00 10.16 24.68
CA SER E 364 -23.27 9.80 23.47
C SER E 364 -24.11 8.84 22.64
N SER E 365 -24.15 9.07 21.34
CA SER E 365 -24.89 8.23 20.41
C SER E 365 -23.95 7.72 19.34
N THR E 366 -24.52 7.06 18.34
CA THR E 366 -23.76 6.50 17.25
C THR E 366 -23.72 7.39 16.02
N ASP E 367 -24.32 8.58 16.08
CA ASP E 367 -24.29 9.45 14.91
C ASP E 367 -22.89 9.98 14.64
N GLY E 368 -22.15 10.33 15.69
CA GLY E 368 -20.84 10.89 15.52
C GLY E 368 -20.63 12.07 16.44
N TYR E 369 -21.72 12.56 17.01
CA TYR E 369 -21.70 13.59 18.05
C TYR E 369 -22.21 13.05 19.37
N CYS E 370 -22.01 13.85 20.40
CA CYS E 370 -22.55 13.62 21.73
C CYS E 370 -23.55 14.72 22.05
N SER E 371 -24.07 14.70 23.27
CA SER E 371 -24.92 15.77 23.76
C SER E 371 -24.90 15.77 25.29
N PHE E 372 -25.16 16.94 25.86
CA PHE E 372 -25.13 17.12 27.30
C PHE E 372 -26.46 17.65 27.80
N VAL E 373 -26.82 17.26 29.01
CA VAL E 373 -27.94 17.85 29.72
C VAL E 373 -27.41 18.36 31.05
N THR E 374 -27.42 19.68 31.21
CA THR E 374 -26.89 20.32 32.41
C THR E 374 -27.93 20.28 33.51
N PHE E 375 -27.51 19.92 34.71
CA PHE E 375 -28.37 19.88 35.89
C PHE E 375 -27.93 20.96 36.86
N GLU E 376 -28.85 21.83 37.24
CA GLU E 376 -28.54 22.84 38.23
C GLU E 376 -28.45 22.21 39.61
N LYS E 377 -27.70 22.87 40.49
CA LYS E 377 -27.54 22.37 41.85
C LYS E 377 -28.89 22.26 42.53
N ASP E 378 -29.07 21.17 43.28
CA ASP E 378 -30.28 20.90 44.05
C ASP E 378 -31.51 20.66 43.19
N GLU E 379 -31.38 20.71 41.86
CA GLU E 379 -32.53 20.44 41.01
C GLU E 379 -33.03 19.02 41.20
N LEU E 380 -32.13 18.11 41.59
CA LEU E 380 -32.48 16.72 41.84
C LEU E 380 -32.52 16.38 43.32
N GLY E 381 -32.57 17.37 44.20
CA GLY E 381 -32.61 17.13 45.62
C GLY E 381 -31.30 17.50 46.29
N ILE E 382 -31.24 17.24 47.59
CA ILE E 382 -30.07 17.51 48.40
C ILE E 382 -29.22 16.25 48.44
N PRO E 383 -27.98 16.28 47.98
CA PRO E 383 -27.09 15.14 48.17
C PRO E 383 -26.89 14.88 49.66
N LEU E 384 -26.79 13.61 50.02
CA LEU E 384 -26.64 13.25 51.42
C LEU E 384 -25.40 13.89 52.02
N LYS E 385 -25.55 14.45 53.23
CA LYS E 385 -24.43 15.06 53.92
C LYS E 385 -23.32 14.05 54.16
N GLU E 386 -23.67 12.86 54.60
CA GLU E 386 -22.75 11.76 54.79
C GLU E 386 -23.20 10.59 53.92
N LYS E 387 -22.28 10.06 53.12
CA LYS E 387 -22.63 8.96 52.24
C LYS E 387 -22.83 7.69 53.05
N PRO E 388 -24.01 7.07 52.99
CA PRO E 388 -24.22 5.83 53.74
C PRO E 388 -23.24 4.75 53.34
N VAL E 389 -22.76 4.01 54.33
CA VAL E 389 -21.79 2.95 54.08
C VAL E 389 -22.49 1.77 53.42
N LEU E 390 -21.70 0.97 52.70
CA LEU E 390 -22.19 -0.23 52.05
C LEU E 390 -21.57 -1.45 52.73
N ASN E 391 -22.40 -2.40 53.12
CA ASN E 391 -21.95 -3.59 53.82
C ASN E 391 -21.24 -4.53 52.85
N MET E 392 -19.95 -4.75 53.09
CA MET E 392 -19.14 -5.60 52.23
C MET E 392 -19.37 -7.07 52.55
N LEU F 50 65.33 -28.30 -26.95
CA LEU F 50 64.66 -27.01 -26.89
C LEU F 50 65.62 -25.87 -27.17
N CYS F 51 66.36 -25.46 -26.14
CA CYS F 51 67.32 -24.36 -26.29
C CYS F 51 68.44 -24.74 -27.25
N SER F 52 68.95 -25.98 -27.15
CA SER F 52 70.03 -26.41 -28.04
C SER F 52 69.55 -26.46 -29.48
N GLN F 53 68.36 -27.03 -29.72
CA GLN F 53 67.82 -27.07 -31.07
C GLN F 53 67.47 -25.68 -31.55
N LEU F 54 67.01 -24.81 -30.65
CA LEU F 54 66.72 -23.43 -31.01
C LEU F 54 67.98 -22.71 -31.49
N ASP F 55 69.09 -22.91 -30.79
CA ASP F 55 70.35 -22.30 -31.20
C ASP F 55 70.85 -22.92 -32.50
N GLN F 56 70.71 -24.23 -32.65
CA GLN F 56 71.20 -24.90 -33.86
C GLN F 56 70.47 -24.43 -35.10
N LEU F 57 69.13 -24.42 -35.06
CA LEU F 57 68.35 -23.93 -36.20
C LEU F 57 68.51 -22.43 -36.36
N LEU F 58 68.66 -21.70 -35.26
CA LEU F 58 68.81 -20.26 -35.32
C LEU F 58 70.07 -19.86 -36.07
N GLN F 59 71.16 -20.57 -35.83
CA GLN F 59 72.42 -20.29 -36.51
C GLN F 59 72.40 -20.82 -37.94
N VAL F 107 9.48 -19.71 -18.46
CA VAL F 107 10.71 -19.05 -18.88
C VAL F 107 11.56 -19.99 -19.72
N PRO F 108 12.13 -19.47 -20.81
CA PRO F 108 12.91 -20.32 -21.72
C PRO F 108 14.18 -20.83 -21.07
N GLU F 109 14.77 -21.84 -21.72
CA GLU F 109 15.98 -22.47 -21.21
C GLU F 109 17.16 -21.51 -21.27
N ARG F 110 17.96 -21.51 -20.19
CA ARG F 110 19.19 -20.74 -20.18
C ARG F 110 20.16 -21.26 -21.25
N ARG F 111 20.25 -22.58 -21.39
CA ARG F 111 21.10 -23.16 -22.43
C ARG F 111 20.63 -22.77 -23.82
N LYS F 112 19.35 -22.45 -23.98
CA LYS F 112 18.84 -21.98 -25.27
C LYS F 112 19.10 -20.50 -25.50
N PHE F 113 19.49 -19.75 -24.46
CA PHE F 113 19.79 -18.34 -24.59
C PHE F 113 21.29 -18.03 -24.70
N GLY F 114 22.15 -18.85 -24.12
CA GLY F 114 23.57 -18.60 -24.15
C GLY F 114 24.07 -17.89 -22.91
N ARG F 115 25.29 -17.37 -23.02
CA ARG F 115 25.94 -16.73 -21.88
C ARG F 115 25.39 -15.33 -21.67
N MET F 116 25.11 -15.01 -20.41
CA MET F 116 24.68 -13.68 -20.03
C MET F 116 25.78 -12.66 -20.35
N LYS F 117 25.37 -11.55 -20.96
CA LYS F 117 26.28 -10.50 -21.39
C LYS F 117 26.09 -9.26 -20.54
N LEU F 118 27.21 -8.62 -20.18
CA LEU F 118 27.18 -7.46 -19.30
C LEU F 118 27.82 -6.28 -19.99
N LEU F 119 27.31 -5.09 -19.70
CA LEU F 119 27.77 -3.85 -20.32
C LEU F 119 27.77 -2.77 -19.25
N GLN F 120 28.93 -2.17 -19.00
CA GLN F 120 29.01 -1.03 -18.09
C GLN F 120 29.95 0.01 -18.68
N PHE F 121 29.53 1.28 -18.62
CA PHE F 121 30.33 2.41 -19.04
C PHE F 121 30.47 3.35 -17.85
N CYS F 122 31.68 3.85 -17.63
CA CYS F 122 31.88 4.82 -16.54
C CYS F 122 31.12 6.10 -16.80
N GLU F 123 31.07 6.55 -18.06
CA GLU F 123 30.46 7.84 -18.37
C GLU F 123 28.95 7.83 -18.27
N ASN F 124 28.31 6.67 -18.42
CA ASN F 124 26.86 6.63 -18.51
C ASN F 124 26.22 7.03 -17.18
N HIS F 125 25.24 7.92 -17.26
CA HIS F 125 24.20 7.93 -16.24
C HIS F 125 23.38 6.65 -16.33
N ARG F 126 23.43 5.98 -17.48
CA ARG F 126 22.72 4.73 -17.66
C ARG F 126 23.28 3.69 -16.68
N PRO F 127 22.42 3.02 -15.92
CA PRO F 127 22.90 1.93 -15.06
C PRO F 127 23.50 0.80 -15.88
N ALA F 128 24.50 0.16 -15.31
CA ALA F 128 25.16 -0.95 -15.98
C ALA F 128 24.17 -2.07 -16.27
N TYR F 129 24.25 -2.63 -17.47
CA TYR F 129 23.36 -3.68 -17.91
C TYR F 129 24.08 -5.01 -17.93
N TRP F 130 23.41 -6.05 -17.44
CA TRP F 130 23.88 -7.42 -17.61
C TRP F 130 22.67 -8.29 -17.94
N GLY F 131 22.72 -8.96 -19.09
CA GLY F 131 21.65 -9.85 -19.49
C GLY F 131 22.06 -10.63 -20.72
N THR F 132 21.24 -11.61 -21.07
CA THR F 132 21.52 -12.48 -22.20
C THR F 132 20.97 -11.90 -23.48
N TRP F 133 21.80 -11.89 -24.52
CA TRP F 133 21.43 -11.41 -25.84
C TRP F 133 21.32 -12.60 -26.80
N ASN F 134 20.23 -12.63 -27.56
CA ASN F 134 20.02 -13.72 -28.51
C ASN F 134 19.71 -13.23 -29.92
N LYS F 135 19.76 -11.93 -30.17
CA LYS F 135 19.36 -11.40 -31.47
C LYS F 135 20.41 -11.74 -32.51
N LYS F 136 19.96 -12.27 -33.65
CA LYS F 136 20.85 -12.76 -34.71
C LYS F 136 20.64 -11.91 -35.96
N THR F 137 21.62 -11.05 -36.24
CA THR F 137 21.64 -10.28 -37.48
C THR F 137 22.98 -10.47 -38.16
N ALA F 138 22.95 -10.71 -39.46
CA ALA F 138 24.17 -10.87 -40.25
C ALA F 138 24.83 -9.54 -40.58
N LEU F 139 24.17 -8.43 -40.24
CA LEU F 139 24.70 -7.10 -40.53
C LEU F 139 25.72 -6.65 -39.50
N ILE F 140 25.64 -7.16 -38.29
CA ILE F 140 26.57 -6.80 -37.22
C ILE F 140 27.59 -7.93 -37.14
N ARG F 141 28.72 -7.74 -37.82
CA ARG F 141 29.79 -8.71 -37.83
C ARG F 141 31.06 -8.10 -37.25
N ALA F 142 31.97 -8.98 -36.81
CA ALA F 142 33.25 -8.51 -36.29
C ALA F 142 34.07 -7.79 -37.34
N ARG F 143 33.91 -8.18 -38.60
CA ARG F 143 34.63 -7.51 -39.67
C ARG F 143 34.18 -6.06 -39.82
N ASP F 144 32.88 -5.82 -39.74
CA ASP F 144 32.30 -4.47 -39.84
C ASP F 144 31.37 -4.25 -38.67
N PRO F 145 31.92 -3.97 -37.48
CA PRO F 145 31.06 -3.74 -36.31
C PRO F 145 30.14 -2.55 -36.46
N TRP F 146 30.55 -1.53 -37.20
CA TRP F 146 29.80 -0.29 -37.30
C TRP F 146 28.75 -0.33 -38.39
N ALA F 147 28.64 -1.45 -39.11
CA ALA F 147 27.61 -1.57 -40.13
C ALA F 147 26.24 -1.43 -39.50
N GLN F 148 25.34 -0.75 -40.21
CA GLN F 148 23.99 -0.56 -39.69
C GLN F 148 23.27 -1.90 -39.58
N ASP F 149 22.29 -1.96 -38.68
CA ASP F 149 21.46 -3.14 -38.48
C ASP F 149 20.01 -2.71 -38.71
N THR F 150 19.56 -2.83 -39.95
CA THR F 150 18.18 -2.47 -40.28
C THR F 150 17.22 -3.47 -39.66
N LYS F 151 16.07 -2.95 -39.21
CA LYS F 151 15.01 -3.73 -38.58
C LYS F 151 15.48 -4.48 -37.35
N LEU F 152 16.59 -4.04 -36.75
CA LEU F 152 17.14 -4.67 -35.55
C LEU F 152 17.11 -3.73 -34.36
N LEU F 153 17.63 -2.52 -34.50
CA LEU F 153 17.63 -1.57 -33.39
C LEU F 153 17.74 -0.16 -33.94
N ASP F 154 17.26 0.79 -33.16
CA ASP F 154 17.42 2.20 -33.48
C ASP F 154 18.81 2.67 -33.12
N TYR F 155 19.35 3.58 -33.93
CA TYR F 155 20.64 4.18 -33.63
C TYR F 155 20.43 5.55 -32.97
N GLU F 156 19.81 5.48 -31.80
CA GLU F 156 19.44 6.67 -31.04
C GLU F 156 19.86 6.50 -29.59
N VAL F 157 20.25 7.62 -28.97
CA VAL F 157 20.78 7.58 -27.61
C VAL F 157 19.66 7.32 -26.62
N ASP F 158 19.89 6.35 -25.73
CA ASP F 158 18.92 6.02 -24.70
C ASP F 158 19.43 6.23 -23.28
N SER F 159 20.71 6.54 -23.10
CA SER F 159 21.24 6.75 -21.75
C SER F 159 20.62 7.98 -21.11
N ASP F 160 20.49 9.07 -21.87
CA ASP F 160 19.95 10.30 -21.30
C ASP F 160 18.49 10.14 -20.89
N GLU F 161 17.69 9.51 -21.75
CA GLU F 161 16.27 9.37 -21.45
C GLU F 161 16.04 8.45 -20.25
N GLU F 162 16.79 7.36 -20.16
CA GLU F 162 16.66 6.48 -19.00
C GLU F 162 17.12 7.17 -17.73
N TRP F 163 18.24 7.89 -17.79
CA TRP F 163 18.83 8.49 -16.60
C TRP F 163 19.25 9.91 -16.94
N GLU F 164 18.34 10.85 -16.69
CA GLU F 164 18.67 12.27 -16.65
C GLU F 164 18.73 12.64 -15.16
N GLU F 165 19.92 12.44 -14.58
CA GLU F 165 20.11 12.49 -13.14
C GLU F 165 19.70 13.82 -12.53
N GLU F 166 20.43 14.89 -12.87
CA GLU F 166 20.14 16.27 -12.49
C GLU F 166 19.66 16.41 -11.04
N GLU F 167 20.20 15.58 -10.15
CA GLU F 167 19.73 15.51 -8.77
C GLU F 167 20.91 15.33 -7.84
N PRO F 168 20.76 15.69 -6.57
CA PRO F 168 21.86 15.48 -5.61
C PRO F 168 22.02 14.00 -5.25
N GLY F 169 22.65 13.24 -6.13
CA GLY F 169 22.90 11.83 -5.88
C GLY F 169 23.97 11.55 -4.87
N GLU F 170 24.61 12.60 -4.34
CA GLU F 170 25.57 12.51 -3.24
C GLU F 170 26.89 11.88 -3.69
N SER F 171 26.95 11.44 -4.95
CA SER F 171 28.15 10.85 -5.54
C SER F 171 28.65 9.69 -4.69
N LEU F 172 27.78 8.70 -4.50
CA LEU F 172 28.08 7.55 -3.68
C LEU F 172 29.02 6.57 -4.38
N SER F 173 29.31 6.80 -5.66
CA SER F 173 30.14 5.89 -6.44
C SER F 173 31.45 5.56 -5.74
N HIS F 174 32.29 6.57 -5.50
CA HIS F 174 33.60 6.34 -4.88
C HIS F 174 34.03 7.59 -4.14
N SER F 175 35.25 7.53 -3.59
CA SER F 175 36.05 8.64 -3.08
C SER F 175 35.48 9.29 -1.83
N GLU F 176 34.34 8.81 -1.32
CA GLU F 176 33.75 9.46 -0.15
C GLU F 176 32.82 8.49 0.55
N GLY F 177 32.91 8.45 1.88
CA GLY F 177 31.92 7.76 2.68
C GLY F 177 32.36 6.42 3.24
N ASP F 178 33.07 5.64 2.43
CA ASP F 178 33.48 4.32 2.86
C ASP F 178 34.49 4.39 4.01
N ASP F 179 35.42 5.34 3.95
CA ASP F 179 36.45 5.46 4.97
C ASP F 179 35.98 6.20 6.21
N ASP F 180 34.89 6.96 6.14
CA ASP F 180 34.43 7.73 7.28
C ASP F 180 33.84 6.82 8.36
N ASP F 181 34.24 7.06 9.61
CA ASP F 181 33.71 6.30 10.73
C ASP F 181 33.83 7.16 11.99
N ASP F 182 33.05 6.79 13.00
CA ASP F 182 33.00 7.52 14.26
C ASP F 182 33.01 6.57 15.43
N MET F 183 33.72 6.96 16.49
CA MET F 183 33.80 6.20 17.73
C MET F 183 32.99 6.89 18.80
N GLY F 184 32.64 6.13 19.84
CA GLY F 184 31.90 6.67 20.96
C GLY F 184 32.02 5.77 22.18
N GLU F 185 31.49 6.26 23.30
CA GLU F 185 31.44 5.50 24.55
C GLU F 185 30.03 5.56 25.11
N ASP F 186 29.69 4.61 25.97
CA ASP F 186 28.35 4.49 26.51
C ASP F 186 28.38 4.25 28.02
N GLU F 187 27.18 4.21 28.59
CA GLU F 187 26.97 3.76 29.97
C GLU F 187 26.17 2.46 29.92
N ASP F 188 26.70 1.43 30.58
CA ASP F 188 26.03 0.13 30.58
C ASP F 188 25.90 -0.43 31.99
N GLU F 189 25.62 0.44 32.95
CA GLU F 189 25.48 0.04 34.35
C GLU F 189 24.04 -0.03 34.81
N ASP F 190 23.13 0.70 34.17
CA ASP F 190 21.73 0.70 34.59
C ASP F 190 21.01 -0.56 34.10
N ASP F 191 20.95 -0.74 32.79
CA ASP F 191 20.31 -1.89 32.17
C ASP F 191 21.39 -2.66 31.42
N GLY F 192 22.01 -3.64 32.10
CA GLY F 192 23.10 -4.38 31.51
C GLY F 192 22.70 -5.27 30.35
N PHE F 193 23.17 -4.92 29.16
CA PHE F 193 22.92 -5.71 27.95
C PHE F 193 24.07 -6.67 27.70
N PHE F 194 24.31 -7.54 28.67
CA PHE F 194 25.46 -8.43 28.65
C PHE F 194 25.04 -9.83 29.07
N VAL F 195 25.90 -10.80 28.71
CA VAL F 195 25.64 -12.19 29.10
C VAL F 195 25.65 -12.36 30.63
N PRO F 196 26.69 -11.91 31.37
CA PRO F 196 26.64 -12.10 32.83
C PRO F 196 25.56 -11.25 33.49
N HIS F 197 25.47 -9.98 33.09
CA HIS F 197 24.45 -9.11 33.66
C HIS F 197 23.05 -9.56 33.27
N GLY F 198 22.88 -10.00 32.03
CA GLY F 198 21.59 -10.52 31.63
C GLY F 198 21.20 -11.75 32.42
N TYR F 199 22.15 -12.66 32.63
CA TYR F 199 21.87 -13.84 33.44
C TYR F 199 21.51 -13.46 34.87
N LEU F 200 22.24 -12.49 35.43
CA LEU F 200 21.95 -12.04 36.78
C LEU F 200 20.57 -11.40 36.89
N SER F 201 20.21 -10.56 35.92
CA SER F 201 18.90 -9.94 35.93
C SER F 201 17.80 -11.00 35.79
N GLU F 202 18.03 -11.99 34.92
CA GLU F 202 17.06 -13.05 34.74
C GLU F 202 16.89 -13.89 36.01
N ASP F 203 17.99 -14.20 36.69
CA ASP F 203 17.93 -15.01 37.91
C ASP F 203 17.31 -14.23 39.06
N GLU F 204 17.59 -12.93 39.15
CA GLU F 204 17.00 -12.13 40.21
C GLU F 204 15.51 -11.93 39.99
N GLY F 205 15.13 -11.55 38.77
CA GLY F 205 13.72 -11.35 38.48
C GLY F 205 12.93 -12.65 38.53
N VAL F 206 13.48 -13.72 37.97
CA VAL F 206 12.81 -15.00 37.89
C VAL F 206 13.59 -16.01 38.71
N THR F 207 12.92 -16.60 39.70
CA THR F 207 13.52 -17.60 40.58
C THR F 207 12.82 -18.93 40.39
N GLU F 208 13.59 -20.00 40.23
CA GLU F 208 13.08 -21.34 40.00
C GLU F 208 13.67 -22.30 41.03
N GLU F 209 13.29 -23.57 40.91
CA GLU F 209 13.75 -24.61 41.83
C GLU F 209 15.09 -25.17 41.33
N CYS F 210 16.09 -24.30 41.34
CA CYS F 210 17.43 -24.64 40.90
C CYS F 210 18.44 -24.21 41.93
N ALA F 211 19.43 -25.07 42.19
CA ALA F 211 20.47 -24.75 43.16
C ALA F 211 21.37 -23.64 42.64
N ASP F 212 21.86 -22.81 43.56
CA ASP F 212 22.78 -21.74 43.20
C ASP F 212 24.05 -22.27 42.54
N PRO F 213 24.72 -23.31 43.04
CA PRO F 213 25.86 -23.85 42.29
C PRO F 213 25.48 -24.34 40.91
N GLU F 214 24.29 -24.93 40.75
CA GLU F 214 23.82 -25.33 39.43
C GLU F 214 23.63 -24.12 38.53
N ASN F 215 23.08 -23.03 39.08
CA ASN F 215 22.91 -21.81 38.29
C ASN F 215 24.26 -21.24 37.85
N HIS F 216 25.24 -21.26 38.75
CA HIS F 216 26.58 -20.79 38.40
C HIS F 216 27.19 -21.67 37.31
N LYS F 217 27.04 -23.00 37.43
CA LYS F 217 27.56 -23.89 36.40
C LYS F 217 26.89 -23.66 35.06
N VAL F 218 25.57 -23.45 35.06
CA VAL F 218 24.85 -23.19 33.82
C VAL F 218 25.30 -21.88 33.19
N ARG F 219 25.47 -20.85 34.02
CA ARG F 219 25.95 -19.56 33.50
C ARG F 219 27.34 -19.69 32.91
N GLN F 220 28.22 -20.43 33.60
CA GLN F 220 29.57 -20.65 33.07
C GLN F 220 29.54 -21.41 31.76
N LYS F 221 28.69 -22.44 31.66
CA LYS F 221 28.59 -23.20 30.43
C LYS F 221 28.05 -22.34 29.29
N LEU F 222 27.05 -21.50 29.56
CA LEU F 222 26.50 -20.64 28.53
C LEU F 222 27.53 -19.61 28.07
N LYS F 223 28.27 -19.02 29.01
CA LYS F 223 29.33 -18.09 28.65
C LYS F 223 30.41 -18.77 27.82
N ALA F 224 30.77 -20.01 28.19
CA ALA F 224 31.76 -20.76 27.41
C ALA F 224 31.24 -21.04 26.00
N LYS F 225 29.95 -21.38 25.88
CA LYS F 225 29.37 -21.61 24.56
C LYS F 225 29.39 -20.33 23.72
N GLU F 226 29.06 -19.20 24.33
CA GLU F 226 29.11 -17.93 23.60
C GLU F 226 30.53 -17.60 23.17
N TRP F 227 31.51 -17.83 24.04
CA TRP F 227 32.90 -17.56 23.67
C TRP F 227 33.37 -18.48 22.56
N ASP F 228 32.98 -19.76 22.62
CA ASP F 228 33.34 -20.69 21.55
C ASP F 228 32.68 -20.29 20.24
N GLU F 229 31.44 -19.82 20.30
CA GLU F 229 30.78 -19.31 19.10
C GLU F 229 31.54 -18.11 18.54
N PHE F 230 31.97 -17.19 19.41
CA PHE F 230 32.72 -16.03 18.96
C PHE F 230 34.05 -16.44 18.32
N LEU F 231 34.72 -17.43 18.91
CA LEU F 231 35.97 -17.93 18.33
C LEU F 231 35.74 -18.59 16.97
N ALA F 232 34.68 -19.39 16.87
CA ALA F 232 34.36 -20.08 15.62
C ALA F 232 33.75 -19.15 14.58
N LYS F 233 33.43 -17.91 14.96
CA LYS F 233 32.93 -16.94 13.99
C LYS F 233 33.94 -16.69 12.89
N GLY F 234 35.23 -16.89 13.17
CA GLY F 234 36.26 -16.73 12.16
C GLY F 234 36.29 -17.83 11.13
N LYS F 235 35.57 -18.93 11.36
CA LYS F 235 35.48 -19.98 10.35
C LYS F 235 34.82 -19.47 9.08
N ARG F 236 33.79 -18.63 9.23
CA ARG F 236 33.06 -18.01 8.12
C ARG F 236 32.44 -19.14 7.30
N PHE F 237 32.48 -19.09 5.98
CA PHE F 237 31.87 -20.13 5.16
C PHE F 237 32.72 -21.38 5.18
N ARG F 238 32.05 -22.53 5.33
CA ARG F 238 32.75 -23.82 5.35
C ARG F 238 31.84 -24.83 4.67
N VAL F 239 32.25 -25.30 3.48
CA VAL F 239 31.47 -26.29 2.76
C VAL F 239 31.45 -27.58 3.58
N LEU F 240 30.23 -28.05 3.88
CA LEU F 240 30.03 -29.20 4.74
C LEU F 240 29.46 -30.35 3.90
N GLN F 241 30.10 -31.49 3.97
CA GLN F 241 29.74 -32.65 3.17
C GLN F 241 28.65 -33.46 3.86
N PRO F 242 27.66 -33.95 3.12
CA PRO F 242 26.60 -34.74 3.75
C PRO F 242 27.11 -36.11 4.17
N VAL F 243 26.62 -36.59 5.30
CA VAL F 243 27.04 -37.87 5.87
C VAL F 243 25.83 -38.76 5.99
N LYS F 244 26.00 -40.04 5.65
CA LYS F 244 24.95 -41.04 5.72
C LYS F 244 25.53 -42.35 6.22
N ILE F 245 24.87 -42.95 7.21
CA ILE F 245 25.28 -44.24 7.75
C ILE F 245 24.23 -45.28 7.37
N GLY F 246 24.68 -46.35 6.72
CA GLY F 246 23.78 -47.37 6.23
C GLY F 246 23.22 -48.23 7.34
N CYS F 247 22.38 -49.18 6.93
CA CYS F 247 21.72 -50.10 7.86
C CYS F 247 22.72 -51.18 8.28
N VAL F 248 23.47 -50.88 9.32
CA VAL F 248 24.37 -51.86 9.93
C VAL F 248 23.68 -52.45 11.16
N TRP F 249 23.73 -53.77 11.28
CA TRP F 249 23.02 -54.49 12.33
C TRP F 249 23.99 -55.38 13.08
N ALA F 250 23.62 -55.72 14.31
CA ALA F 250 24.48 -56.57 15.14
C ALA F 250 24.67 -57.96 14.53
N ALA F 251 23.75 -58.40 13.68
CA ALA F 251 23.90 -59.71 13.05
C ALA F 251 25.14 -59.75 12.16
N ASP F 252 25.37 -58.70 11.38
CA ASP F 252 26.54 -58.66 10.50
C ASP F 252 27.80 -58.34 11.29
N ARG F 253 28.89 -59.01 10.93
CA ARG F 253 30.19 -58.76 11.53
C ARG F 253 31.26 -58.36 10.52
N ASP F 254 30.96 -58.40 9.22
CA ASP F 254 31.93 -58.05 8.18
C ASP F 254 31.85 -56.58 7.79
N CYS F 255 31.00 -55.79 8.45
CA CYS F 255 30.89 -54.38 8.17
C CYS F 255 32.15 -53.65 8.67
N ALA F 256 32.26 -52.39 8.27
CA ALA F 256 33.38 -51.56 8.69
C ALA F 256 33.36 -51.35 10.20
N GLY F 257 34.53 -51.36 10.83
CA GLY F 257 34.61 -51.08 12.25
C GLY F 257 34.43 -49.61 12.57
N ASP F 258 34.68 -48.74 11.60
CA ASP F 258 34.57 -47.30 11.83
C ASP F 258 33.12 -46.90 12.12
N ASP F 259 32.18 -47.30 11.26
CA ASP F 259 30.79 -46.93 11.52
C ASP F 259 30.25 -47.66 12.73
N LEU F 260 30.75 -48.87 12.98
CA LEU F 260 30.38 -49.58 14.20
C LEU F 260 30.77 -48.81 15.45
N LYS F 261 32.00 -48.30 15.50
CA LYS F 261 32.41 -47.54 16.68
C LYS F 261 31.71 -46.19 16.72
N VAL F 262 31.40 -45.62 15.56
CA VAL F 262 30.67 -44.35 15.52
C VAL F 262 29.28 -44.51 16.13
N LEU F 263 28.57 -45.56 15.73
CA LEU F 263 27.24 -45.80 16.30
C LEU F 263 27.32 -46.31 17.73
N GLN F 264 28.43 -46.96 18.10
CA GLN F 264 28.65 -47.33 19.49
C GLN F 264 28.80 -46.08 20.34
N GLN F 265 29.45 -45.05 19.81
CA GLN F 265 29.49 -43.76 20.48
C GLN F 265 28.09 -43.25 20.77
N PHE F 266 27.13 -43.56 19.91
CA PHE F 266 25.72 -43.34 20.20
C PHE F 266 25.08 -44.56 20.82
N ALA F 267 25.42 -44.88 22.07
CA ALA F 267 24.76 -45.98 22.75
C ALA F 267 23.47 -45.49 23.40
N ALA F 268 22.58 -46.43 23.67
CA ALA F 268 21.36 -46.16 24.43
C ALA F 268 21.62 -46.50 25.89
N CYS F 269 21.60 -45.47 26.75
CA CYS F 269 21.93 -45.63 28.16
C CYS F 269 20.67 -45.89 28.95
N PHE F 270 20.56 -47.09 29.51
CA PHE F 270 19.44 -47.47 30.34
C PHE F 270 19.69 -47.05 31.80
N LEU F 271 18.61 -46.95 32.57
CA LEU F 271 18.69 -46.57 33.97
C LEU F 271 17.98 -47.61 34.83
N GLU F 272 18.53 -47.86 36.01
CA GLU F 272 17.95 -48.84 36.93
C GLU F 272 16.84 -48.21 37.78
N ALA G 2 60.43 11.03 -32.82
CA ALA G 2 59.89 9.70 -32.55
C ALA G 2 58.39 9.67 -32.79
N ARG G 3 57.62 9.97 -31.73
CA ARG G 3 56.17 9.97 -31.79
C ARG G 3 55.64 11.34 -31.36
N THR G 4 54.72 11.88 -32.15
CA THR G 4 54.09 13.14 -31.78
C THR G 4 53.13 12.92 -30.63
N LYS G 5 53.32 13.68 -29.56
CA LYS G 5 52.50 13.57 -28.36
C LYS G 5 51.55 14.76 -28.28
N GLN G 6 50.47 14.58 -27.52
CA GLN G 6 49.46 15.61 -27.34
C GLN G 6 49.16 15.79 -25.87
N THR G 7 48.81 17.02 -25.51
CA THR G 7 48.55 17.37 -24.12
C THR G 7 47.22 16.79 -23.68
N ALA G 8 47.24 16.09 -22.54
CA ALA G 8 46.00 15.56 -22.00
C ALA G 8 45.15 16.70 -21.44
N ARG G 9 43.84 16.47 -21.42
CA ARG G 9 42.89 17.45 -20.93
C ARG G 9 42.28 16.96 -19.62
N LYS G 10 41.98 17.89 -18.73
CA LYS G 10 41.52 17.54 -17.40
C LYS G 10 40.19 16.80 -17.47
N SER G 11 40.08 15.72 -16.71
CA SER G 11 38.91 14.87 -16.70
C SER G 11 38.05 15.20 -15.49
N THR G 12 36.78 15.49 -15.74
CA THR G 12 35.83 15.80 -14.67
C THR G 12 34.68 14.81 -14.66
N LYS G 37 3.70 -9.09 -11.04
CA LYS G 37 5.13 -9.07 -11.36
C LYS G 37 5.94 -8.72 -10.12
N LYS G 38 5.38 -7.85 -9.29
CA LYS G 38 6.09 -7.39 -8.10
C LYS G 38 6.48 -8.54 -7.18
N PRO G 39 5.60 -9.48 -6.81
CA PRO G 39 6.04 -10.65 -6.04
C PRO G 39 6.63 -11.71 -6.96
N HIS G 40 7.95 -11.88 -6.92
CA HIS G 40 8.65 -12.76 -7.84
C HIS G 40 8.74 -14.18 -7.29
N ARG G 41 7.57 -14.80 -7.14
CA ARG G 41 7.50 -16.16 -6.63
C ARG G 41 8.11 -17.13 -7.64
N TYR G 42 8.84 -18.12 -7.13
CA TYR G 42 9.49 -19.12 -7.95
C TYR G 42 8.61 -20.35 -8.04
N ARG G 43 8.58 -20.96 -9.23
CA ARG G 43 7.69 -22.08 -9.47
C ARG G 43 8.16 -23.32 -8.72
N PRO G 44 7.24 -24.22 -8.36
CA PRO G 44 7.64 -25.40 -7.57
C PRO G 44 8.69 -26.26 -8.24
N GLY G 45 8.66 -26.34 -9.57
CA GLY G 45 9.65 -27.13 -10.28
C GLY G 45 10.77 -26.28 -10.84
N THR G 46 11.84 -26.93 -11.29
CA THR G 46 12.97 -26.30 -11.97
C THR G 46 13.64 -25.24 -11.13
N VAL G 47 13.51 -25.31 -9.82
CA VAL G 47 14.16 -24.37 -8.92
C VAL G 47 15.00 -25.19 -7.96
N ALA G 48 16.32 -25.21 -8.22
CA ALA G 48 17.28 -25.93 -7.40
C ALA G 48 18.36 -24.99 -6.88
N LEU G 49 17.97 -23.77 -6.52
CA LEU G 49 18.92 -22.78 -6.05
C LEU G 49 19.59 -23.25 -4.77
N ARG G 50 20.90 -23.06 -4.67
CA ARG G 50 21.64 -23.49 -3.50
C ARG G 50 22.62 -22.40 -3.07
N GLU G 51 22.10 -21.17 -2.96
CA GLU G 51 22.89 -20.02 -2.52
C GLU G 51 23.34 -20.12 -1.08
N ILE G 52 24.53 -19.58 -0.79
CA ILE G 52 25.16 -19.80 0.51
C ILE G 52 25.16 -18.56 1.39
N ARG G 53 25.24 -17.36 0.80
CA ARG G 53 25.61 -16.18 1.58
C ARG G 53 24.59 -15.90 2.67
N ARG G 54 23.31 -15.77 2.32
CA ARG G 54 22.30 -15.63 3.37
C ARG G 54 22.12 -16.93 4.13
N TYR G 55 22.52 -18.05 3.54
CA TYR G 55 22.41 -19.33 4.21
C TYR G 55 23.52 -19.47 5.26
N GLN G 56 24.19 -18.35 5.57
CA GLN G 56 24.97 -18.17 6.77
C GLN G 56 24.84 -16.72 7.22
N LYS G 57 25.11 -16.47 8.51
CA LYS G 57 25.05 -15.11 9.02
C LYS G 57 26.29 -14.34 8.57
N SER G 58 26.10 -13.05 8.27
CA SER G 58 27.18 -12.23 7.74
C SER G 58 28.18 -11.79 8.80
N THR G 59 27.75 -11.64 10.06
CA THR G 59 28.60 -11.13 11.14
C THR G 59 29.20 -9.78 10.78
N GLU G 60 28.45 -8.97 10.03
CA GLU G 60 28.90 -7.65 9.59
C GLU G 60 27.82 -6.66 10.00
N LEU G 61 27.92 -6.16 11.24
CA LEU G 61 26.86 -5.31 11.78
C LEU G 61 26.72 -4.02 10.97
N LEU G 62 27.83 -3.31 10.76
CA LEU G 62 27.83 -2.14 9.88
C LEU G 62 26.85 -1.06 10.34
N ILE G 63 26.27 -1.25 11.52
CA ILE G 63 25.48 -0.23 12.20
C ILE G 63 26.14 0.05 13.53
N ARG G 64 26.34 1.33 13.83
CA ARG G 64 26.86 1.70 15.14
C ARG G 64 25.96 1.10 16.21
N LYS G 65 26.51 0.13 16.93
CA LYS G 65 25.72 -0.62 17.91
C LYS G 65 25.07 0.30 18.92
N LEU G 66 25.73 1.40 19.24
CA LEU G 66 25.34 2.14 20.45
C LEU G 66 24.14 3.05 20.24
N PRO G 67 24.05 3.87 19.19
CA PRO G 67 22.80 4.60 18.99
C PRO G 67 21.63 3.66 18.79
N PHE G 68 21.85 2.53 18.12
CA PHE G 68 20.82 1.53 17.97
C PHE G 68 20.35 1.01 19.32
N GLN G 69 21.30 0.67 20.20
CA GLN G 69 20.96 0.18 21.53
C GLN G 69 20.17 1.20 22.33
N ARG G 70 20.69 2.43 22.40
CA ARG G 70 19.98 3.47 23.12
C ARG G 70 18.58 3.64 22.53
N LEU G 71 18.48 3.59 21.20
CA LEU G 71 17.22 3.87 20.53
C LEU G 71 16.18 2.82 20.85
N VAL G 72 16.59 1.55 20.77
CA VAL G 72 15.75 0.43 21.15
C VAL G 72 15.35 0.54 22.62
N ARG G 73 16.31 0.85 23.48
CA ARG G 73 16.04 1.02 24.91
C ARG G 73 14.97 2.07 25.14
N GLU G 74 15.06 3.18 24.42
CA GLU G 74 14.13 4.27 24.63
C GLU G 74 12.72 3.91 24.18
N ILE G 75 12.59 3.29 23.00
CA ILE G 75 11.28 2.84 22.57
C ILE G 75 10.75 1.77 23.53
N ALA G 76 11.66 1.00 24.15
CA ALA G 76 11.25 -0.01 25.10
C ALA G 76 10.58 0.61 26.31
N GLN G 77 11.23 1.60 26.93
CA GLN G 77 10.56 2.35 28.00
C GLN G 77 9.28 3.01 27.49
N ASP G 78 9.27 3.42 26.22
CA ASP G 78 8.03 3.94 25.65
C ASP G 78 6.92 2.92 25.74
N PHE G 79 7.24 1.65 25.51
CA PHE G 79 6.18 0.64 25.49
C PHE G 79 5.93 0.07 26.87
N LYS G 80 6.99 -0.13 27.65
CA LYS G 80 6.83 -0.67 29.00
C LYS G 80 8.07 -0.35 29.81
N THR G 81 7.98 -0.51 31.12
CA THR G 81 9.12 -0.45 32.01
C THR G 81 9.29 -1.81 32.66
N ASP G 82 10.30 -1.91 33.53
CA ASP G 82 10.62 -3.15 34.24
C ASP G 82 10.83 -4.30 33.24
N LEU G 83 11.89 -4.18 32.47
CA LEU G 83 12.17 -5.12 31.39
C LEU G 83 13.66 -5.07 31.05
N ARG G 84 14.19 -6.21 30.63
CA ARG G 84 15.60 -6.35 30.29
C ARG G 84 15.76 -7.04 28.94
N PHE G 85 16.93 -6.85 28.35
CA PHE G 85 17.26 -7.38 27.03
C PHE G 85 18.48 -8.27 27.14
N GLN G 86 18.87 -8.85 26.01
CA GLN G 86 20.13 -9.58 25.90
C GLN G 86 20.87 -9.09 24.66
N SER G 87 22.20 -9.10 24.76
CA SER G 87 23.03 -8.71 23.63
C SER G 87 22.67 -9.52 22.40
N SER G 88 22.39 -10.81 22.59
CA SER G 88 21.94 -11.65 21.50
C SER G 88 20.63 -11.15 20.92
N ALA G 89 19.67 -10.80 21.77
CA ALA G 89 18.38 -10.33 21.28
C ALA G 89 18.56 -9.06 20.46
N VAL G 90 19.35 -8.13 20.96
CA VAL G 90 19.49 -6.85 20.27
C VAL G 90 20.26 -7.02 18.96
N MET G 91 21.30 -7.85 18.96
CA MET G 91 22.01 -8.06 17.71
C MET G 91 21.09 -8.74 16.70
N ALA G 92 20.24 -9.64 17.17
CA ALA G 92 19.25 -10.26 16.30
C ALA G 92 18.34 -9.21 15.70
N LEU G 93 17.91 -8.28 16.56
CA LEU G 93 17.16 -7.12 16.07
C LEU G 93 17.91 -6.46 14.94
N GLN G 94 19.23 -6.34 15.10
CA GLN G 94 20.06 -5.72 14.07
C GLN G 94 19.91 -6.44 12.74
N GLU G 95 20.34 -7.70 12.66
CA GLU G 95 20.33 -8.32 11.34
C GLU G 95 18.93 -8.32 10.76
N ALA G 96 17.91 -8.46 11.62
CA ALA G 96 16.55 -8.28 11.14
C ALA G 96 16.40 -6.95 10.44
N CYS G 97 16.90 -5.89 11.08
CA CYS G 97 16.83 -4.57 10.48
C CYS G 97 17.40 -4.60 9.07
N GLU G 98 18.71 -4.83 8.96
CA GLU G 98 19.32 -4.58 7.66
C GLU G 98 18.85 -5.57 6.62
N ALA G 99 18.47 -6.78 7.04
CA ALA G 99 17.90 -7.73 6.08
C ALA G 99 16.61 -7.18 5.50
N TYR G 100 15.72 -6.70 6.36
CA TYR G 100 14.49 -6.12 5.85
C TYR G 100 14.81 -4.92 4.98
N LEU G 101 15.81 -4.14 5.37
CA LEU G 101 16.23 -2.99 4.62
C LEU G 101 16.62 -3.37 3.21
N VAL G 102 17.49 -4.35 3.07
CA VAL G 102 18.01 -4.69 1.75
C VAL G 102 16.89 -5.29 0.90
N GLY G 103 16.00 -6.06 1.52
CA GLY G 103 14.83 -6.51 0.78
C GLY G 103 14.10 -5.32 0.17
N LEU G 104 13.79 -4.32 1.01
CA LEU G 104 13.24 -3.08 0.49
C LEU G 104 14.11 -2.52 -0.61
N PHE G 105 15.42 -2.69 -0.47
CA PHE G 105 16.32 -1.81 -1.17
C PHE G 105 16.44 -2.24 -2.63
N GLU G 106 16.64 -3.54 -2.85
CA GLU G 106 16.53 -4.02 -4.23
C GLU G 106 15.09 -4.02 -4.74
N ASP G 107 14.09 -4.04 -3.85
CA ASP G 107 12.74 -3.78 -4.36
C ASP G 107 12.68 -2.38 -4.97
N THR G 108 13.30 -1.40 -4.32
CA THR G 108 13.35 -0.05 -4.87
C THR G 108 14.19 -0.01 -6.14
N ASN G 109 15.28 -0.79 -6.18
CA ASN G 109 16.04 -0.89 -7.42
C ASN G 109 15.16 -1.32 -8.58
N LEU G 110 14.42 -2.41 -8.41
CA LEU G 110 13.57 -2.88 -9.51
C LEU G 110 12.49 -1.86 -9.84
N CYS G 111 11.89 -1.25 -8.81
CA CYS G 111 10.86 -0.25 -9.07
C CYS G 111 11.39 0.91 -9.89
N ALA G 112 12.53 1.46 -9.48
CA ALA G 112 13.09 2.63 -10.16
C ALA G 112 13.56 2.29 -11.57
N ILE G 113 14.10 1.09 -11.76
CA ILE G 113 14.45 0.66 -13.10
C ILE G 113 13.20 0.57 -13.97
N HIS G 114 12.14 -0.04 -13.44
CA HIS G 114 10.85 0.01 -14.13
C HIS G 114 10.35 1.45 -14.24
N ALA G 115 10.76 2.30 -13.31
CA ALA G 115 10.38 3.71 -13.34
C ALA G 115 11.30 4.55 -14.22
N LYS G 116 12.28 3.92 -14.88
CA LYS G 116 13.13 4.61 -15.86
C LYS G 116 13.92 5.74 -15.19
N ARG G 117 14.50 5.44 -14.04
CA ARG G 117 15.24 6.44 -13.28
C ARG G 117 16.16 5.76 -12.28
N VAL G 118 17.32 6.38 -12.05
CA VAL G 118 18.31 5.82 -11.15
C VAL G 118 18.33 6.50 -9.78
N THR G 119 17.96 7.76 -9.68
CA THR G 119 17.95 8.45 -8.40
C THR G 119 16.78 7.94 -7.57
N ILE G 120 17.04 7.71 -6.30
CA ILE G 120 16.04 7.09 -5.44
C ILE G 120 15.16 8.13 -4.79
N MET G 121 13.86 7.98 -4.97
CA MET G 121 12.86 8.88 -4.42
C MET G 121 12.11 8.19 -3.30
N PRO G 122 11.63 8.94 -2.31
CA PRO G 122 10.82 8.32 -1.24
C PRO G 122 9.61 7.57 -1.75
N LYS G 123 8.97 8.07 -2.81
CA LYS G 123 7.83 7.36 -3.38
C LYS G 123 8.22 5.94 -3.79
N ASP G 124 9.48 5.76 -4.19
CA ASP G 124 9.97 4.41 -4.48
C ASP G 124 9.86 3.53 -3.24
N ILE G 125 10.26 4.07 -2.09
CA ILE G 125 10.21 3.30 -0.85
C ILE G 125 8.77 2.95 -0.51
N GLN G 126 7.87 3.92 -0.55
CA GLN G 126 6.47 3.60 -0.24
C GLN G 126 5.89 2.58 -1.22
N LEU G 127 6.23 2.70 -2.50
CA LEU G 127 5.69 1.76 -3.48
C LEU G 127 6.20 0.36 -3.24
N ALA G 128 7.48 0.22 -2.94
CA ALA G 128 8.03 -1.10 -2.60
C ALA G 128 7.41 -1.62 -1.32
N ARG G 129 7.23 -0.73 -0.34
CA ARG G 129 6.61 -1.08 0.93
C ARG G 129 5.22 -1.67 0.71
N ARG G 130 4.44 -1.05 -0.17
CA ARG G 130 3.11 -1.58 -0.46
C ARG G 130 3.20 -2.84 -1.31
N ILE G 131 4.25 -2.96 -2.13
CA ILE G 131 4.48 -4.22 -2.84
C ILE G 131 4.61 -5.36 -1.84
N ARG G 132 5.29 -5.12 -0.73
CA ARG G 132 5.38 -6.15 0.30
C ARG G 132 4.02 -6.46 0.92
N GLY G 133 3.15 -5.46 1.03
CA GLY G 133 1.93 -5.58 1.81
C GLY G 133 1.95 -4.89 3.15
N GLU G 134 3.02 -4.15 3.47
CA GLU G 134 2.97 -3.24 4.60
C GLU G 134 2.01 -2.09 4.34
N VAL H 22 15.83 14.77 28.12
CA VAL H 22 17.21 14.30 27.99
C VAL H 22 17.28 13.07 27.09
N LEU H 23 16.60 12.02 27.50
CA LEU H 23 16.61 10.76 26.75
C LEU H 23 15.47 10.70 25.73
N ARG H 24 15.41 11.70 24.84
CA ARG H 24 14.35 11.73 23.84
C ARG H 24 14.81 12.32 22.50
N ASP H 25 16.11 12.43 22.27
CA ASP H 25 16.64 13.10 21.08
C ASP H 25 17.65 12.21 20.36
N ASN H 26 17.31 10.93 20.21
CA ASN H 26 18.18 9.97 19.54
C ASN H 26 17.60 9.50 18.21
N ILE H 27 16.64 10.24 17.65
CA ILE H 27 16.07 9.89 16.36
C ILE H 27 17.15 9.96 15.28
N GLN H 28 18.01 10.96 15.35
CA GLN H 28 19.11 11.11 14.41
C GLN H 28 20.30 10.25 14.77
N GLY H 29 20.15 9.35 15.74
CA GLY H 29 21.25 8.49 16.12
C GLY H 29 21.76 7.63 14.99
N ILE H 30 20.90 7.34 14.01
CA ILE H 30 21.32 6.64 12.81
C ILE H 30 22.34 7.49 12.08
N THR H 31 23.53 6.94 11.87
CA THR H 31 24.59 7.71 11.23
C THR H 31 24.46 7.67 9.72
N LYS H 32 24.76 8.79 9.09
CA LYS H 32 24.85 8.83 7.63
C LYS H 32 25.82 7.79 7.07
N PRO H 33 27.00 7.56 7.66
CA PRO H 33 27.85 6.46 7.15
C PRO H 33 27.14 5.11 7.18
N ALA H 34 26.37 4.83 8.23
CA ALA H 34 25.60 3.60 8.24
C ALA H 34 24.60 3.57 7.09
N ILE H 35 23.94 4.70 6.85
CA ILE H 35 22.95 4.77 5.78
C ILE H 35 23.60 4.48 4.43
N ARG H 36 24.69 5.17 4.14
CA ARG H 36 25.36 4.96 2.86
C ARG H 36 25.95 3.56 2.77
N ARG H 37 26.32 2.96 3.90
CA ARG H 37 26.86 1.62 3.85
C ARG H 37 25.77 0.59 3.54
N LEU H 38 24.58 0.77 4.10
CA LEU H 38 23.43 0.00 3.64
C LEU H 38 23.19 0.20 2.15
N ALA H 39 23.29 1.44 1.70
CA ALA H 39 23.11 1.71 0.27
C ALA H 39 24.15 0.94 -0.55
N ARG H 40 25.39 0.89 -0.07
CA ARG H 40 26.44 0.17 -0.79
C ARG H 40 26.18 -1.33 -0.78
N ARG H 41 25.83 -1.91 0.38
CA ARG H 41 25.65 -3.36 0.40
C ARG H 41 24.54 -3.80 -0.53
N GLY H 42 23.44 -3.06 -0.60
CA GLY H 42 22.44 -3.47 -1.55
C GLY H 42 22.78 -3.15 -2.99
N GLY H 43 23.62 -2.15 -3.25
CA GLY H 43 24.17 -1.94 -4.58
C GLY H 43 23.74 -0.71 -5.35
N VAL H 44 22.97 0.21 -4.76
CA VAL H 44 22.68 1.46 -5.48
C VAL H 44 23.94 2.28 -5.64
N LYS H 45 23.84 3.29 -6.50
CA LYS H 45 24.92 4.20 -6.82
C LYS H 45 24.57 5.67 -6.61
N ARG H 46 23.31 6.05 -6.79
CA ARG H 46 22.85 7.43 -6.59
C ARG H 46 21.81 7.45 -5.48
N ILE H 47 22.06 8.27 -4.45
CA ILE H 47 21.23 8.31 -3.25
C ILE H 47 20.65 9.70 -3.10
N SER H 48 19.39 9.77 -2.67
CA SER H 48 18.80 11.05 -2.30
C SER H 48 19.44 11.55 -1.01
N GLY H 49 19.67 12.85 -0.96
CA GLY H 49 20.23 13.43 0.25
C GLY H 49 19.25 13.60 1.37
N LEU H 50 17.96 13.66 1.07
CA LEU H 50 16.91 13.81 2.06
C LEU H 50 16.30 12.47 2.43
N ILE H 51 16.57 11.41 1.66
CA ILE H 51 15.95 10.13 1.88
C ILE H 51 16.32 9.53 3.23
N TYR H 52 17.37 10.07 3.86
CA TYR H 52 17.90 9.46 5.07
C TYR H 52 16.87 9.48 6.19
N GLU H 53 16.16 10.60 6.34
CA GLU H 53 15.11 10.66 7.35
C GLU H 53 14.01 9.66 7.05
N GLU H 54 13.66 9.49 5.78
CA GLU H 54 12.67 8.48 5.41
C GLU H 54 13.14 7.09 5.77
N THR H 55 14.42 6.80 5.51
CA THR H 55 14.98 5.51 5.89
C THR H 55 14.87 5.32 7.39
N ARG H 56 15.22 6.34 8.17
CA ARG H 56 15.17 6.24 9.61
C ARG H 56 13.73 6.03 10.08
N GLY H 57 12.77 6.68 9.45
CA GLY H 57 11.38 6.51 9.83
C GLY H 57 10.85 5.12 9.55
N VAL H 58 11.17 4.57 8.38
CA VAL H 58 10.78 3.19 8.09
C VAL H 58 11.44 2.24 9.07
N LEU H 59 12.72 2.46 9.33
CA LEU H 59 13.40 1.75 10.39
C LEU H 59 12.59 1.83 11.67
N LYS H 60 12.16 3.03 12.04
CA LYS H 60 11.46 3.20 13.30
C LYS H 60 10.18 2.41 13.34
N VAL H 61 9.41 2.45 12.26
CA VAL H 61 8.12 1.77 12.30
C VAL H 61 8.32 0.28 12.47
N PHE H 62 9.30 -0.28 11.78
CA PHE H 62 9.50 -1.73 11.89
C PHE H 62 10.17 -2.11 13.20
N LEU H 63 11.09 -1.28 13.69
CA LEU H 63 11.62 -1.50 15.03
C LEU H 63 10.47 -1.58 16.03
N GLU H 64 9.56 -0.61 15.97
CA GLU H 64 8.47 -0.57 16.93
C GLU H 64 7.59 -1.79 16.80
N ASN H 65 7.14 -2.11 15.58
CA ASN H 65 6.27 -3.26 15.40
C ASN H 65 6.93 -4.50 15.95
N VAL H 66 8.20 -4.71 15.58
CA VAL H 66 8.91 -5.89 16.00
C VAL H 66 8.96 -5.96 17.52
N ILE H 67 9.38 -4.87 18.16
CA ILE H 67 9.66 -4.94 19.58
C ILE H 67 8.37 -5.08 20.36
N ARG H 68 7.31 -4.37 19.95
CA ARG H 68 6.04 -4.51 20.65
C ARG H 68 5.50 -5.92 20.53
N ASP H 69 5.63 -6.53 19.35
CA ASP H 69 5.12 -7.88 19.21
C ASP H 69 5.94 -8.87 20.02
N ALA H 70 7.26 -8.64 20.09
CA ALA H 70 8.09 -9.47 20.95
C ALA H 70 7.66 -9.32 22.41
N VAL H 71 7.29 -8.10 22.80
CA VAL H 71 6.76 -7.89 24.15
C VAL H 71 5.49 -8.68 24.35
N THR H 72 4.63 -8.68 23.33
CA THR H 72 3.41 -9.48 23.44
C THR H 72 3.75 -10.93 23.73
N TYR H 73 4.76 -11.45 23.03
CA TYR H 73 5.17 -12.82 23.30
C TYR H 73 5.69 -12.98 24.71
N THR H 74 6.63 -12.12 25.10
CA THR H 74 7.32 -12.32 26.37
C THR H 74 6.35 -12.20 27.54
N GLU H 75 5.47 -11.21 27.48
CA GLU H 75 4.40 -11.11 28.47
C GLU H 75 3.54 -12.36 28.42
N HIS H 76 3.14 -12.76 27.21
CA HIS H 76 2.45 -14.03 27.02
C HIS H 76 3.34 -15.21 27.37
N ALA H 77 4.65 -15.04 27.32
CA ALA H 77 5.58 -16.02 27.86
C ALA H 77 5.69 -15.92 29.36
N LYS H 78 4.97 -14.99 29.99
CA LYS H 78 5.01 -14.77 31.43
C LYS H 78 6.43 -14.46 31.90
N ARG H 79 7.15 -13.67 31.11
CA ARG H 79 8.54 -13.39 31.38
C ARG H 79 8.78 -11.89 31.33
N LYS H 80 9.82 -11.47 32.05
CA LYS H 80 10.27 -10.08 32.08
C LYS H 80 11.37 -9.80 31.08
N THR H 81 12.51 -10.48 31.22
CA THR H 81 13.62 -10.26 30.32
C THR H 81 13.34 -10.98 29.01
N VAL H 82 13.33 -10.24 27.91
CA VAL H 82 12.96 -10.80 26.63
C VAL H 82 14.13 -11.60 26.07
N THR H 83 13.82 -12.64 25.32
CA THR H 83 14.82 -13.45 24.64
C THR H 83 14.78 -13.18 23.14
N ALA H 84 15.84 -13.59 22.45
CA ALA H 84 15.82 -13.53 21.00
C ALA H 84 14.82 -14.51 20.42
N MET H 85 14.38 -15.49 21.21
CA MET H 85 13.30 -16.36 20.74
C MET H 85 12.08 -15.54 20.40
N ASP H 86 11.69 -14.64 21.30
CA ASP H 86 10.57 -13.74 21.03
C ASP H 86 10.81 -12.96 19.76
N VAL H 87 12.07 -12.55 19.54
CA VAL H 87 12.42 -11.85 18.31
C VAL H 87 12.08 -12.73 17.11
N VAL H 88 12.44 -14.01 17.19
CA VAL H 88 12.17 -14.91 16.08
C VAL H 88 10.68 -15.07 15.88
N TYR H 89 9.93 -15.14 16.97
CA TYR H 89 8.48 -15.27 16.85
C TYR H 89 7.89 -14.04 16.17
N ALA H 90 8.38 -12.87 16.53
CA ALA H 90 7.93 -11.66 15.85
C ALA H 90 8.29 -11.73 14.37
N LEU H 91 9.48 -12.21 14.06
CA LEU H 91 9.90 -12.35 12.67
C LEU H 91 8.94 -13.23 11.91
N LYS H 92 8.55 -14.35 12.52
CA LYS H 92 7.55 -15.19 11.89
C LYS H 92 6.23 -14.46 11.74
N ARG H 93 5.81 -13.74 12.77
CA ARG H 93 4.50 -13.11 12.73
C ARG H 93 4.43 -12.08 11.62
N GLN H 94 5.47 -11.29 11.44
CA GLN H 94 5.51 -10.37 10.31
C GLN H 94 5.73 -11.12 9.01
N GLY H 95 6.42 -12.25 9.07
CA GLY H 95 6.52 -13.15 7.93
C GLY H 95 7.88 -13.28 7.29
N ARG H 96 8.92 -12.72 7.87
CA ARG H 96 10.27 -12.84 7.33
C ARG H 96 11.14 -13.70 8.22
N THR H 97 12.14 -14.31 7.59
CA THR H 97 12.96 -15.34 8.16
C THR H 97 14.10 -14.76 8.99
N LEU H 98 14.61 -15.60 9.87
CA LEU H 98 15.86 -15.36 10.58
C LEU H 98 16.77 -16.56 10.38
N TYR H 99 18.02 -16.30 10.04
CA TYR H 99 19.03 -17.34 9.93
C TYR H 99 19.79 -17.45 11.24
N GLY H 100 20.19 -18.68 11.58
CA GLY H 100 21.20 -18.90 12.58
C GLY H 100 20.75 -18.73 14.01
N PHE H 101 19.45 -18.61 14.26
CA PHE H 101 19.02 -18.41 15.63
C PHE H 101 17.81 -19.27 15.93
N GLY H 102 17.02 -19.57 14.90
CA GLY H 102 15.91 -20.52 15.00
C GLY H 102 14.95 -20.17 16.13
N ALA I 11 37.61 19.36 -34.04
CA ALA I 11 36.19 19.59 -34.25
C ALA I 11 35.57 18.49 -35.09
N VAL I 12 35.90 18.49 -36.39
CA VAL I 12 35.40 17.45 -37.29
C VAL I 12 35.91 16.08 -36.87
N GLU I 13 37.21 15.99 -36.55
CA GLU I 13 37.76 14.73 -36.08
C GLU I 13 37.12 14.31 -34.76
N GLU I 14 36.97 15.25 -33.84
CA GLU I 14 36.33 14.94 -32.56
C GLU I 14 34.90 14.47 -32.78
N ARG I 15 34.16 15.14 -33.66
CA ARG I 15 32.78 14.75 -33.94
C ARG I 15 32.70 13.36 -34.56
N VAL I 16 33.58 13.07 -35.52
CA VAL I 16 33.52 11.76 -36.17
C VAL I 16 33.93 10.66 -35.20
N ILE I 17 34.89 10.92 -34.31
CA ILE I 17 35.23 9.93 -33.30
C ILE I 17 34.08 9.74 -32.32
N ASN I 18 33.39 10.83 -31.96
CA ASN I 18 32.24 10.70 -31.08
C ASN I 18 31.14 9.86 -31.72
N GLU I 19 30.88 10.08 -33.00
CA GLU I 19 29.84 9.30 -33.67
C GLU I 19 30.26 7.84 -33.83
N GLU I 20 31.54 7.61 -34.15
CA GLU I 20 32.04 6.25 -34.23
C GLU I 20 31.89 5.54 -32.89
N TYR I 21 32.19 6.25 -31.80
CA TYR I 21 32.04 5.66 -30.47
C TYR I 21 30.58 5.42 -30.14
N LYS I 22 29.69 6.32 -30.56
CA LYS I 22 28.26 6.08 -30.33
C LYS I 22 27.81 4.83 -31.07
N ILE I 23 28.28 4.65 -32.30
CA ILE I 23 27.98 3.44 -33.05
C ILE I 23 28.53 2.22 -32.32
N TRP I 24 29.76 2.32 -31.81
CA TRP I 24 30.36 1.22 -31.06
C TRP I 24 29.53 0.89 -29.83
N LYS I 25 29.09 1.92 -29.11
CA LYS I 25 28.24 1.73 -27.94
C LYS I 25 26.94 1.03 -28.30
N LYS I 26 26.34 1.40 -29.42
CA LYS I 26 25.06 0.81 -29.80
C LYS I 26 25.22 -0.62 -30.30
N ASN I 27 26.33 -0.93 -30.98
CA ASN I 27 26.50 -2.24 -31.60
C ASN I 27 27.26 -3.23 -30.72
N THR I 28 27.82 -2.79 -29.60
CA THR I 28 28.55 -3.71 -28.73
C THR I 28 27.70 -4.78 -28.04
N PRO I 29 26.39 -4.60 -27.79
CA PRO I 29 25.64 -5.70 -27.17
C PRO I 29 25.68 -6.99 -27.97
N PHE I 30 25.80 -6.90 -29.29
CA PHE I 30 25.87 -8.07 -30.15
C PHE I 30 27.27 -8.66 -30.24
N LEU I 31 28.29 -7.98 -29.73
CA LEU I 31 29.66 -8.35 -30.02
C LEU I 31 30.49 -8.67 -28.80
N TYR I 32 30.11 -8.18 -27.62
CA TYR I 32 30.88 -8.42 -26.41
C TYR I 32 30.03 -9.15 -25.37
N ASP I 33 30.74 -9.92 -24.54
CA ASP I 33 30.13 -10.54 -23.36
C ASP I 33 30.59 -9.89 -22.07
N LEU I 34 31.55 -8.96 -22.16
CA LEU I 34 32.19 -8.39 -20.97
C LEU I 34 32.74 -7.03 -21.34
N VAL I 35 32.21 -5.99 -20.72
CA VAL I 35 32.69 -4.62 -20.91
C VAL I 35 32.80 -3.95 -19.56
N MET I 36 33.96 -3.36 -19.29
CA MET I 36 34.17 -2.66 -18.02
C MET I 36 35.01 -1.43 -18.34
N THR I 37 34.34 -0.31 -18.54
CA THR I 37 34.97 0.95 -18.91
C THR I 37 35.16 1.81 -17.67
N HIS I 38 36.32 2.44 -17.56
CA HIS I 38 36.51 3.47 -16.57
C HIS I 38 37.34 4.61 -17.14
N ALA I 39 37.08 5.81 -16.64
CA ALA I 39 37.83 7.00 -17.01
C ALA I 39 38.78 7.34 -15.88
N LEU I 40 40.05 7.50 -16.20
CA LEU I 40 41.07 7.65 -15.18
C LEU I 40 41.20 9.11 -14.77
N GLU I 41 41.82 9.33 -13.61
CA GLU I 41 42.24 10.69 -13.26
C GLU I 41 43.31 11.18 -14.23
N TRP I 42 44.23 10.30 -14.60
CA TRP I 42 45.33 10.65 -15.48
C TRP I 42 45.59 9.49 -16.42
N PRO I 43 46.08 9.76 -17.62
CA PRO I 43 46.42 8.67 -18.54
C PRO I 43 47.57 7.81 -18.01
N SER I 44 47.52 6.54 -18.38
CA SER I 44 48.53 5.57 -17.97
C SER I 44 49.23 5.02 -19.21
N LEU I 45 50.57 5.08 -19.20
CA LEU I 45 51.36 4.49 -20.27
C LEU I 45 51.59 3.00 -20.06
N THR I 46 51.27 2.48 -18.88
CA THR I 46 51.53 1.10 -18.53
C THR I 46 50.25 0.49 -18.01
N ALA I 47 50.12 -0.83 -18.21
CA ALA I 47 48.92 -1.55 -17.82
C ALA I 47 49.29 -3.01 -17.63
N GLN I 48 48.91 -3.60 -16.49
CA GLN I 48 49.33 -4.97 -16.23
C GLN I 48 48.50 -5.61 -15.14
N TRP I 49 48.12 -6.87 -15.38
CA TRP I 49 47.49 -7.77 -14.44
C TRP I 49 48.44 -8.15 -13.30
N LEU I 50 47.93 -8.99 -12.42
CA LEU I 50 48.67 -9.75 -11.42
C LEU I 50 48.30 -11.22 -11.55
N PRO I 51 49.26 -12.12 -11.43
CA PRO I 51 48.92 -13.55 -11.49
C PRO I 51 47.98 -13.98 -10.39
N ASP I 52 48.06 -13.34 -9.23
CA ASP I 52 47.18 -13.67 -8.11
C ASP I 52 45.74 -13.30 -8.43
N VAL I 53 44.82 -14.15 -7.97
CA VAL I 53 43.39 -13.91 -8.09
C VAL I 53 42.76 -14.04 -6.71
N THR I 54 41.79 -13.19 -6.42
CA THR I 54 41.05 -13.25 -5.17
C THR I 54 39.64 -13.75 -5.47
N ARG I 55 39.30 -14.89 -4.89
CA ARG I 55 37.96 -15.48 -5.03
C ARG I 55 37.47 -15.83 -3.64
N PRO I 56 36.90 -14.87 -2.92
CA PRO I 56 36.41 -15.14 -1.57
C PRO I 56 35.27 -16.15 -1.59
N GLU I 57 35.23 -16.99 -0.57
CA GLU I 57 34.15 -17.96 -0.44
C GLU I 57 32.85 -17.24 -0.16
N GLY I 58 31.74 -17.84 -0.60
CA GLY I 58 30.43 -17.28 -0.37
C GLY I 58 30.10 -16.06 -1.20
N LYS I 59 30.89 -15.77 -2.23
CA LYS I 59 30.68 -14.61 -3.08
C LYS I 59 30.36 -15.06 -4.49
N ASP I 60 29.96 -14.11 -5.33
CA ASP I 60 29.57 -14.37 -6.71
C ASP I 60 30.44 -13.57 -7.68
N PHE I 61 31.71 -13.39 -7.34
CA PHE I 61 32.58 -12.54 -8.12
C PHE I 61 34.03 -12.88 -7.82
N SER I 62 34.91 -12.45 -8.70
CA SER I 62 36.34 -12.62 -8.58
C SER I 62 37.01 -11.24 -8.61
N ILE I 63 38.21 -11.17 -8.06
CA ILE I 63 38.92 -9.91 -7.87
C ILE I 63 40.28 -10.01 -8.54
N HIS I 64 40.68 -8.92 -9.19
CA HIS I 64 41.91 -8.92 -9.95
C HIS I 64 42.62 -7.59 -9.76
N ARG I 65 43.94 -7.62 -9.96
CA ARG I 65 44.79 -6.50 -9.61
C ARG I 65 45.52 -5.97 -10.83
N LEU I 66 45.62 -4.64 -10.93
CA LEU I 66 46.09 -3.96 -12.11
C LEU I 66 47.24 -3.01 -11.83
N VAL I 67 48.29 -3.15 -12.62
CA VAL I 67 49.48 -2.33 -12.53
C VAL I 67 49.39 -1.24 -13.58
N LEU I 68 49.24 0.00 -13.13
CA LEU I 68 49.17 1.13 -14.05
C LEU I 68 49.89 2.32 -13.43
N GLY I 69 50.17 3.31 -14.28
CA GLY I 69 50.79 4.54 -13.85
C GLY I 69 49.95 5.77 -14.16
N THR I 70 50.60 6.91 -14.14
CA THR I 70 49.96 8.20 -14.40
C THR I 70 50.81 9.02 -15.33
N HIS I 71 50.15 9.80 -16.19
CA HIS I 71 50.81 10.79 -17.04
C HIS I 71 50.30 12.16 -16.63
N THR I 72 51.08 12.86 -15.81
CA THR I 72 50.71 14.17 -15.32
C THR I 72 51.73 15.18 -15.81
N SER I 73 51.24 16.25 -16.45
CA SER I 73 52.15 17.26 -16.98
C SER I 73 52.86 18.01 -15.86
N ASP I 74 52.13 18.35 -14.79
CA ASP I 74 52.70 19.11 -13.69
C ASP I 74 52.22 18.59 -12.33
N GLU I 75 51.96 17.29 -12.23
CA GLU I 75 51.54 16.68 -10.98
C GLU I 75 52.44 15.48 -10.69
N GLN I 76 52.60 15.19 -9.40
CA GLN I 76 53.40 14.03 -9.00
C GLN I 76 52.80 12.75 -9.56
N ASN I 77 53.51 12.13 -10.49
CA ASN I 77 53.01 10.91 -11.09
C ASN I 77 53.03 9.78 -10.06
N HIS I 78 51.91 9.07 -9.96
CA HIS I 78 51.74 8.01 -8.98
C HIS I 78 51.68 6.67 -9.68
N LEU I 79 52.50 5.73 -9.23
CA LEU I 79 52.35 4.34 -9.65
C LEU I 79 51.15 3.76 -8.92
N VAL I 80 50.22 3.18 -9.67
CA VAL I 80 48.90 2.83 -9.17
C VAL I 80 48.66 1.34 -9.33
N ILE I 81 48.26 0.69 -8.24
CA ILE I 81 47.69 -0.65 -8.30
C ILE I 81 46.18 -0.51 -8.24
N ALA I 82 45.49 -1.24 -9.11
CA ALA I 82 44.06 -1.19 -9.21
C ALA I 82 43.48 -2.59 -9.05
N SER I 83 42.64 -2.76 -8.03
CA SER I 83 41.93 -4.00 -7.83
C SER I 83 40.59 -3.91 -8.52
N VAL I 84 40.22 -4.94 -9.25
CA VAL I 84 38.99 -4.93 -10.03
C VAL I 84 38.12 -6.12 -9.63
N GLN I 85 36.84 -5.85 -9.47
CA GLN I 85 35.86 -6.88 -9.17
C GLN I 85 35.34 -7.48 -10.47
N LEU I 86 35.39 -8.80 -10.57
CA LEU I 86 34.95 -9.55 -11.73
C LEU I 86 33.91 -10.58 -11.31
N PRO I 87 32.73 -10.60 -11.94
CA PRO I 87 31.71 -11.57 -11.56
C PRO I 87 32.20 -12.99 -11.78
N ASN I 88 31.69 -13.90 -10.96
CA ASN I 88 32.15 -15.28 -10.98
C ASN I 88 31.61 -16.03 -12.20
N ASP I 89 32.32 -17.09 -12.57
CA ASP I 89 31.84 -17.98 -13.61
C ASP I 89 30.53 -18.65 -13.20
N ASP I 90 30.44 -19.06 -11.93
CA ASP I 90 29.18 -19.64 -11.44
C ASP I 90 28.05 -18.64 -11.56
N ALA I 91 28.32 -17.37 -11.25
CA ALA I 91 27.32 -16.33 -11.41
C ALA I 91 26.99 -16.06 -12.87
N GLN I 92 27.80 -16.54 -13.80
CA GLN I 92 27.52 -16.35 -15.22
C GLN I 92 26.23 -17.06 -15.64
N PHE I 93 25.85 -18.14 -14.96
CA PHE I 93 24.64 -18.90 -15.27
C PHE I 93 23.67 -18.78 -14.10
N ASP I 94 22.75 -17.82 -14.19
CA ASP I 94 21.70 -17.65 -13.20
C ASP I 94 20.48 -17.02 -13.87
N ALA I 95 19.31 -17.58 -13.58
CA ALA I 95 18.05 -17.04 -14.08
C ALA I 95 17.46 -16.16 -12.98
N SER I 96 17.63 -14.85 -13.10
CA SER I 96 17.12 -13.92 -12.10
C SER I 96 15.70 -13.47 -12.46
N HIS I 97 15.53 -12.86 -13.63
CA HIS I 97 14.24 -12.36 -14.05
C HIS I 97 14.17 -12.41 -15.58
N TYR I 98 13.05 -11.96 -16.12
CA TYR I 98 12.83 -11.95 -17.55
C TYR I 98 12.12 -10.66 -17.94
N ASP I 99 12.54 -10.08 -19.06
CA ASP I 99 11.92 -8.89 -19.61
C ASP I 99 11.01 -9.31 -20.75
N SER I 100 9.72 -8.99 -20.63
CA SER I 100 8.80 -9.24 -21.72
C SER I 100 9.07 -8.34 -22.91
N GLU I 101 9.74 -7.21 -22.71
CA GLU I 101 10.06 -6.30 -23.80
C GLU I 101 11.18 -6.87 -24.67
N LYS I 102 12.36 -7.05 -24.08
CA LYS I 102 13.49 -7.58 -24.83
C LYS I 102 13.38 -9.07 -25.10
N GLY I 103 12.46 -9.76 -24.42
CA GLY I 103 12.31 -11.19 -24.62
C GLY I 103 13.52 -11.99 -24.20
N GLU I 104 14.24 -11.54 -23.18
CA GLU I 104 15.48 -12.17 -22.76
C GLU I 104 15.55 -12.19 -21.24
N PHE I 105 16.52 -12.95 -20.73
CA PHE I 105 16.83 -12.94 -19.30
C PHE I 105 17.82 -11.82 -19.01
N GLY I 106 17.34 -10.59 -19.20
CA GLY I 106 18.18 -9.42 -19.06
C GLY I 106 18.21 -8.88 -17.65
N GLY I 107 17.75 -7.65 -17.48
CA GLY I 107 17.75 -7.01 -16.17
C GLY I 107 18.95 -6.11 -15.98
N PHE I 108 18.70 -4.80 -15.93
CA PHE I 108 19.80 -3.86 -15.76
C PHE I 108 20.46 -4.03 -14.41
N GLY I 109 19.67 -4.03 -13.34
CA GLY I 109 20.14 -4.16 -11.98
C GLY I 109 21.10 -3.05 -11.57
N SER I 110 21.72 -3.26 -10.41
CA SER I 110 22.68 -2.31 -9.86
C SER I 110 23.94 -2.94 -9.31
N VAL I 111 24.01 -4.27 -9.17
CA VAL I 111 25.18 -4.91 -8.59
C VAL I 111 26.13 -5.33 -9.70
N SER I 112 27.35 -4.79 -9.66
CA SER I 112 28.32 -5.08 -10.70
C SER I 112 29.73 -5.00 -10.13
N GLY I 113 30.66 -5.61 -10.85
CA GLY I 113 32.05 -5.46 -10.51
C GLY I 113 32.51 -4.02 -10.70
N LYS I 114 33.58 -3.67 -9.99
CA LYS I 114 33.97 -2.26 -9.98
C LYS I 114 35.48 -2.16 -9.92
N ILE I 115 35.98 -0.95 -10.20
CA ILE I 115 37.40 -0.64 -10.22
C ILE I 115 37.76 0.04 -8.91
N GLU I 116 38.81 -0.44 -8.27
CA GLU I 116 39.27 0.16 -7.02
C GLU I 116 40.77 0.32 -7.03
N ILE I 117 41.22 1.55 -6.84
CA ILE I 117 42.63 1.86 -6.70
C ILE I 117 43.04 1.56 -5.27
N GLU I 118 44.11 0.77 -5.11
CA GLU I 118 44.49 0.30 -3.79
C GLU I 118 45.66 1.08 -3.21
N ILE I 119 46.76 1.14 -3.94
CA ILE I 119 48.00 1.75 -3.46
C ILE I 119 48.53 2.67 -4.56
N LYS I 120 48.91 3.88 -4.16
CA LYS I 120 49.57 4.83 -5.05
C LYS I 120 50.95 5.12 -4.50
N ILE I 121 51.97 5.03 -5.36
CA ILE I 121 53.35 5.28 -4.98
C ILE I 121 53.86 6.44 -5.81
N ASN I 122 54.48 7.42 -5.14
CA ASN I 122 55.05 8.57 -5.83
C ASN I 122 56.08 8.09 -6.85
N HIS I 123 56.06 8.71 -8.04
CA HIS I 123 56.98 8.35 -9.10
C HIS I 123 57.60 9.60 -9.69
N GLU I 124 58.92 9.55 -9.89
CA GLU I 124 59.67 10.66 -10.49
C GLU I 124 59.34 10.71 -11.97
N GLY I 125 58.45 11.62 -12.35
CA GLY I 125 58.05 11.74 -13.74
C GLY I 125 57.09 10.61 -14.13
N GLU I 126 56.73 10.60 -15.41
CA GLU I 126 55.82 9.58 -15.90
C GLU I 126 56.50 8.22 -15.90
N VAL I 127 55.72 7.18 -15.61
CA VAL I 127 56.22 5.81 -15.63
C VAL I 127 56.25 5.38 -17.09
N ASN I 128 57.44 5.33 -17.69
CA ASN I 128 57.52 4.93 -19.09
C ASN I 128 57.11 3.47 -19.29
N ARG I 129 57.47 2.61 -18.34
CA ARG I 129 57.10 1.20 -18.43
C ARG I 129 57.18 0.58 -17.04
N ALA I 130 56.15 -0.20 -16.69
CA ALA I 130 56.06 -0.79 -15.37
C ALA I 130 55.84 -2.29 -15.51
N ARG I 131 56.77 -3.09 -14.99
CA ARG I 131 56.67 -4.54 -15.01
C ARG I 131 57.12 -5.13 -13.69
N TYR I 132 56.45 -6.17 -13.24
CA TYR I 132 56.76 -6.78 -11.96
C TYR I 132 57.56 -8.06 -12.14
N MET I 133 58.27 -8.44 -11.09
CA MET I 133 59.05 -9.67 -11.13
C MET I 133 58.07 -10.83 -11.35
N PRO I 134 58.25 -11.62 -12.40
CA PRO I 134 57.22 -12.64 -12.72
C PRO I 134 56.93 -13.61 -11.60
N GLN I 135 57.94 -14.03 -10.84
CA GLN I 135 57.69 -14.91 -9.71
C GLN I 135 57.46 -14.15 -8.41
N ASN I 136 57.62 -12.83 -8.41
CA ASN I 136 57.37 -12.02 -7.21
C ASN I 136 56.62 -10.77 -7.62
N PRO I 137 55.29 -10.75 -7.43
CA PRO I 137 54.53 -9.52 -7.67
C PRO I 137 54.97 -8.38 -6.77
N CYS I 138 55.60 -8.67 -5.63
CA CYS I 138 56.07 -7.62 -4.75
C CYS I 138 57.12 -6.75 -5.45
N ILE I 139 57.93 -7.35 -6.30
CA ILE I 139 58.96 -6.63 -7.04
C ILE I 139 58.37 -6.15 -8.36
N ILE I 140 58.41 -4.84 -8.58
CA ILE I 140 57.91 -4.23 -9.82
C ILE I 140 58.98 -3.28 -10.33
N ALA I 141 59.22 -3.31 -11.64
CA ALA I 141 60.21 -2.45 -12.27
C ALA I 141 59.50 -1.35 -13.07
N THR I 142 59.90 -0.10 -12.83
CA THR I 142 59.30 1.06 -13.49
C THR I 142 60.37 1.88 -14.19
N LYS I 143 60.02 2.41 -15.35
CA LYS I 143 60.90 3.27 -16.13
C LYS I 143 60.59 4.74 -15.87
N THR I 144 61.64 5.56 -15.81
CA THR I 144 61.52 6.97 -15.48
C THR I 144 62.00 7.82 -16.65
N PRO I 145 61.50 9.06 -16.76
CA PRO I 145 62.07 9.99 -17.75
C PRO I 145 63.53 10.31 -17.48
N SER I 146 63.99 10.12 -16.26
CA SER I 146 65.39 10.33 -15.92
C SER I 146 66.22 9.15 -16.42
N SER I 147 67.53 9.23 -16.24
CA SER I 147 68.41 8.14 -16.67
C SER I 147 68.23 6.91 -15.80
N ASP I 148 67.89 7.10 -14.53
CA ASP I 148 67.82 6.00 -13.57
C ASP I 148 66.54 5.19 -13.75
N VAL I 149 66.54 4.01 -13.15
CA VAL I 149 65.40 3.10 -13.14
C VAL I 149 65.06 2.82 -11.68
N LEU I 150 63.79 2.98 -11.34
CA LEU I 150 63.34 2.84 -9.96
C LEU I 150 62.50 1.58 -9.78
N VAL I 151 62.64 0.96 -8.62
CA VAL I 151 61.93 -0.26 -8.27
C VAL I 151 61.10 0.01 -7.02
N PHE I 152 59.81 -0.34 -7.08
CA PHE I 152 58.88 -0.11 -5.98
C PHE I 152 58.32 -1.42 -5.48
N ASP I 153 57.98 -1.45 -4.19
CA ASP I 153 57.33 -2.60 -3.58
C ASP I 153 56.19 -2.10 -2.70
N TYR I 154 54.98 -2.56 -3.00
CA TYR I 154 53.82 -2.18 -2.21
C TYR I 154 53.91 -2.71 -0.79
N THR I 155 54.40 -3.94 -0.61
CA THR I 155 54.58 -4.47 0.73
C THR I 155 55.62 -3.69 1.52
N LYS I 156 56.59 -3.09 0.85
CA LYS I 156 57.66 -2.34 1.50
C LYS I 156 57.46 -0.84 1.38
N HIS I 157 56.21 -0.39 1.27
CA HIS I 157 55.92 1.03 1.19
C HIS I 157 54.51 1.26 1.70
N PRO I 158 54.24 2.40 2.33
CA PRO I 158 52.87 2.70 2.77
C PRO I 158 51.90 2.69 1.59
N SER I 159 50.70 2.19 1.85
CA SER I 159 49.70 2.06 0.79
C SER I 159 49.34 3.42 0.22
N LYS I 160 48.98 4.37 1.07
CA LYS I 160 48.73 5.71 0.59
C LYS I 160 50.04 6.36 0.15
N PRO I 161 50.01 7.12 -0.95
CA PRO I 161 51.23 7.81 -1.38
C PRO I 161 51.72 8.77 -0.32
N ASP I 162 53.04 8.86 -0.19
CA ASP I 162 53.62 9.67 0.87
C ASP I 162 53.28 11.14 0.66
N PRO I 163 52.99 11.88 1.74
CA PRO I 163 52.74 13.32 1.57
C PRO I 163 53.90 14.05 0.94
N SER I 164 55.13 13.60 1.17
CA SER I 164 56.28 14.16 0.48
C SER I 164 56.17 13.90 -1.01
N GLY I 165 56.44 14.94 -1.81
CA GLY I 165 56.36 14.79 -3.25
C GLY I 165 57.40 13.84 -3.80
N GLU I 166 58.59 13.81 -3.19
CA GLU I 166 59.66 12.96 -3.67
C GLU I 166 59.29 11.48 -3.53
N CYS I 167 59.60 10.71 -4.57
CA CYS I 167 59.35 9.28 -4.54
C CYS I 167 60.33 8.60 -3.58
N ASN I 168 60.00 7.37 -3.22
CA ASN I 168 60.82 6.56 -2.32
C ASN I 168 61.13 5.23 -2.97
N PRO I 169 62.04 5.22 -3.95
CA PRO I 169 62.39 3.96 -4.60
C PRO I 169 63.16 3.05 -3.67
N ASP I 170 62.75 1.78 -3.63
CA ASP I 170 63.51 0.80 -2.86
C ASP I 170 64.85 0.53 -3.53
N LEU I 171 64.90 0.57 -4.85
CA LEU I 171 66.13 0.38 -5.61
C LEU I 171 66.17 1.37 -6.76
N ARG I 172 67.38 1.81 -7.10
CA ARG I 172 67.63 2.68 -8.24
C ARG I 172 68.72 2.04 -9.09
N LEU I 173 68.50 2.01 -10.40
CA LEU I 173 69.40 1.30 -11.31
C LEU I 173 70.07 2.28 -12.27
N ARG I 174 71.36 2.05 -12.51
CA ARG I 174 72.17 2.92 -13.35
C ARG I 174 72.72 2.12 -14.52
N GLY I 175 73.02 2.84 -15.60
CA GLY I 175 73.56 2.24 -16.81
C GLY I 175 73.06 2.93 -18.06
N HIS I 176 71.93 3.62 -17.94
CA HIS I 176 71.39 4.40 -19.04
C HIS I 176 71.67 5.88 -18.83
N GLN I 177 71.65 6.62 -19.93
CA GLN I 177 71.97 8.04 -19.91
C GLN I 177 70.76 8.93 -20.08
N LYS I 178 69.60 8.37 -20.42
CA LYS I 178 68.36 9.13 -20.48
C LYS I 178 67.20 8.15 -20.45
N GLU I 179 66.00 8.67 -20.69
CA GLU I 179 64.79 7.85 -20.63
C GLU I 179 64.79 6.78 -21.71
N GLY I 180 63.78 5.91 -21.63
CA GLY I 180 63.59 4.87 -22.62
C GLY I 180 62.17 4.33 -22.51
N TYR I 181 61.87 3.37 -23.38
CA TYR I 181 60.55 2.77 -23.39
C TYR I 181 60.59 1.25 -23.43
N GLY I 182 61.73 0.64 -23.09
CA GLY I 182 61.84 -0.80 -23.10
C GLY I 182 62.30 -1.38 -21.78
N LEU I 183 61.50 -2.28 -21.20
CA LEU I 183 61.81 -2.93 -19.94
C LEU I 183 61.27 -4.35 -19.99
N SER I 184 62.01 -5.30 -19.41
CA SER I 184 61.54 -6.66 -19.34
C SER I 184 62.20 -7.39 -18.19
N TRP I 185 61.56 -8.47 -17.76
CA TRP I 185 62.06 -9.36 -16.72
C TRP I 185 62.43 -10.70 -17.34
N ASN I 186 63.16 -11.50 -16.56
CA ASN I 186 63.48 -12.84 -17.01
C ASN I 186 62.58 -13.84 -16.29
N PRO I 187 61.66 -14.49 -16.98
CA PRO I 187 60.77 -15.45 -16.31
C PRO I 187 61.52 -16.62 -15.72
N ASN I 188 62.64 -17.02 -16.30
CA ASN I 188 63.38 -18.19 -15.85
C ASN I 188 64.53 -17.86 -14.92
N LEU I 189 65.07 -16.64 -14.99
CA LEU I 189 66.19 -16.23 -14.17
C LEU I 189 65.77 -15.10 -13.26
N SER I 190 66.05 -15.24 -11.97
CA SER I 190 65.62 -14.27 -10.97
C SER I 190 66.50 -13.03 -11.01
N GLY I 191 65.86 -11.86 -11.01
CA GLY I 191 66.57 -10.60 -10.94
C GLY I 191 67.06 -10.08 -12.26
N HIS I 192 66.95 -10.85 -13.34
CA HIS I 192 67.49 -10.42 -14.62
C HIS I 192 66.51 -9.47 -15.30
N LEU I 193 66.99 -8.26 -15.61
CA LEU I 193 66.18 -7.22 -16.21
C LEU I 193 66.85 -6.73 -17.48
N LEU I 194 66.03 -6.44 -18.49
CA LEU I 194 66.49 -5.88 -19.74
C LEU I 194 65.86 -4.51 -19.92
N SER I 195 66.67 -3.52 -20.27
CA SER I 195 66.21 -2.15 -20.41
C SER I 195 66.62 -1.59 -21.75
N ALA I 196 65.77 -0.70 -22.28
CA ALA I 196 66.02 -0.03 -23.54
C ALA I 196 65.91 1.49 -23.33
N SER I 197 66.73 2.22 -24.06
CA SER I 197 66.75 3.67 -23.90
C SER I 197 67.18 4.31 -25.21
N ASP I 198 66.91 5.62 -25.31
CA ASP I 198 67.32 6.40 -26.47
C ASP I 198 68.83 6.46 -26.62
N ASP I 199 69.57 6.13 -25.57
CA ASP I 199 71.03 6.18 -25.55
C ASP I 199 71.68 5.16 -26.45
N HIS I 200 70.91 4.44 -27.26
CA HIS I 200 71.41 3.39 -28.16
C HIS I 200 72.07 2.26 -27.40
N THR I 201 71.80 2.15 -26.11
CA THR I 201 72.39 1.13 -25.26
C THR I 201 71.29 0.24 -24.69
N ILE I 202 71.61 -1.05 -24.57
CA ILE I 202 70.71 -2.04 -23.98
C ILE I 202 71.35 -2.49 -22.68
N CYS I 203 70.69 -2.18 -21.56
CA CYS I 203 71.23 -2.42 -20.23
C CYS I 203 70.61 -3.66 -19.62
N LEU I 204 71.45 -4.61 -19.23
CA LEU I 204 71.04 -5.80 -18.52
C LEU I 204 71.41 -5.66 -17.06
N TRP I 205 70.45 -5.90 -16.17
CA TRP I 205 70.65 -5.73 -14.75
C TRP I 205 70.21 -6.98 -14.00
N ASP I 206 70.94 -7.31 -12.95
CA ASP I 206 70.62 -8.44 -12.08
C ASP I 206 70.45 -7.92 -10.66
N ILE I 207 69.23 -8.03 -10.12
CA ILE I 207 68.94 -7.53 -8.78
C ILE I 207 68.89 -8.64 -7.75
N SER I 208 69.10 -9.89 -8.15
CA SER I 208 69.09 -10.99 -7.18
C SER I 208 70.26 -10.87 -6.21
N ALA I 209 71.37 -10.28 -6.64
CA ALA I 209 72.56 -10.14 -5.80
C ALA I 209 72.65 -8.79 -5.10
N VAL I 210 71.65 -7.91 -5.28
CA VAL I 210 71.67 -6.62 -4.60
C VAL I 210 71.53 -6.83 -3.09
N PRO I 211 72.33 -6.17 -2.27
CA PRO I 211 72.19 -6.33 -0.82
C PRO I 211 70.84 -5.81 -0.33
N LYS I 212 70.50 -6.21 0.90
CA LYS I 212 69.24 -5.79 1.50
C LYS I 212 69.16 -4.27 1.61
N GLU I 213 70.25 -3.65 2.03
CA GLU I 213 70.28 -2.20 2.20
C GLU I 213 70.80 -1.46 0.97
N GLY I 214 71.13 -2.19 -0.09
CA GLY I 214 71.59 -1.53 -1.31
C GLY I 214 70.46 -0.80 -2.02
N LYS I 215 70.82 0.30 -2.68
CA LYS I 215 69.87 1.13 -3.39
C LYS I 215 70.26 1.41 -4.83
N VAL I 216 71.55 1.51 -5.12
CA VAL I 216 72.05 1.82 -6.46
C VAL I 216 72.56 0.52 -7.09
N VAL I 217 72.09 0.23 -8.30
CA VAL I 217 72.48 -0.96 -9.04
C VAL I 217 73.26 -0.54 -10.27
N ASP I 218 74.43 -1.14 -10.45
CA ASP I 218 75.28 -0.83 -11.58
C ASP I 218 74.76 -1.48 -12.85
N ALA I 219 75.36 -1.08 -13.98
CA ALA I 219 75.04 -1.67 -15.27
C ALA I 219 75.80 -2.99 -15.40
N LYS I 220 75.10 -4.10 -15.17
CA LYS I 220 75.74 -5.40 -15.28
C LYS I 220 76.22 -5.66 -16.70
N THR I 221 75.40 -5.32 -17.69
CA THR I 221 75.76 -5.56 -19.09
C THR I 221 75.11 -4.49 -19.95
N ILE I 222 75.89 -3.90 -20.85
CA ILE I 222 75.41 -2.88 -21.77
C ILE I 222 75.67 -3.35 -23.19
N PHE I 223 74.61 -3.45 -23.98
CA PHE I 223 74.69 -3.82 -25.39
C PHE I 223 74.62 -2.57 -26.24
N THR I 224 75.45 -2.51 -27.29
CA THR I 224 75.50 -1.35 -28.16
C THR I 224 75.48 -1.73 -29.63
N GLY I 225 74.96 -2.92 -29.96
CA GLY I 225 74.92 -3.33 -31.36
C GLY I 225 74.00 -2.49 -32.20
N HIS I 226 72.88 -2.06 -31.63
CA HIS I 226 71.95 -1.22 -32.36
C HIS I 226 72.52 0.16 -32.62
N THR I 227 72.29 0.66 -33.84
CA THR I 227 72.72 1.99 -34.24
C THR I 227 71.59 3.00 -34.16
N ALA I 228 70.43 2.60 -33.67
CA ALA I 228 69.28 3.49 -33.56
C ALA I 228 68.68 3.34 -32.17
N VAL I 229 67.53 3.96 -31.98
CA VAL I 229 66.89 3.98 -30.66
C VAL I 229 66.31 2.59 -30.39
N VAL I 230 66.89 1.89 -29.42
CA VAL I 230 66.39 0.56 -29.07
C VAL I 230 64.98 0.71 -28.50
N GLU I 231 63.99 0.24 -29.27
CA GLU I 231 62.59 0.49 -28.93
C GLU I 231 62.14 -0.41 -27.79
N ASP I 232 62.49 -1.69 -27.84
CA ASP I 232 61.99 -2.64 -26.83
C ASP I 232 62.95 -3.80 -26.71
N VAL I 233 63.00 -4.37 -25.50
CA VAL I 233 63.80 -5.56 -25.22
C VAL I 233 62.95 -6.49 -24.38
N SER I 234 63.15 -7.80 -24.56
CA SER I 234 62.35 -8.78 -23.86
C SER I 234 63.08 -10.10 -23.79
N TRP I 235 62.99 -10.76 -22.63
CA TRP I 235 63.54 -12.09 -22.46
C TRP I 235 62.71 -13.11 -23.23
N HIS I 236 63.32 -14.27 -23.46
CA HIS I 236 62.60 -15.39 -24.05
C HIS I 236 61.77 -16.10 -22.99
N LEU I 237 60.56 -16.50 -23.38
CA LEU I 237 59.66 -17.18 -22.45
C LEU I 237 60.23 -18.50 -21.93
N LEU I 238 60.99 -19.21 -22.74
CA LEU I 238 61.55 -20.49 -22.33
C LEU I 238 63.06 -20.47 -22.23
N HIS I 239 63.75 -19.80 -23.15
CA HIS I 239 65.20 -19.78 -23.10
C HIS I 239 65.68 -18.98 -21.89
N GLU I 240 66.64 -19.56 -21.17
CA GLU I 240 67.16 -18.97 -19.95
C GLU I 240 68.24 -17.93 -20.21
N SER I 241 68.75 -17.84 -21.44
CA SER I 241 69.83 -16.92 -21.75
C SER I 241 69.64 -16.17 -23.05
N LEU I 242 68.49 -16.30 -23.72
CA LEU I 242 68.26 -15.68 -25.02
C LEU I 242 67.22 -14.59 -24.89
N PHE I 243 67.42 -13.52 -25.65
CA PHE I 243 66.47 -12.41 -25.70
C PHE I 243 66.63 -11.68 -27.02
N GLY I 244 65.61 -10.93 -27.41
CA GLY I 244 65.63 -10.19 -28.64
C GLY I 244 65.43 -8.70 -28.44
N SER I 245 65.82 -7.89 -29.43
CA SER I 245 65.68 -6.45 -29.34
C SER I 245 65.15 -5.90 -30.65
N VAL I 246 64.34 -4.85 -30.56
CA VAL I 246 63.80 -4.13 -31.71
C VAL I 246 64.10 -2.66 -31.53
N ALA I 247 64.48 -2.00 -32.63
CA ALA I 247 64.88 -0.60 -32.59
C ALA I 247 64.34 0.14 -33.80
N ASP I 248 64.61 1.44 -33.85
CA ASP I 248 64.16 2.28 -34.94
C ASP I 248 64.89 2.00 -36.25
N ASP I 249 65.95 1.19 -36.21
CA ASP I 249 66.71 0.86 -37.40
C ASP I 249 66.12 -0.32 -38.17
N GLN I 250 64.80 -0.51 -38.07
CA GLN I 250 64.10 -1.64 -38.71
C GLN I 250 64.89 -2.94 -38.61
N LYS I 251 65.51 -3.15 -37.46
CA LYS I 251 66.40 -4.28 -37.24
C LYS I 251 65.86 -5.20 -36.16
N LEU I 252 65.82 -6.49 -36.46
CA LEU I 252 65.46 -7.54 -35.52
C LEU I 252 66.74 -8.21 -35.05
N MET I 253 67.16 -7.94 -33.82
CA MET I 253 68.45 -8.36 -33.32
C MET I 253 68.26 -9.44 -32.26
N ILE I 254 69.14 -10.44 -32.28
CA ILE I 254 69.13 -11.53 -31.31
C ILE I 254 70.46 -11.49 -30.56
N TRP I 255 70.39 -11.47 -29.24
CA TRP I 255 71.56 -11.50 -28.38
C TRP I 255 71.54 -12.72 -27.49
N ASP I 256 72.72 -13.25 -27.20
CA ASP I 256 72.89 -14.32 -26.23
C ASP I 256 73.72 -13.78 -25.08
N THR I 257 73.18 -13.89 -23.86
CA THR I 257 73.92 -13.42 -22.70
C THR I 257 75.19 -14.24 -22.45
N ARG I 258 75.23 -15.48 -22.95
CA ARG I 258 76.43 -16.29 -22.85
C ARG I 258 77.53 -15.82 -23.79
N SER I 259 77.21 -14.96 -24.75
CA SER I 259 78.23 -14.43 -25.65
C SER I 259 79.21 -13.56 -24.87
N ASN I 260 80.49 -13.75 -25.15
CA ASN I 260 81.55 -13.05 -24.43
C ASN I 260 81.61 -11.57 -24.78
N ASN I 261 80.94 -11.13 -25.84
CA ASN I 261 80.97 -9.74 -26.27
C ASN I 261 79.55 -9.18 -26.22
N THR I 262 79.43 -7.90 -25.89
CA THR I 262 78.14 -7.24 -25.84
C THR I 262 77.87 -6.37 -27.06
N SER I 263 78.80 -6.31 -28.01
CA SER I 263 78.65 -5.46 -29.19
C SER I 263 78.19 -6.23 -30.43
N LYS I 264 78.86 -7.32 -30.77
CA LYS I 264 78.48 -8.12 -31.93
C LYS I 264 77.27 -8.98 -31.56
N PRO I 265 76.13 -8.81 -32.21
CA PRO I 265 74.95 -9.60 -31.84
C PRO I 265 75.10 -11.04 -32.28
N SER I 266 74.33 -11.91 -31.62
CA SER I 266 74.31 -13.32 -32.02
C SER I 266 73.80 -13.47 -33.44
N HIS I 267 72.76 -12.72 -33.81
CA HIS I 267 72.23 -12.73 -35.15
C HIS I 267 71.66 -11.36 -35.46
N SER I 268 71.80 -10.95 -36.72
CA SER I 268 71.35 -9.65 -37.19
C SER I 268 70.47 -9.84 -38.42
N VAL I 269 69.17 -9.56 -38.26
CA VAL I 269 68.21 -9.64 -39.35
C VAL I 269 67.39 -8.35 -39.36
N ASP I 270 67.22 -7.77 -40.53
CA ASP I 270 66.36 -6.60 -40.66
C ASP I 270 64.91 -6.96 -40.36
N ALA I 271 64.15 -5.97 -39.89
CA ALA I 271 62.77 -6.20 -39.49
C ALA I 271 61.79 -5.87 -40.61
N HIS I 272 61.75 -4.61 -41.02
CA HIS I 272 60.82 -4.17 -42.06
C HIS I 272 61.48 -3.04 -42.85
N THR I 273 60.67 -2.33 -43.63
CA THR I 273 61.10 -1.08 -44.24
C THR I 273 60.85 0.12 -43.34
N ALA I 274 60.22 -0.08 -42.19
CA ALA I 274 59.95 0.98 -41.24
C ALA I 274 60.40 0.53 -39.85
N GLU I 275 60.49 1.51 -38.96
CA GLU I 275 60.93 1.23 -37.59
C GLU I 275 59.93 0.31 -36.90
N VAL I 276 60.46 -0.54 -36.02
CA VAL I 276 59.65 -1.46 -35.25
C VAL I 276 59.60 -1.00 -33.81
N ASN I 277 58.53 -1.37 -33.12
CA ASN I 277 58.26 -0.88 -31.77
C ASN I 277 58.51 -1.91 -30.69
N CYS I 278 57.93 -3.10 -30.80
CA CYS I 278 58.00 -4.09 -29.72
C CYS I 278 58.16 -5.48 -30.31
N LEU I 279 58.21 -6.47 -29.42
CA LEU I 279 58.27 -7.87 -29.81
C LEU I 279 57.56 -8.69 -28.75
N SER I 280 57.18 -9.91 -29.12
CA SER I 280 56.51 -10.79 -28.19
C SER I 280 56.72 -12.23 -28.61
N PHE I 281 56.86 -13.11 -27.63
CA PHE I 281 57.01 -14.55 -27.87
C PHE I 281 55.79 -15.27 -27.33
N ASN I 282 55.56 -16.47 -27.85
CA ASN I 282 54.46 -17.29 -27.39
C ASN I 282 54.70 -17.72 -25.94
N PRO I 283 53.66 -17.70 -25.10
CA PRO I 283 53.81 -18.27 -23.75
C PRO I 283 54.09 -19.76 -23.76
N TYR I 284 53.74 -20.45 -24.85
CA TYR I 284 53.92 -21.89 -24.96
C TYR I 284 55.01 -22.26 -25.95
N SER I 285 55.00 -21.67 -27.14
CA SER I 285 56.01 -21.96 -28.15
C SER I 285 57.30 -21.21 -27.85
N GLU I 286 58.38 -21.65 -28.49
CA GLU I 286 59.68 -21.03 -28.33
C GLU I 286 60.39 -20.76 -29.65
N PHE I 287 59.72 -20.91 -30.79
CA PHE I 287 60.35 -20.72 -32.09
C PHE I 287 59.70 -19.61 -32.91
N ILE I 288 58.67 -18.96 -32.39
CA ILE I 288 57.92 -17.95 -33.15
C ILE I 288 57.83 -16.69 -32.30
N LEU I 289 58.14 -15.56 -32.92
CA LEU I 289 58.09 -14.26 -32.26
C LEU I 289 57.30 -13.29 -33.13
N ALA I 290 56.66 -12.33 -32.47
CA ALA I 290 55.82 -11.35 -33.14
C ALA I 290 56.41 -9.95 -32.96
N THR I 291 56.57 -9.22 -34.06
CA THR I 291 57.08 -7.86 -34.04
C THR I 291 56.17 -6.96 -34.86
N GLY I 292 55.87 -5.79 -34.30
CA GLY I 292 55.05 -4.79 -34.98
C GLY I 292 55.92 -3.66 -35.48
N SER I 293 55.57 -3.12 -36.64
CA SER I 293 56.37 -2.11 -37.30
C SER I 293 55.50 -0.89 -37.62
N ALA I 294 56.17 0.18 -38.06
CA ALA I 294 55.49 1.42 -38.42
C ALA I 294 54.88 1.37 -39.81
N ASP I 295 55.15 0.32 -40.58
CA ASP I 295 54.64 0.18 -41.94
C ASP I 295 53.29 -0.49 -41.98
N LYS I 296 52.52 -0.41 -40.89
CA LYS I 296 51.19 -1.02 -40.80
C LYS I 296 51.23 -2.53 -40.95
N THR I 297 52.38 -3.13 -40.71
CA THR I 297 52.54 -4.57 -40.87
C THR I 297 53.08 -5.17 -39.58
N VAL I 298 52.67 -6.41 -39.32
CA VAL I 298 53.21 -7.21 -38.24
C VAL I 298 53.69 -8.52 -38.85
N ALA I 299 54.99 -8.77 -38.74
CA ALA I 299 55.62 -9.90 -39.40
C ALA I 299 55.89 -11.01 -38.40
N LEU I 300 55.52 -12.23 -38.76
CA LEU I 300 55.87 -13.41 -37.97
C LEU I 300 57.22 -13.93 -38.43
N TRP I 301 58.04 -14.34 -37.46
CA TRP I 301 59.38 -14.85 -37.72
C TRP I 301 59.54 -16.19 -37.04
N ASP I 302 59.85 -17.22 -37.81
CA ASP I 302 60.21 -18.51 -37.25
C ASP I 302 61.66 -18.46 -36.77
N LEU I 303 61.88 -18.87 -35.52
CA LEU I 303 63.25 -18.87 -35.00
C LEU I 303 64.12 -19.91 -35.68
N ARG I 304 63.54 -20.84 -36.43
CA ARG I 304 64.32 -21.74 -37.26
C ARG I 304 65.03 -20.99 -38.37
N ASN I 305 64.38 -19.98 -38.93
CA ASN I 305 64.97 -19.20 -40.03
C ASN I 305 64.43 -17.78 -39.94
N LEU I 306 65.30 -16.85 -39.56
CA LEU I 306 64.92 -15.44 -39.45
C LEU I 306 65.03 -14.70 -40.78
N LYS I 307 65.61 -15.32 -41.80
CA LYS I 307 65.77 -14.64 -43.08
C LYS I 307 64.42 -14.43 -43.76
N LEU I 308 63.50 -15.37 -43.60
CA LEU I 308 62.18 -15.31 -44.23
C LEU I 308 61.12 -15.18 -43.15
N LYS I 309 60.27 -14.17 -43.28
CA LYS I 309 59.22 -13.93 -42.31
C LYS I 309 58.16 -15.02 -42.42
N LEU I 310 57.76 -15.57 -41.27
CA LEU I 310 56.73 -16.61 -41.26
C LEU I 310 55.42 -16.06 -41.84
N HIS I 311 55.03 -14.87 -41.43
CA HIS I 311 53.82 -14.23 -41.94
C HIS I 311 53.79 -12.77 -41.53
N SER I 312 53.53 -11.89 -42.49
CA SER I 312 53.45 -10.46 -42.24
C SER I 312 51.99 -10.05 -42.34
N PHE I 313 51.30 -10.01 -41.21
CA PHE I 313 49.90 -9.63 -41.19
C PHE I 313 49.75 -8.14 -41.45
N GLU I 314 48.65 -7.78 -42.12
CA GLU I 314 48.40 -6.39 -42.52
C GLU I 314 46.92 -6.08 -42.27
N SER I 315 46.65 -5.31 -41.22
CA SER I 315 45.30 -4.81 -41.00
C SER I 315 45.24 -3.37 -40.52
N HIS I 316 46.34 -2.79 -40.05
CA HIS I 316 46.32 -1.43 -39.54
C HIS I 316 46.61 -0.43 -40.66
N LYS I 317 46.31 0.83 -40.36
CA LYS I 317 46.52 1.94 -41.29
C LYS I 317 47.67 2.83 -40.85
N ASP I 318 48.41 2.44 -39.82
CA ASP I 318 49.46 3.29 -39.27
C ASP I 318 50.45 2.42 -38.50
N GLU I 319 51.31 3.07 -37.72
CA GLU I 319 52.28 2.35 -36.91
C GLU I 319 51.58 1.54 -35.83
N ILE I 320 52.12 0.35 -35.58
CA ILE I 320 51.65 -0.52 -34.50
C ILE I 320 52.63 -0.44 -33.36
N PHE I 321 52.12 -0.19 -32.15
CA PHE I 321 52.94 0.11 -31.00
C PHE I 321 53.21 -1.12 -30.12
N GLN I 322 52.16 -1.78 -29.63
CA GLN I 322 52.30 -2.90 -28.71
C GLN I 322 51.72 -4.16 -29.32
N VAL I 323 52.43 -5.27 -29.16
CA VAL I 323 52.02 -6.58 -29.64
C VAL I 323 52.15 -7.57 -28.50
N GLN I 324 51.11 -8.36 -28.26
CA GLN I 324 51.14 -9.33 -27.18
C GLN I 324 50.35 -10.57 -27.53
N TRP I 325 50.84 -11.71 -27.05
CA TRP I 325 50.23 -13.01 -27.29
C TRP I 325 49.15 -13.31 -26.27
N SER I 326 48.61 -14.53 -26.33
CA SER I 326 47.58 -14.98 -25.40
C SER I 326 48.15 -16.08 -24.52
N PRO I 327 48.29 -15.85 -23.20
CA PRO I 327 48.73 -16.93 -22.32
C PRO I 327 47.75 -18.08 -22.26
N HIS I 328 46.49 -17.86 -22.63
CA HIS I 328 45.53 -18.96 -22.69
C HIS I 328 45.64 -19.72 -24.00
N ASN I 329 45.82 -19.00 -25.11
CA ASN I 329 45.81 -19.59 -26.43
C ASN I 329 47.14 -19.30 -27.14
N GLU I 330 47.84 -20.36 -27.52
CA GLU I 330 49.16 -20.19 -28.12
C GLU I 330 49.08 -19.44 -29.45
N THR I 331 48.10 -19.79 -30.29
CA THR I 331 48.03 -19.29 -31.65
C THR I 331 47.12 -18.07 -31.77
N ILE I 332 47.04 -17.25 -30.73
CA ILE I 332 46.21 -16.06 -30.73
C ILE I 332 47.10 -14.86 -30.39
N LEU I 333 47.03 -13.83 -31.22
CA LEU I 333 47.86 -12.65 -31.06
C LEU I 333 47.00 -11.39 -31.12
N ALA I 334 47.31 -10.43 -30.27
CA ALA I 334 46.60 -9.16 -30.22
C ALA I 334 47.58 -8.02 -30.40
N SER I 335 47.10 -6.93 -31.01
CA SER I 335 47.98 -5.82 -31.34
C SER I 335 47.17 -4.55 -31.46
N SER I 336 47.77 -3.43 -31.03
CA SER I 336 47.15 -2.12 -31.13
C SER I 336 48.20 -1.11 -31.54
N GLY I 337 47.74 -0.01 -32.13
CA GLY I 337 48.62 1.07 -32.52
C GLY I 337 47.97 2.42 -32.37
N THR I 338 48.38 3.39 -33.19
CA THR I 338 47.76 4.71 -33.17
C THR I 338 46.39 4.73 -33.83
N ASP I 339 45.98 3.63 -34.48
CA ASP I 339 44.66 3.54 -35.07
C ASP I 339 43.54 3.50 -34.04
N ARG I 340 43.89 3.44 -32.76
CA ARG I 340 42.94 3.26 -31.66
C ARG I 340 42.18 1.94 -31.78
N ARG I 341 42.64 1.04 -32.63
CA ARG I 341 41.97 -0.22 -32.91
C ARG I 341 42.82 -1.37 -32.41
N LEU I 342 42.20 -2.24 -31.61
CA LEU I 342 42.85 -3.44 -31.11
C LEU I 342 42.36 -4.64 -31.92
N ASN I 343 43.30 -5.40 -32.47
CA ASN I 343 42.98 -6.48 -33.40
C ASN I 343 43.43 -7.82 -32.85
N VAL I 344 42.53 -8.79 -32.90
CA VAL I 344 42.79 -10.15 -32.45
C VAL I 344 43.04 -11.02 -33.68
N TRP I 345 44.18 -11.70 -33.68
CA TRP I 345 44.64 -12.45 -34.84
C TRP I 345 44.86 -13.90 -34.48
N ASP I 346 44.34 -14.79 -35.32
CA ASP I 346 44.40 -16.23 -35.11
C ASP I 346 45.28 -16.88 -36.16
N LEU I 347 46.01 -17.91 -35.75
CA LEU I 347 46.86 -18.67 -36.66
C LEU I 347 46.15 -19.88 -37.26
N SER I 348 44.95 -20.21 -36.80
CA SER I 348 44.19 -21.31 -37.37
C SER I 348 43.46 -20.91 -38.65
N LYS I 349 43.32 -19.63 -38.93
CA LYS I 349 42.67 -19.13 -40.14
C LYS I 349 43.67 -18.70 -41.19
N ILE I 350 44.95 -19.04 -41.01
CA ILE I 350 45.97 -18.66 -41.98
C ILE I 350 45.82 -19.52 -43.23
N GLY I 351 45.81 -18.86 -44.39
CA GLY I 351 45.63 -19.58 -45.65
C GLY I 351 44.25 -20.18 -45.80
N GLU I 352 43.22 -19.49 -45.32
CA GLU I 352 41.84 -19.95 -45.43
C GLU I 352 41.08 -19.05 -46.39
N GLU I 353 40.40 -19.65 -47.36
CA GLU I 353 39.62 -18.89 -48.32
C GLU I 353 38.43 -18.25 -47.64
N GLN I 354 38.09 -17.03 -48.08
CA GLN I 354 36.93 -16.32 -47.57
C GLN I 354 36.26 -15.58 -48.71
N SER I 355 34.97 -15.31 -48.54
CA SER I 355 34.23 -14.55 -49.53
C SER I 355 34.70 -13.10 -49.52
N PRO I 356 34.61 -12.41 -50.66
CA PRO I 356 34.96 -10.98 -50.67
C PRO I 356 34.12 -10.17 -49.70
N GLU I 357 32.86 -10.55 -49.47
CA GLU I 357 32.02 -9.88 -48.49
C GLU I 357 32.66 -9.90 -47.12
N ASP I 358 33.46 -10.94 -46.82
CA ASP I 358 34.26 -10.98 -45.62
C ASP I 358 35.68 -10.48 -45.86
N ALA I 359 35.97 -9.97 -47.05
CA ALA I 359 37.32 -9.56 -47.40
C ALA I 359 37.49 -8.07 -47.66
N GLU I 360 36.40 -7.30 -47.75
CA GLU I 360 36.57 -5.85 -47.93
C GLU I 360 37.35 -5.26 -46.76
N ASP I 361 37.04 -5.70 -45.54
CA ASP I 361 37.70 -5.15 -44.35
C ASP I 361 39.19 -5.46 -44.34
N GLY I 362 39.57 -6.67 -44.73
CA GLY I 362 40.96 -7.05 -44.72
C GLY I 362 41.16 -8.55 -44.89
N PRO I 363 42.37 -9.02 -44.62
CA PRO I 363 42.69 -10.44 -44.81
C PRO I 363 41.95 -11.29 -43.80
N PRO I 364 41.72 -12.57 -44.12
CA PRO I 364 41.09 -13.48 -43.15
C PRO I 364 41.97 -13.80 -41.95
N GLU I 365 43.22 -13.36 -41.96
CA GLU I 365 44.09 -13.56 -40.81
C GLU I 365 43.48 -12.93 -39.56
N LEU I 366 42.88 -11.77 -39.71
CA LEU I 366 42.20 -11.11 -38.59
C LEU I 366 40.95 -11.88 -38.19
N LEU I 367 40.68 -11.89 -36.89
CA LEU I 367 39.46 -12.44 -36.35
C LEU I 367 38.57 -11.38 -35.70
N PHE I 368 39.16 -10.31 -35.18
CA PHE I 368 38.40 -9.34 -34.41
C PHE I 368 39.13 -8.00 -34.42
N ILE I 369 38.34 -6.93 -34.24
CA ILE I 369 38.86 -5.57 -34.12
C ILE I 369 38.18 -4.90 -32.94
N HIS I 370 38.96 -4.25 -32.10
CA HIS I 370 38.42 -3.42 -31.03
C HIS I 370 38.77 -1.97 -31.27
N GLY I 371 37.76 -1.15 -31.53
CA GLY I 371 37.97 0.27 -31.71
C GLY I 371 37.15 1.10 -30.73
N GLY I 372 37.07 0.66 -29.49
CA GLY I 372 36.28 1.36 -28.49
C GLY I 372 37.01 2.50 -27.82
N HIS I 373 38.11 2.97 -28.39
CA HIS I 373 38.96 3.97 -27.75
C HIS I 373 38.85 5.31 -28.45
N THR I 374 38.54 6.35 -27.68
CA THR I 374 38.56 7.70 -28.21
C THR I 374 39.96 8.11 -28.63
N ALA I 375 40.96 7.73 -27.85
CA ALA I 375 42.34 8.09 -28.11
C ALA I 375 43.12 6.83 -28.47
N LYS I 376 44.39 7.02 -28.81
CA LYS I 376 45.26 5.90 -29.14
C LYS I 376 45.39 4.97 -27.94
N ILE I 377 45.36 3.67 -28.22
CA ILE I 377 45.42 2.66 -27.17
C ILE I 377 46.82 2.68 -26.56
N SER I 378 46.90 3.08 -25.28
CA SER I 378 48.19 3.23 -24.62
C SER I 378 48.84 1.88 -24.36
N ASP I 379 48.10 0.95 -23.77
CA ASP I 379 48.67 -0.34 -23.38
C ASP I 379 47.57 -1.37 -23.19
N PHE I 380 47.94 -2.64 -23.31
CA PHE I 380 47.00 -3.74 -23.14
C PHE I 380 47.70 -4.95 -22.57
N SER I 381 46.91 -5.87 -22.01
CA SER I 381 47.43 -7.06 -21.36
C SER I 381 46.38 -8.16 -21.35
N TRP I 382 46.84 -9.40 -21.52
CA TRP I 382 45.95 -10.56 -21.53
C TRP I 382 45.88 -11.22 -20.17
N ASN I 383 44.66 -11.43 -19.70
CA ASN I 383 44.48 -11.99 -18.37
C ASN I 383 44.97 -13.43 -18.35
N PRO I 384 45.99 -13.75 -17.53
CA PRO I 384 46.47 -15.14 -17.48
C PRO I 384 45.48 -16.10 -16.86
N ASN I 385 44.57 -15.62 -16.03
CA ASN I 385 43.59 -16.48 -15.36
C ASN I 385 42.31 -16.59 -16.18
N GLU I 386 41.73 -15.47 -16.53
CA GLU I 386 40.54 -15.57 -17.35
C GLU I 386 40.91 -15.36 -18.82
N PRO I 387 40.48 -16.25 -19.70
CA PRO I 387 40.83 -16.12 -21.11
C PRO I 387 40.03 -15.02 -21.79
N TRP I 388 40.59 -14.51 -22.88
CA TRP I 388 39.99 -13.48 -23.73
C TRP I 388 39.77 -12.17 -22.99
N VAL I 389 40.28 -12.06 -21.77
CA VAL I 389 40.06 -10.90 -20.92
C VAL I 389 41.28 -10.00 -21.02
N ILE I 390 41.10 -8.80 -21.57
CA ILE I 390 42.19 -7.87 -21.78
C ILE I 390 41.77 -6.49 -21.30
N CYS I 391 42.67 -5.83 -20.59
CA CYS I 391 42.53 -4.43 -20.24
C CYS I 391 43.14 -3.59 -21.34
N SER I 392 42.47 -2.50 -21.69
CA SER I 392 42.93 -1.59 -22.71
C SER I 392 42.73 -0.15 -22.26
N VAL I 393 43.77 0.66 -22.42
CA VAL I 393 43.79 2.05 -21.98
C VAL I 393 44.09 2.95 -23.17
N SER I 394 43.30 3.99 -23.32
CA SER I 394 43.54 5.02 -24.32
C SER I 394 44.23 6.20 -23.65
N GLU I 395 44.74 7.12 -24.49
CA GLU I 395 45.44 8.29 -23.96
C GLU I 395 44.53 9.19 -23.14
N ASP I 396 43.22 9.17 -23.38
CA ASP I 396 42.30 10.04 -22.67
C ASP I 396 41.92 9.47 -21.32
N ASN I 397 42.92 9.04 -20.54
CA ASN I 397 42.74 8.41 -19.24
C ASN I 397 41.52 7.50 -19.22
N ILE I 398 41.32 6.75 -20.29
CA ILE I 398 40.16 5.88 -20.44
C ILE I 398 40.64 4.45 -20.28
N MET I 399 40.02 3.72 -19.37
CA MET I 399 40.35 2.33 -19.12
C MET I 399 39.18 1.46 -19.53
N GLN I 400 39.45 0.41 -20.28
CA GLN I 400 38.46 -0.57 -20.67
C GLN I 400 38.95 -1.97 -20.35
N VAL I 401 38.20 -2.68 -19.53
CA VAL I 401 38.36 -4.12 -19.37
C VAL I 401 37.20 -4.75 -20.12
N TRP I 402 37.51 -5.66 -21.02
CA TRP I 402 36.56 -6.13 -22.00
C TRP I 402 36.79 -7.59 -22.33
N GLN I 403 35.76 -8.21 -22.91
CA GLN I 403 35.87 -9.54 -23.46
C GLN I 403 34.77 -9.72 -24.50
N MET I 404 35.16 -10.23 -25.66
CA MET I 404 34.28 -10.30 -26.82
C MET I 404 33.20 -11.36 -26.63
N ALA I 405 32.40 -11.52 -27.67
CA ALA I 405 31.46 -12.64 -27.71
C ALA I 405 32.21 -13.95 -27.90
N GLU I 406 31.76 -14.98 -27.18
CA GLU I 406 32.46 -16.26 -27.21
C GLU I 406 32.34 -16.96 -28.55
N ASN I 407 31.28 -16.67 -29.31
CA ASN I 407 31.05 -17.31 -30.59
C ASN I 407 32.04 -16.88 -31.67
N ILE I 408 32.76 -15.78 -31.44
CA ILE I 408 33.73 -15.31 -32.43
C ILE I 408 35.01 -16.14 -32.42
N TYR I 409 35.28 -16.87 -31.35
CA TYR I 409 36.44 -17.75 -31.27
C TYR I 409 36.07 -19.21 -31.02
N ASN I 410 34.93 -19.45 -30.39
CA ASN I 410 34.50 -20.82 -30.11
C ASN I 410 33.51 -21.34 -31.14
N ASP I 411 32.89 -20.46 -31.93
CA ASP I 411 31.98 -20.85 -33.00
C ASP I 411 30.83 -21.71 -32.48
N MET J 1 18.40 -48.70 1.84
CA MET J 1 18.17 -47.39 2.44
C MET J 1 19.06 -46.34 1.79
N LYS J 2 18.44 -45.37 1.13
CA LYS J 2 19.17 -44.30 0.49
C LYS J 2 18.51 -42.98 0.83
N VAL J 3 19.33 -41.95 1.02
CA VAL J 3 18.88 -40.63 1.47
C VAL J 3 18.94 -39.68 0.28
N ILE J 4 17.85 -38.96 0.07
CA ILE J 4 17.75 -38.02 -1.05
C ILE J 4 17.42 -36.64 -0.51
N THR J 5 18.35 -35.71 -0.68
CA THR J 5 18.07 -34.30 -0.39
C THR J 5 17.31 -33.69 -1.56
N CYS J 6 16.38 -32.80 -1.24
CA CYS J 6 15.48 -32.23 -2.24
C CYS J 6 15.81 -30.77 -2.43
N GLU J 7 16.34 -30.42 -3.61
CA GLU J 7 16.62 -29.04 -3.97
C GLU J 7 15.44 -28.37 -4.65
N ILE J 8 14.36 -29.08 -4.84
CA ILE J 8 13.23 -28.56 -5.60
C ILE J 8 12.56 -27.46 -4.80
N ALA J 9 11.87 -26.58 -5.51
CA ALA J 9 11.15 -25.51 -4.84
C ALA J 9 9.97 -26.08 -4.09
N TRP J 10 10.14 -26.26 -2.77
CA TRP J 10 9.04 -26.75 -1.95
C TRP J 10 8.02 -25.67 -1.71
N HIS J 11 8.43 -24.63 -0.98
CA HIS J 11 7.65 -23.43 -0.76
C HIS J 11 8.45 -22.23 -1.19
N ASN J 12 8.94 -22.26 -2.43
CA ASN J 12 9.78 -21.22 -3.02
C ASN J 12 10.77 -20.67 -2.00
N LYS J 13 11.58 -21.60 -1.48
CA LYS J 13 12.63 -21.45 -0.47
C LYS J 13 12.10 -21.09 0.91
N GLU J 14 10.78 -21.02 1.09
CA GLU J 14 10.28 -20.65 2.40
C GLU J 14 10.41 -21.83 3.37
N PRO J 15 10.68 -21.54 4.65
CA PRO J 15 10.87 -22.62 5.62
C PRO J 15 9.63 -23.47 5.79
N VAL J 16 9.86 -24.76 6.02
CA VAL J 16 8.81 -25.76 6.15
C VAL J 16 8.56 -26.01 7.63
N TYR J 17 7.39 -26.53 7.95
CA TYR J 17 7.05 -26.87 9.32
C TYR J 17 6.49 -28.27 9.49
N SER J 18 5.62 -28.72 8.59
CA SER J 18 4.94 -29.98 8.80
C SER J 18 4.56 -30.63 7.49
N LEU J 19 4.33 -31.93 7.55
CA LEU J 19 4.00 -32.72 6.37
C LEU J 19 3.35 -34.03 6.83
N ASP J 20 2.59 -34.65 5.93
CA ASP J 20 1.91 -35.88 6.28
C ASP J 20 1.67 -36.73 5.04
N PHE J 21 1.64 -38.04 5.25
CA PHE J 21 1.42 -39.04 4.22
C PHE J 21 -0.06 -39.40 4.18
N GLN J 22 -0.41 -40.26 3.23
CA GLN J 22 -1.79 -40.73 3.09
C GLN J 22 -1.90 -42.12 3.70
N HIS J 23 -2.59 -42.20 4.84
CA HIS J 23 -2.74 -43.48 5.54
C HIS J 23 -3.78 -44.37 4.88
N GLY J 24 -4.81 -43.80 4.29
CA GLY J 24 -5.90 -44.61 3.76
C GLY J 24 -5.45 -45.57 2.68
N THR J 25 -4.63 -45.10 1.74
CA THR J 25 -4.15 -45.95 0.67
C THR J 25 -2.82 -46.56 1.06
N ALA J 26 -2.75 -47.89 1.03
CA ALA J 26 -1.52 -48.61 1.31
C ALA J 26 -0.70 -48.89 0.06
N GLY J 27 -1.16 -48.43 -1.11
CA GLY J 27 -0.42 -48.64 -2.32
C GLY J 27 0.85 -47.80 -2.37
N ARG J 28 1.72 -48.15 -3.31
CA ARG J 28 2.97 -47.42 -3.47
C ARG J 28 2.70 -45.95 -3.82
N ILE J 29 1.52 -45.68 -4.36
CA ILE J 29 1.12 -44.31 -4.66
C ILE J 29 0.93 -43.55 -3.36
N HIS J 30 1.43 -42.31 -3.32
CA HIS J 30 1.45 -41.53 -2.08
C HIS J 30 1.17 -40.06 -2.35
N ARG J 31 0.29 -39.49 -1.53
CA ARG J 31 -0.07 -38.08 -1.60
C ARG J 31 0.51 -37.38 -0.38
N LEU J 32 1.27 -36.31 -0.60
CA LEU J 32 2.01 -35.65 0.45
C LEU J 32 1.68 -34.17 0.49
N ALA J 33 1.47 -33.67 1.71
CA ALA J 33 1.18 -32.26 1.96
C ALA J 33 2.28 -31.69 2.84
N SER J 34 2.44 -30.37 2.79
CA SER J 34 3.52 -29.70 3.50
C SER J 34 3.03 -28.43 4.17
N ALA J 35 3.69 -28.04 5.26
CA ALA J 35 3.35 -26.83 6.01
C ALA J 35 4.56 -25.92 6.11
N GLY J 36 4.38 -24.66 5.72
CA GLY J 36 5.46 -23.68 5.70
C GLY J 36 4.98 -22.30 6.08
N VAL J 37 5.80 -21.30 5.75
CA VAL J 37 5.47 -19.92 6.10
C VAL J 37 4.68 -19.18 5.02
N ASP J 38 4.67 -19.69 3.79
CA ASP J 38 4.16 -18.92 2.66
C ASP J 38 2.65 -18.85 2.64
N THR J 39 2.00 -19.26 3.74
CA THR J 39 0.54 -19.34 3.81
C THR J 39 0.00 -20.26 2.72
N ASN J 40 0.85 -21.14 2.20
CA ASN J 40 0.50 -22.02 1.09
C ASN J 40 0.68 -23.47 1.51
N VAL J 41 -0.38 -24.26 1.36
CA VAL J 41 -0.32 -25.69 1.56
C VAL J 41 -0.24 -26.33 0.19
N ARG J 42 0.87 -27.02 -0.07
CA ARG J 42 1.17 -27.57 -1.38
C ARG J 42 1.06 -29.07 -1.30
N ILE J 43 0.25 -29.65 -2.18
CA ILE J 43 0.02 -31.09 -2.22
C ILE J 43 1.00 -31.67 -3.23
N TRP J 44 1.66 -32.76 -2.85
CA TRP J 44 2.68 -33.34 -3.71
C TRP J 44 2.48 -34.84 -3.83
N LYS J 45 2.93 -35.37 -4.95
CA LYS J 45 2.95 -36.80 -5.22
C LYS J 45 4.40 -37.25 -5.26
N VAL J 46 4.75 -38.21 -4.41
CA VAL J 46 6.09 -38.79 -4.43
C VAL J 46 5.99 -40.30 -4.40
N GLU J 47 6.72 -40.94 -5.31
CA GLU J 47 6.79 -42.39 -5.40
C GLU J 47 8.19 -42.76 -5.86
N LYS J 48 8.56 -44.02 -5.65
CA LYS J 48 9.86 -44.50 -6.08
C LYS J 48 9.99 -44.44 -7.58
N GLY J 49 11.14 -43.96 -8.06
CA GLY J 49 11.41 -43.94 -9.47
C GLY J 49 11.89 -45.29 -9.96
N PRO J 50 12.20 -45.38 -11.25
CA PRO J 50 12.76 -46.64 -11.78
C PRO J 50 14.06 -47.02 -11.11
N ASP J 51 14.84 -46.05 -10.64
CA ASP J 51 16.06 -46.30 -9.89
C ASP J 51 15.81 -46.46 -8.40
N GLY J 52 14.55 -46.47 -7.98
CA GLY J 52 14.21 -46.53 -6.58
C GLY J 52 14.24 -45.20 -5.86
N LYS J 53 14.61 -44.13 -6.56
CA LYS J 53 14.67 -42.83 -5.92
C LYS J 53 13.26 -42.28 -5.71
N ALA J 54 13.08 -41.65 -4.55
CA ALA J 54 11.81 -41.02 -4.22
C ALA J 54 11.71 -39.71 -4.97
N ILE J 55 11.08 -39.75 -6.14
CA ILE J 55 10.88 -38.57 -6.97
C ILE J 55 9.48 -38.03 -6.71
N VAL J 56 9.37 -36.71 -6.60
CA VAL J 56 8.15 -36.04 -6.17
C VAL J 56 7.60 -35.22 -7.32
N GLU J 57 6.29 -34.97 -7.28
CA GLU J 57 5.64 -34.06 -8.21
C GLU J 57 4.49 -33.35 -7.51
N PHE J 58 4.27 -32.10 -7.89
CA PHE J 58 3.23 -31.27 -7.29
C PHE J 58 1.85 -31.85 -7.60
N LEU J 59 0.91 -31.64 -6.69
CA LEU J 59 -0.48 -32.03 -6.91
C LEU J 59 -1.44 -30.85 -6.90
N SER J 60 -1.48 -30.09 -5.82
CA SER J 60 -2.41 -28.97 -5.71
C SER J 60 -1.90 -28.04 -4.61
N ASN J 61 -2.34 -26.80 -4.66
CA ASN J 61 -1.94 -25.80 -3.69
C ASN J 61 -3.15 -25.30 -2.92
N LEU J 62 -2.96 -25.03 -1.64
CA LEU J 62 -3.97 -24.42 -0.79
C LEU J 62 -3.42 -23.06 -0.38
N ALA J 63 -4.20 -22.01 -0.64
CA ALA J 63 -3.70 -20.66 -0.42
C ALA J 63 -4.66 -19.79 0.38
N ARG J 64 -5.65 -20.38 1.04
CA ARG J 64 -6.60 -19.57 1.80
C ARG J 64 -5.93 -18.88 2.98
N HIS J 65 -4.82 -19.43 3.46
CA HIS J 65 -4.23 -18.99 4.70
C HIS J 65 -3.86 -17.52 4.64
N THR J 66 -4.39 -16.75 5.58
CA THR J 66 -3.91 -15.39 5.76
C THR J 66 -2.58 -15.37 6.48
N LYS J 67 -2.29 -16.41 7.26
CA LYS J 67 -1.06 -16.49 8.02
C LYS J 67 -0.41 -17.86 7.81
N ALA J 68 0.87 -17.92 8.19
CA ALA J 68 1.68 -19.09 7.96
C ALA J 68 1.17 -20.27 8.78
N VAL J 69 1.39 -21.46 8.24
CA VAL J 69 0.91 -22.69 8.86
C VAL J 69 2.07 -23.37 9.57
N ASN J 70 1.77 -24.04 10.67
CA ASN J 70 2.79 -24.66 11.50
C ASN J 70 2.71 -26.18 11.54
N VAL J 71 1.51 -26.74 11.49
CA VAL J 71 1.35 -28.19 11.59
C VAL J 71 0.25 -28.63 10.62
N VAL J 72 0.50 -29.72 9.91
CA VAL J 72 -0.46 -30.30 8.98
C VAL J 72 -0.46 -31.81 9.16
N ARG J 73 -1.65 -32.39 9.32
CA ARG J 73 -1.79 -33.83 9.53
C ARG J 73 -3.10 -34.32 8.93
N PHE J 74 -3.02 -35.41 8.17
CA PHE J 74 -4.19 -36.05 7.60
C PHE J 74 -4.96 -36.83 8.67
N SER J 75 -6.18 -37.20 8.33
CA SER J 75 -6.90 -38.14 9.14
C SER J 75 -6.23 -39.51 9.08
N PRO J 76 -6.45 -40.36 10.09
CA PRO J 76 -6.04 -41.76 9.93
C PRO J 76 -6.64 -42.39 8.70
N THR J 77 -7.87 -41.98 8.35
CA THR J 77 -8.44 -42.35 7.07
C THR J 77 -7.67 -41.69 5.92
N GLY J 78 -7.20 -40.47 6.13
CA GLY J 78 -6.47 -39.74 5.12
C GLY J 78 -7.33 -39.05 4.09
N GLU J 79 -8.63 -39.33 4.08
CA GLU J 79 -9.53 -38.67 3.14
C GLU J 79 -9.74 -37.20 3.47
N ILE J 80 -9.69 -36.85 4.74
CA ILE J 80 -9.92 -35.49 5.20
C ILE J 80 -8.67 -35.01 5.92
N LEU J 81 -8.25 -33.79 5.62
CA LEU J 81 -6.99 -33.23 6.09
C LEU J 81 -7.23 -32.05 7.02
N ALA J 82 -6.45 -31.98 8.10
CA ALA J 82 -6.51 -30.88 9.04
C ALA J 82 -5.44 -29.86 8.69
N SER J 83 -5.82 -28.58 8.63
CA SER J 83 -4.93 -27.50 8.22
C SER J 83 -4.92 -26.42 9.27
N GLY J 84 -3.73 -26.08 9.77
CA GLY J 84 -3.60 -25.10 10.85
C GLY J 84 -2.50 -24.07 10.65
N GLY J 85 -2.86 -22.79 10.75
CA GLY J 85 -1.92 -21.70 10.59
C GLY J 85 -1.88 -20.75 11.77
N ASP J 86 -1.00 -19.75 11.66
CA ASP J 86 -0.89 -18.68 12.65
C ASP J 86 -2.17 -17.88 12.80
N ASP J 87 -3.00 -17.85 11.76
CA ASP J 87 -4.20 -17.04 11.77
C ASP J 87 -5.24 -17.54 12.76
N ALA J 88 -4.85 -18.45 13.65
CA ALA J 88 -5.67 -18.87 14.78
C ALA J 88 -6.96 -19.54 14.34
N VAL J 89 -6.92 -20.23 13.20
CA VAL J 89 -8.06 -20.98 12.69
C VAL J 89 -7.58 -22.27 12.05
N ILE J 90 -8.42 -23.30 12.15
CA ILE J 90 -8.13 -24.61 11.61
C ILE J 90 -9.28 -25.01 10.71
N LEU J 91 -8.97 -25.31 9.44
CA LEU J 91 -9.96 -25.74 8.48
C LEU J 91 -9.71 -27.19 8.08
N LEU J 92 -10.79 -27.89 7.75
CA LEU J 92 -10.73 -29.28 7.31
C LEU J 92 -11.03 -29.30 5.82
N TRP J 93 -10.25 -30.04 5.06
CA TRP J 93 -10.40 -30.12 3.63
C TRP J 93 -10.71 -31.53 3.16
N LYS J 94 -11.36 -31.61 2.00
CA LYS J 94 -11.54 -32.87 1.30
C LYS J 94 -11.38 -32.60 -0.20
N VAL J 95 -10.82 -33.59 -0.89
CA VAL J 95 -10.71 -33.48 -2.35
C VAL J 95 -12.11 -33.44 -2.94
N ASN J 96 -12.29 -32.65 -3.99
CA ASN J 96 -13.59 -32.48 -4.62
C ASN J 96 -13.57 -33.11 -6.00
N ASP J 97 -14.66 -33.79 -6.34
CA ASP J 97 -14.80 -34.41 -7.65
C ASP J 97 -15.65 -33.53 -8.56
N ALA J 112 -6.41 -23.04 -11.38
CA ALA J 112 -6.51 -24.47 -11.62
C ALA J 112 -5.48 -24.92 -12.65
N GLN J 113 -4.77 -23.96 -13.22
CA GLN J 113 -3.75 -24.27 -14.21
C GLN J 113 -2.63 -25.12 -13.60
N LEU J 114 -2.23 -24.80 -12.37
CA LEU J 114 -1.14 -25.50 -11.71
C LEU J 114 -1.63 -26.51 -10.66
N ASN J 115 -2.94 -26.61 -10.44
CA ASN J 115 -3.50 -27.60 -9.52
C ASN J 115 -4.20 -28.67 -10.32
N LYS J 116 -3.72 -29.91 -10.21
CA LYS J 116 -4.35 -31.03 -10.90
C LYS J 116 -5.71 -31.33 -10.29
N GLU J 117 -5.86 -31.16 -8.99
CA GLU J 117 -7.10 -31.41 -8.29
C GLU J 117 -7.42 -30.21 -7.41
N ASN J 118 -8.71 -30.07 -7.10
CA ASN J 118 -9.16 -29.04 -6.17
C ASN J 118 -9.44 -29.68 -4.82
N TRP J 119 -8.96 -29.02 -3.77
CA TRP J 119 -9.21 -29.45 -2.40
C TRP J 119 -9.99 -28.35 -1.70
N THR J 120 -11.10 -28.71 -1.10
CA THR J 120 -12.04 -27.75 -0.56
C THR J 120 -12.12 -27.88 0.95
N VAL J 121 -12.19 -26.73 1.63
CA VAL J 121 -12.46 -26.72 3.05
C VAL J 121 -13.80 -27.39 3.31
N VAL J 122 -13.85 -28.24 4.33
CA VAL J 122 -15.05 -28.94 4.72
C VAL J 122 -15.61 -28.43 6.04
N LYS J 123 -14.74 -28.28 7.05
CA LYS J 123 -15.14 -27.76 8.35
C LYS J 123 -14.36 -26.50 8.66
N THR J 124 -14.94 -25.66 9.51
CA THR J 124 -14.36 -24.41 9.96
C THR J 124 -14.28 -24.46 11.49
N LEU J 125 -13.12 -24.84 12.00
CA LEU J 125 -12.94 -25.01 13.44
C LEU J 125 -12.06 -23.91 14.00
N ARG J 126 -12.57 -23.23 15.02
CA ARG J 126 -11.85 -22.24 15.78
C ARG J 126 -11.95 -22.61 17.26
N GLY J 127 -11.29 -21.83 18.10
CA GLY J 127 -11.24 -22.11 19.52
C GLY J 127 -9.88 -21.83 20.09
N HIS J 128 -8.83 -22.06 19.30
CA HIS J 128 -7.52 -21.53 19.61
C HIS J 128 -7.35 -20.20 18.89
N LEU J 129 -7.40 -19.12 19.66
CA LEU J 129 -7.32 -17.77 19.11
C LEU J 129 -5.89 -17.26 19.09
N GLU J 130 -4.91 -18.17 19.01
CA GLU J 130 -3.51 -17.82 18.92
C GLU J 130 -2.88 -18.57 17.76
N ASP J 131 -1.58 -18.42 17.57
CA ASP J 131 -0.89 -19.29 16.63
C ASP J 131 -0.96 -20.74 17.10
N VAL J 132 -1.14 -21.65 16.16
CA VAL J 132 -1.31 -23.06 16.45
C VAL J 132 -0.05 -23.80 16.05
N TYR J 133 0.44 -24.67 16.93
CA TYR J 133 1.71 -25.34 16.71
C TYR J 133 1.58 -26.83 16.47
N ASP J 134 0.63 -27.50 17.11
CA ASP J 134 0.48 -28.94 16.96
C ASP J 134 -0.99 -29.28 16.83
N ILE J 135 -1.27 -30.32 16.05
CA ILE J 135 -2.61 -30.87 15.91
C ILE J 135 -2.51 -32.38 16.04
N CYS J 136 -3.58 -33.01 16.49
CA CYS J 136 -3.63 -34.45 16.59
C CYS J 136 -5.00 -34.97 16.20
N TRP J 137 -5.00 -36.08 15.47
CA TRP J 137 -6.20 -36.80 15.10
C TRP J 137 -6.47 -37.89 16.12
N ALA J 138 -7.74 -38.28 16.23
CA ALA J 138 -8.08 -39.39 17.09
C ALA J 138 -7.66 -40.70 16.45
N THR J 139 -7.88 -41.79 17.17
CA THR J 139 -7.65 -43.11 16.60
C THR J 139 -8.62 -43.41 15.46
N ASP J 140 -9.71 -42.65 15.35
CA ASP J 140 -10.69 -42.82 14.30
C ASP J 140 -10.78 -41.64 13.34
N GLY J 141 -10.20 -40.50 13.70
CA GLY J 141 -10.33 -39.31 12.88
C GLY J 141 -11.58 -38.49 13.13
N ASN J 142 -12.40 -38.87 14.12
CA ASN J 142 -13.60 -38.11 14.44
C ASN J 142 -13.43 -37.19 15.65
N LEU J 143 -12.40 -37.41 16.46
CA LEU J 143 -12.05 -36.50 17.53
C LEU J 143 -10.75 -35.80 17.18
N MET J 144 -10.62 -34.55 17.64
CA MET J 144 -9.51 -33.72 17.20
C MET J 144 -8.77 -33.17 18.41
N ALA J 145 -7.45 -33.18 18.33
CA ALA J 145 -6.59 -32.57 19.34
C ALA J 145 -5.67 -31.58 18.65
N SER J 146 -5.47 -30.41 19.28
CA SER J 146 -4.65 -29.36 18.69
C SER J 146 -3.93 -28.60 19.79
N ALA J 147 -2.74 -28.11 19.46
CA ALA J 147 -1.91 -27.34 20.39
C ALA J 147 -1.55 -26.00 19.77
N SER J 148 -1.50 -24.97 20.60
CA SER J 148 -1.34 -23.61 20.11
C SER J 148 -0.53 -22.80 21.11
N VAL J 149 -0.23 -21.56 20.72
CA VAL J 149 0.42 -20.64 21.64
C VAL J 149 -0.49 -20.34 22.82
N ASP J 150 -1.78 -20.61 22.67
CA ASP J 150 -2.81 -20.17 23.60
C ASP J 150 -2.65 -20.76 25.00
N ASN J 151 -1.60 -21.54 25.22
CA ASN J 151 -1.30 -22.15 26.51
C ASN J 151 -2.40 -23.12 26.93
N THR J 152 -3.24 -23.51 25.98
CA THR J 152 -4.43 -24.27 26.30
C THR J 152 -4.48 -25.51 25.41
N ALA J 153 -5.20 -26.52 25.88
CA ALA J 153 -5.44 -27.73 25.11
C ALA J 153 -6.92 -27.81 24.75
N ILE J 154 -7.20 -27.93 23.46
CA ILE J 154 -8.56 -27.84 22.96
C ILE J 154 -8.96 -29.22 22.43
N ILE J 155 -10.26 -29.50 22.48
CA ILE J 155 -10.78 -30.77 22.00
C ILE J 155 -11.96 -30.47 21.07
N TRP J 156 -11.95 -31.08 19.90
CA TRP J 156 -12.97 -30.87 18.89
C TRP J 156 -13.56 -32.19 18.44
N ASP J 157 -14.83 -32.14 18.05
CA ASP J 157 -15.49 -33.24 17.40
C ASP J 157 -15.49 -32.98 15.90
N VAL J 158 -14.89 -33.89 15.14
CA VAL J 158 -14.84 -33.74 13.69
C VAL J 158 -16.24 -33.82 13.09
N SER J 159 -17.08 -34.71 13.62
CA SER J 159 -18.39 -34.94 13.04
C SER J 159 -19.23 -33.68 13.05
N LYS J 160 -19.27 -32.98 14.19
CA LYS J 160 -20.06 -31.77 14.28
C LYS J 160 -19.23 -30.50 14.03
N GLY J 161 -17.92 -30.56 14.27
CA GLY J 161 -17.08 -29.40 14.04
C GLY J 161 -17.30 -28.25 14.99
N GLN J 162 -17.52 -28.56 16.27
CA GLN J 162 -17.61 -27.54 17.31
C GLN J 162 -16.70 -27.92 18.47
N LYS J 163 -16.25 -26.90 19.20
CA LYS J 163 -15.40 -27.13 20.36
C LYS J 163 -16.18 -27.79 21.48
N ILE J 164 -15.52 -28.72 22.18
CA ILE J 164 -16.15 -29.41 23.30
C ILE J 164 -15.37 -29.30 24.60
N SER J 165 -14.06 -29.09 24.59
CA SER J 165 -13.29 -29.10 25.83
C SER J 165 -12.06 -28.22 25.69
N ILE J 166 -11.67 -27.62 26.82
CA ILE J 166 -10.51 -26.73 26.90
C ILE J 166 -9.71 -27.09 28.14
N PHE J 167 -8.40 -27.27 27.97
CA PHE J 167 -7.51 -27.56 29.09
C PHE J 167 -6.47 -26.44 29.16
N ASN J 168 -6.64 -25.55 30.14
CA ASN J 168 -5.86 -24.33 30.26
C ASN J 168 -4.87 -24.39 31.41
N GLU J 169 -4.62 -25.57 31.96
CA GLU J 169 -3.76 -25.70 33.13
C GLU J 169 -2.31 -25.34 32.82
N HIS J 170 -1.94 -25.19 31.57
CA HIS J 170 -0.56 -24.96 31.20
C HIS J 170 -0.14 -23.52 31.51
N LYS J 171 1.10 -23.38 31.96
CA LYS J 171 1.68 -22.08 32.28
C LYS J 171 2.46 -21.48 31.13
N SER J 172 2.98 -22.30 30.23
CA SER J 172 3.80 -21.79 29.14
C SER J 172 3.30 -22.34 27.81
N TYR J 173 4.12 -22.25 26.77
CA TYR J 173 3.73 -22.73 25.46
C TYR J 173 3.57 -24.24 25.47
N VAL J 174 2.72 -24.75 24.58
CA VAL J 174 2.57 -26.18 24.36
C VAL J 174 2.97 -26.48 22.93
N GLN J 175 3.80 -27.50 22.75
CA GLN J 175 4.35 -27.83 21.44
C GLN J 175 3.98 -29.22 20.96
N GLY J 176 3.34 -30.04 21.79
CA GLY J 176 3.03 -31.38 21.37
C GLY J 176 1.81 -31.97 22.01
N VAL J 177 0.87 -32.46 21.20
CA VAL J 177 -0.30 -33.18 21.69
C VAL J 177 -0.42 -34.47 20.90
N THR J 178 -0.95 -35.49 21.55
CA THR J 178 -1.10 -36.77 20.90
C THR J 178 -2.27 -37.52 21.53
N TRP J 179 -2.90 -38.36 20.72
CA TRP J 179 -4.09 -39.11 21.10
C TRP J 179 -3.75 -40.57 21.30
N ASP J 180 -4.22 -41.14 22.40
CA ASP J 180 -4.01 -42.54 22.65
C ASP J 180 -4.69 -43.36 21.58
N PRO J 181 -3.98 -44.22 20.85
CA PRO J 181 -4.66 -45.08 19.88
C PRO J 181 -5.70 -45.97 20.52
N LEU J 182 -5.48 -46.39 21.77
CA LEU J 182 -6.52 -47.10 22.50
C LEU J 182 -7.73 -46.20 22.72
N GLY J 183 -7.53 -44.88 22.74
CA GLY J 183 -8.60 -43.93 22.89
C GLY J 183 -8.95 -43.55 24.31
N GLN J 184 -8.06 -43.79 25.27
CA GLN J 184 -8.33 -43.46 26.65
C GLN J 184 -7.58 -42.24 27.16
N TYR J 185 -6.42 -41.91 26.58
CA TYR J 185 -5.54 -40.90 27.14
C TYR J 185 -5.17 -39.87 26.09
N VAL J 186 -4.81 -38.69 26.59
CA VAL J 186 -4.29 -37.61 25.76
C VAL J 186 -3.06 -37.05 26.45
N ALA J 187 -1.94 -37.02 25.73
CA ALA J 187 -0.67 -36.59 26.30
C ALA J 187 -0.33 -35.19 25.80
N THR J 188 0.00 -34.31 26.74
CA THR J 188 0.28 -32.92 26.42
C THR J 188 1.54 -32.47 27.16
N LEU J 189 2.31 -31.58 26.54
CA LEU J 189 3.56 -31.10 27.10
C LEU J 189 3.50 -29.59 27.19
N SER J 190 4.09 -29.03 28.23
CA SER J 190 4.29 -27.59 28.31
C SER J 190 5.75 -27.26 28.06
N CYS J 191 5.98 -26.05 27.54
CA CYS J 191 7.35 -25.56 27.37
C CYS J 191 8.00 -25.26 28.70
N ASP J 192 7.23 -25.28 29.79
CA ASP J 192 7.71 -25.00 31.13
C ASP J 192 8.30 -26.23 31.80
N ARG J 193 8.78 -27.19 31.00
CA ARG J 193 9.36 -28.44 31.49
C ARG J 193 8.35 -29.24 32.31
N VAL J 194 7.10 -29.22 31.86
CA VAL J 194 6.01 -29.90 32.53
C VAL J 194 5.29 -30.77 31.51
N LEU J 195 5.00 -32.02 31.89
CA LEU J 195 4.31 -32.97 31.04
C LEU J 195 3.00 -33.39 31.71
N ARG J 196 1.92 -33.42 30.94
CA ARG J 196 0.62 -33.82 31.46
C ARG J 196 -0.05 -34.83 30.55
N VAL J 197 -0.75 -35.78 31.16
CA VAL J 197 -1.56 -36.76 30.45
C VAL J 197 -3.01 -36.57 30.85
N TYR J 198 -3.91 -36.61 29.87
CA TYR J 198 -5.31 -36.36 30.11
C TYR J 198 -6.17 -37.56 29.77
N SER J 199 -7.12 -37.86 30.65
CA SER J 199 -8.11 -38.89 30.39
C SER J 199 -9.16 -38.37 29.42
N ILE J 200 -9.93 -39.30 28.85
CA ILE J 200 -11.00 -38.94 27.93
C ILE J 200 -12.29 -38.81 28.71
N GLN J 201 -12.67 -39.86 29.43
CA GLN J 201 -13.90 -39.80 30.20
C GLN J 201 -13.80 -38.79 31.34
N LYS J 202 -12.65 -38.75 32.01
CA LYS J 202 -12.49 -37.80 33.12
C LYS J 202 -12.21 -36.38 32.63
N LYS J 203 -11.53 -36.23 31.50
CA LYS J 203 -11.18 -34.91 30.95
C LYS J 203 -10.43 -34.07 31.98
N ARG J 204 -9.46 -34.67 32.65
CA ARG J 204 -8.64 -33.99 33.63
C ARG J 204 -7.21 -34.50 33.51
N VAL J 205 -6.34 -33.97 34.36
CA VAL J 205 -4.92 -34.30 34.31
C VAL J 205 -4.75 -35.70 34.89
N ALA J 206 -4.74 -36.71 34.04
CA ALA J 206 -4.52 -38.08 34.51
C ALA J 206 -3.12 -38.24 35.09
N PHE J 207 -2.11 -37.70 34.40
CA PHE J 207 -0.75 -37.74 34.88
C PHE J 207 -0.12 -36.38 34.67
N ASN J 208 0.86 -36.05 35.51
CA ASN J 208 1.56 -34.77 35.42
C ASN J 208 2.94 -34.94 36.02
N VAL J 209 3.97 -34.91 35.16
CA VAL J 209 5.34 -35.11 35.58
C VAL J 209 6.19 -33.97 35.04
N SER J 210 7.01 -33.36 35.90
CA SER J 210 7.93 -32.30 35.50
C SER J 210 9.31 -32.53 36.08
N LYS J 211 9.39 -33.04 37.31
CA LYS J 211 10.63 -33.25 38.03
C LYS J 211 10.72 -34.70 38.46
N MET J 212 11.95 -35.20 38.59
CA MET J 212 12.19 -36.58 38.97
C MET J 212 13.44 -36.72 39.84
N LEU J 213 13.31 -37.52 40.89
CA LEU J 213 14.42 -37.81 41.79
C LEU J 213 15.23 -38.98 41.24
N SER J 214 16.51 -39.00 41.60
CA SER J 214 17.43 -40.04 41.15
C SER J 214 17.76 -41.02 42.27
N ALA J 222 19.10 -39.09 46.26
CA ALA J 222 18.17 -39.07 45.13
C ALA J 222 17.79 -37.64 44.77
N ARG J 223 18.73 -36.92 44.16
CA ARG J 223 18.48 -35.54 43.78
C ARG J 223 17.42 -35.47 42.69
N SER J 224 16.56 -34.45 42.78
CA SER J 224 15.45 -34.27 41.86
C SER J 224 15.68 -33.05 40.99
N TYR J 225 15.48 -33.21 39.68
CA TYR J 225 15.60 -32.11 38.73
C TYR J 225 14.62 -32.34 37.60
N ARG J 226 14.41 -31.30 36.81
CA ARG J 226 13.40 -31.37 35.75
C ARG J 226 13.94 -32.12 34.55
N MET J 227 13.12 -33.03 34.02
CA MET J 227 13.50 -33.90 32.92
C MET J 227 13.49 -33.21 31.56
N PHE J 228 12.81 -32.07 31.43
CA PHE J 228 12.56 -31.46 30.14
C PHE J 228 13.30 -30.13 30.04
N HIS J 229 13.59 -29.73 28.80
CA HIS J 229 14.39 -28.54 28.56
C HIS J 229 13.59 -27.27 28.78
N ASP J 230 14.31 -26.20 29.15
CA ASP J 230 13.69 -24.92 29.43
C ASP J 230 13.30 -24.22 28.13
N ASP J 231 12.80 -23.00 28.24
CA ASP J 231 12.49 -22.20 27.07
C ASP J 231 13.74 -21.73 26.32
N SER J 232 14.92 -21.91 26.93
CA SER J 232 16.16 -21.44 26.33
C SER J 232 16.50 -22.18 25.04
N MET J 233 15.84 -23.29 24.76
CA MET J 233 16.18 -24.07 23.57
C MET J 233 15.74 -23.32 22.31
N LYS J 234 16.56 -23.44 21.25
CA LYS J 234 16.33 -22.72 20.01
C LYS J 234 15.46 -23.48 19.04
N SER J 235 14.54 -24.31 19.54
CA SER J 235 13.61 -25.06 18.71
C SER J 235 12.20 -24.52 18.88
N PHE J 236 11.41 -24.60 17.81
CA PHE J 236 10.02 -24.18 17.89
C PHE J 236 9.15 -25.26 18.50
N PHE J 237 9.25 -26.47 17.98
CA PHE J 237 8.27 -27.52 18.24
C PHE J 237 8.90 -28.65 19.03
N ARG J 238 8.06 -29.31 19.81
CA ARG J 238 8.45 -30.42 20.68
C ARG J 238 7.61 -31.64 20.37
N ARG J 239 7.44 -31.92 19.08
CA ARG J 239 6.47 -32.90 18.62
C ARG J 239 6.80 -34.30 19.14
N LEU J 240 5.76 -35.05 19.47
CA LEU J 240 5.89 -36.43 19.90
C LEU J 240 4.60 -37.17 19.56
N SER J 241 4.70 -38.50 19.50
CA SER J 241 3.56 -39.32 19.09
C SER J 241 3.46 -40.55 19.97
N PHE J 242 2.21 -40.98 20.18
CA PHE J 242 1.95 -42.32 20.70
C PHE J 242 2.53 -43.37 19.75
N THR J 243 2.98 -44.46 20.33
CA THR J 243 3.24 -45.66 19.55
C THR J 243 1.93 -46.14 18.94
N PRO J 244 1.94 -46.63 17.69
CA PRO J 244 0.69 -47.16 17.12
C PRO J 244 0.08 -48.25 17.96
N ASP J 245 0.91 -49.05 18.65
CA ASP J 245 0.36 -49.98 19.64
C ASP J 245 -0.29 -49.23 20.79
N GLY J 246 0.29 -48.08 21.18
CA GLY J 246 -0.29 -47.23 22.20
C GLY J 246 0.23 -47.45 23.60
N SER J 247 0.98 -48.52 23.85
CA SER J 247 1.50 -48.82 25.18
C SER J 247 2.81 -48.11 25.47
N LEU J 248 3.43 -47.50 24.47
CA LEU J 248 4.72 -46.84 24.64
C LEU J 248 4.57 -45.35 24.35
N LEU J 249 5.08 -44.53 25.26
CA LEU J 249 4.99 -43.08 25.16
C LEU J 249 6.39 -42.52 25.02
N LEU J 250 6.57 -41.60 24.09
CA LEU J 250 7.89 -41.09 23.72
C LEU J 250 7.90 -39.58 23.86
N THR J 251 8.91 -39.04 24.54
CA THR J 251 8.99 -37.62 24.83
C THR J 251 10.36 -37.08 24.41
N PRO J 252 10.44 -36.21 23.41
CA PRO J 252 11.75 -35.67 23.03
C PRO J 252 12.20 -34.54 23.93
N ALA J 253 13.36 -33.95 23.63
CA ALA J 253 13.88 -32.78 24.33
C ALA J 253 14.00 -33.01 25.82
N GLY J 254 14.42 -34.21 26.21
CA GLY J 254 14.62 -34.52 27.60
C GLY J 254 15.97 -34.02 28.10
N CYS J 255 16.06 -33.88 29.42
CA CYS J 255 17.30 -33.50 30.09
C CYS J 255 17.75 -34.62 31.01
N VAL J 256 19.00 -35.06 30.85
CA VAL J 256 19.64 -35.98 31.77
C VAL J 256 20.85 -35.29 32.35
N GLU J 257 20.87 -35.14 33.68
CA GLU J 257 22.01 -34.55 34.38
C GLU J 257 22.79 -35.68 35.03
N SER J 258 23.67 -36.29 34.24
CA SER J 258 24.54 -37.33 34.77
C SER J 258 25.47 -36.77 35.84
N GLY J 259 26.01 -35.57 35.59
CA GLY J 259 26.85 -34.90 36.57
C GLY J 259 26.44 -33.46 36.76
N GLU J 260 27.41 -32.55 36.74
CA GLU J 260 27.13 -31.13 36.89
C GLU J 260 26.47 -30.53 35.66
N ASN J 261 26.49 -31.24 34.54
CA ASN J 261 25.88 -30.78 33.30
C ASN J 261 24.58 -31.52 33.05
N VAL J 262 23.80 -31.02 32.09
CA VAL J 262 22.61 -31.70 31.61
C VAL J 262 22.84 -32.07 30.16
N MET J 263 22.14 -33.10 29.69
CA MET J 263 22.41 -33.61 28.35
C MET J 263 21.07 -33.88 27.67
N ASN J 264 21.02 -33.64 26.36
CA ASN J 264 19.83 -33.92 25.58
C ASN J 264 19.51 -35.40 25.54
N THR J 265 18.23 -35.72 25.56
CA THR J 265 17.77 -37.10 25.47
C THR J 265 16.29 -37.09 25.12
N THR J 266 15.73 -38.30 24.99
CA THR J 266 14.30 -38.50 24.86
C THR J 266 13.89 -39.61 25.82
N TYR J 267 12.70 -39.48 26.39
CA TYR J 267 12.25 -40.46 27.37
C TYR J 267 11.19 -41.36 26.77
N VAL J 268 11.20 -42.62 27.20
CA VAL J 268 10.27 -43.62 26.72
C VAL J 268 9.43 -44.12 27.91
N PHE J 269 8.11 -44.01 27.78
CA PHE J 269 7.21 -44.39 28.84
C PHE J 269 6.32 -45.53 28.37
N SER J 270 6.20 -46.55 29.21
CA SER J 270 5.32 -47.67 28.94
C SER J 270 3.98 -47.44 29.61
N ARG J 271 3.02 -48.31 29.27
CA ARG J 271 1.69 -48.16 29.81
C ARG J 271 1.63 -48.46 31.31
N LYS J 272 2.61 -49.20 31.83
CA LYS J 272 2.59 -49.54 33.25
C LYS J 272 2.68 -48.30 34.12
N ASN J 273 3.54 -47.36 33.76
CA ASN J 273 3.68 -46.13 34.53
C ASN J 273 4.12 -45.00 33.62
N LEU J 274 3.39 -43.89 33.70
CA LEU J 274 3.74 -42.69 32.96
C LEU J 274 4.54 -41.69 33.79
N LYS J 275 4.74 -41.97 35.08
CA LYS J 275 5.55 -41.09 35.90
C LYS J 275 7.03 -41.40 35.70
N ARG J 276 7.38 -42.68 35.80
CA ARG J 276 8.75 -43.10 35.62
C ARG J 276 8.91 -43.74 34.24
N PRO J 277 9.69 -43.15 33.34
CA PRO J 277 9.89 -43.80 32.04
C PRO J 277 10.71 -45.06 32.19
N ILE J 278 10.58 -45.96 31.21
CA ILE J 278 11.37 -47.19 31.23
C ILE J 278 12.86 -46.87 31.14
N ALA J 279 13.20 -45.96 30.22
CA ALA J 279 14.59 -45.54 30.02
C ALA J 279 14.57 -44.25 29.22
N HIS J 280 15.72 -43.90 28.65
CA HIS J 280 15.84 -42.73 27.80
C HIS J 280 16.92 -42.98 26.77
N LEU J 281 16.91 -42.18 25.70
CA LEU J 281 17.93 -42.25 24.67
C LEU J 281 18.73 -40.96 24.65
N PRO J 282 19.90 -40.91 25.28
CA PRO J 282 20.74 -39.71 25.21
C PRO J 282 21.19 -39.47 23.78
N CYS J 283 21.21 -38.20 23.39
CA CYS J 283 21.54 -37.81 22.02
C CYS J 283 22.61 -36.73 22.03
N PRO J 284 23.89 -37.12 22.03
CA PRO J 284 24.97 -36.14 22.17
C PRO J 284 24.90 -35.06 21.11
N GLY J 285 25.20 -33.84 21.53
CA GLY J 285 25.21 -32.70 20.63
C GLY J 285 23.86 -31.99 20.53
N LYS J 286 23.10 -32.32 19.49
CA LYS J 286 21.88 -31.58 19.20
C LYS J 286 20.73 -32.05 20.09
N ALA J 287 19.61 -31.33 20.00
CA ALA J 287 18.46 -31.55 20.85
C ALA J 287 17.30 -32.10 20.02
N THR J 288 16.60 -33.09 20.57
CA THR J 288 15.44 -33.66 19.91
C THR J 288 14.27 -32.69 19.93
N LEU J 289 13.46 -32.74 18.89
CA LEU J 289 12.28 -31.88 18.78
C LEU J 289 11.04 -32.58 18.27
N ALA J 290 11.15 -33.68 17.54
CA ALA J 290 9.97 -34.36 17.02
C ALA J 290 10.14 -35.85 17.16
N VAL J 291 9.03 -36.54 17.41
CA VAL J 291 9.01 -37.98 17.60
C VAL J 291 7.87 -38.55 16.77
N ARG J 292 8.16 -39.52 15.92
CA ARG J 292 7.15 -40.15 15.09
C ARG J 292 7.37 -41.64 15.02
N CYS J 293 6.27 -42.38 14.97
CA CYS J 293 6.30 -43.83 14.92
C CYS J 293 5.66 -44.31 13.62
N CYS J 294 6.35 -45.21 12.93
CA CYS J 294 5.82 -45.76 11.69
C CYS J 294 4.56 -46.56 11.97
N PRO J 295 3.51 -46.41 11.15
CA PRO J 295 2.24 -47.09 11.43
C PRO J 295 2.21 -48.56 11.06
N VAL J 296 3.33 -49.16 10.71
CA VAL J 296 3.38 -50.56 10.29
C VAL J 296 4.11 -51.36 11.35
N TYR J 297 3.81 -52.65 11.40
CA TYR J 297 4.39 -53.56 12.38
C TYR J 297 5.37 -54.50 11.71
N PHE J 298 6.25 -55.08 12.51
CA PHE J 298 7.21 -56.05 11.99
C PHE J 298 7.41 -57.17 12.98
N GLU J 299 7.87 -58.30 12.47
CA GLU J 299 8.18 -59.44 13.31
C GLU J 299 9.43 -59.15 14.12
N LEU J 300 9.54 -59.83 15.25
CA LEU J 300 10.72 -59.71 16.09
C LEU J 300 11.95 -60.20 15.34
N ARG J 301 12.88 -59.29 15.08
CA ARG J 301 14.10 -59.67 14.40
C ARG J 301 14.90 -60.66 15.26
N PRO J 302 15.51 -61.68 14.65
CA PRO J 302 16.27 -62.65 15.43
C PRO J 302 17.47 -62.02 16.12
N VAL J 303 17.42 -61.96 17.46
CA VAL J 303 18.48 -61.36 18.26
C VAL J 303 18.61 -62.15 19.55
N VAL J 304 19.75 -61.99 20.21
CA VAL J 304 19.95 -62.63 21.50
C VAL J 304 18.93 -62.11 22.51
N GLU J 305 18.43 -63.02 23.35
CA GLU J 305 17.40 -62.68 24.33
C GLU J 305 18.07 -61.91 25.47
N THR J 306 18.11 -60.58 25.32
CA THR J 306 18.73 -59.72 26.31
C THR J 306 17.81 -58.55 26.66
N GLY J 307 18.32 -57.60 27.43
CA GLY J 307 17.56 -56.42 27.79
C GLY J 307 17.79 -55.26 26.83
N VAL J 308 18.32 -55.57 25.66
CA VAL J 308 18.62 -54.53 24.67
C VAL J 308 17.33 -53.89 24.16
N GLU J 309 16.32 -54.71 23.84
CA GLU J 309 15.08 -54.17 23.32
C GLU J 309 14.41 -53.27 24.35
N LEU J 310 13.82 -52.18 23.87
CA LEU J 310 13.18 -51.24 24.78
C LEU J 310 11.94 -51.86 25.43
N MET J 311 11.14 -52.59 24.65
CA MET J 311 10.00 -53.30 25.19
C MET J 311 9.86 -54.64 24.48
N SER J 312 9.52 -55.65 25.25
CA SER J 312 9.29 -57.00 24.73
C SER J 312 7.83 -57.08 24.28
N LEU J 313 7.64 -57.18 22.98
CA LEU J 313 6.31 -57.29 22.38
C LEU J 313 6.32 -58.43 21.39
N PRO J 314 5.17 -59.10 21.19
CA PRO J 314 5.13 -60.19 20.20
C PRO J 314 5.47 -59.73 18.80
N TYR J 315 5.14 -58.49 18.47
CA TYR J 315 5.51 -57.87 17.21
C TYR J 315 6.35 -56.64 17.50
N ARG J 316 7.41 -56.46 16.72
CA ARG J 316 8.23 -55.28 16.83
C ARG J 316 7.72 -54.20 15.90
N LEU J 317 8.26 -53.00 16.07
CA LEU J 317 7.93 -51.89 15.18
C LEU J 317 9.06 -50.88 15.25
N VAL J 318 9.05 -49.96 14.28
CA VAL J 318 10.10 -48.97 14.12
C VAL J 318 9.48 -47.59 14.19
N PHE J 319 10.31 -46.59 14.50
CA PHE J 319 9.87 -45.22 14.66
C PHE J 319 11.03 -44.29 14.35
N ALA J 320 10.69 -43.04 14.10
CA ALA J 320 11.67 -42.02 13.75
C ALA J 320 11.66 -40.90 14.78
N VAL J 321 12.85 -40.42 15.12
CA VAL J 321 13.00 -39.33 16.08
C VAL J 321 13.78 -38.21 15.40
N ALA J 322 13.33 -36.97 15.61
CA ALA J 322 13.92 -35.81 14.97
C ALA J 322 14.66 -34.98 16.00
N SER J 323 15.97 -34.88 15.84
CA SER J 323 16.79 -34.03 16.70
C SER J 323 16.83 -32.63 16.10
N GLU J 324 17.74 -31.80 16.61
CA GLU J 324 17.95 -30.49 16.00
C GLU J 324 18.43 -30.65 14.55
N ASP J 325 19.34 -31.58 14.31
CA ASP J 325 19.87 -31.75 12.96
C ASP J 325 19.65 -33.16 12.42
N SER J 326 19.83 -34.16 13.27
CA SER J 326 19.83 -35.54 12.83
C SER J 326 18.49 -36.21 13.09
N VAL J 327 18.25 -37.27 12.34
CA VAL J 327 17.13 -38.17 12.55
C VAL J 327 17.70 -39.55 12.83
N LEU J 328 17.11 -40.26 13.78
CA LEU J 328 17.62 -41.55 14.21
C LEU J 328 16.50 -42.58 14.20
N LEU J 329 16.86 -43.81 13.82
CA LEU J 329 15.89 -44.88 13.62
C LEU J 329 16.11 -45.97 14.66
N TYR J 330 15.06 -46.27 15.42
CA TYR J 330 15.11 -47.32 16.41
C TYR J 330 13.92 -48.25 16.20
N ASP J 331 14.11 -49.50 16.61
CA ASP J 331 13.08 -50.52 16.53
C ASP J 331 12.69 -50.95 17.94
N THR J 332 11.60 -51.70 18.02
CA THR J 332 11.19 -52.30 19.28
C THR J 332 12.24 -53.27 19.81
N GLN J 333 13.04 -53.84 18.91
CA GLN J 333 13.94 -54.94 19.25
C GLN J 333 15.33 -54.49 19.70
N GLN J 334 15.76 -53.28 19.32
CA GLN J 334 17.11 -52.84 19.62
C GLN J 334 17.07 -51.52 20.37
N SER J 335 18.17 -51.25 21.09
CA SER J 335 18.32 -50.00 21.83
C SER J 335 19.04 -48.95 21.00
N PHE J 336 20.26 -49.27 20.55
CA PHE J 336 21.00 -48.34 19.73
C PHE J 336 20.30 -48.16 18.38
N PRO J 337 20.43 -46.98 17.77
CA PRO J 337 19.77 -46.76 16.48
C PRO J 337 20.45 -47.51 15.35
N PHE J 338 19.68 -48.30 14.62
CA PHE J 338 20.23 -48.99 13.46
C PHE J 338 20.44 -48.04 12.29
N GLY J 339 19.56 -47.06 12.12
CA GLY J 339 19.66 -46.09 11.03
C GLY J 339 20.03 -44.73 11.56
N TYR J 340 21.06 -44.13 10.97
CA TYR J 340 21.55 -42.83 11.41
C TYR J 340 21.98 -42.02 10.20
N VAL J 341 21.47 -40.78 10.11
CA VAL J 341 21.86 -39.85 9.06
C VAL J 341 22.02 -38.47 9.69
N SER J 342 22.98 -37.70 9.19
CA SER J 342 23.23 -36.37 9.72
C SER J 342 23.77 -35.49 8.61
N ASN J 343 23.97 -34.21 8.95
CA ASN J 343 24.68 -33.26 8.09
C ASN J 343 24.02 -33.16 6.71
N ILE J 344 22.74 -32.82 6.69
CA ILE J 344 22.00 -32.71 5.44
C ILE J 344 21.45 -31.30 5.27
N HIS J 345 20.64 -30.88 6.23
CA HIS J 345 20.07 -29.53 6.24
C HIS J 345 20.75 -28.74 7.35
N TYR J 346 21.33 -27.60 6.99
CA TYR J 346 22.13 -26.86 7.97
C TYR J 346 21.23 -26.19 9.00
N HIS J 347 20.05 -25.76 8.61
CA HIS J 347 19.06 -25.32 9.58
C HIS J 347 18.60 -26.46 10.47
N THR J 348 17.85 -26.09 11.51
CA THR J 348 17.23 -27.08 12.36
C THR J 348 16.11 -27.79 11.61
N LEU J 349 15.75 -28.96 12.12
CA LEU J 349 14.72 -29.77 11.50
C LEU J 349 13.34 -29.16 11.78
N SER J 350 12.37 -29.52 10.94
CA SER J 350 11.00 -29.05 11.13
C SER J 350 10.03 -30.17 11.40
N ASP J 351 9.99 -31.21 10.57
CA ASP J 351 9.05 -32.29 10.77
C ASP J 351 9.54 -33.55 10.05
N ILE J 352 9.02 -34.69 10.50
CA ILE J 352 9.29 -35.99 9.92
C ILE J 352 7.97 -36.74 9.75
N SER J 353 7.87 -37.47 8.65
CA SER J 353 6.62 -38.17 8.37
C SER J 353 6.94 -39.60 7.89
N TRP J 354 6.03 -40.51 8.22
CA TRP J 354 6.15 -41.91 7.85
C TRP J 354 5.14 -42.23 6.75
N SER J 355 5.58 -42.96 5.73
CA SER J 355 4.63 -43.40 4.72
C SER J 355 3.72 -44.48 5.28
N SER J 356 2.55 -44.63 4.66
CA SER J 356 1.61 -45.65 5.10
C SER J 356 2.22 -47.03 5.01
N ASP J 357 2.90 -47.33 3.91
CA ASP J 357 3.66 -48.56 3.80
C ASP J 357 4.95 -48.52 4.61
N GLY J 358 5.38 -47.35 5.04
CA GLY J 358 6.63 -47.21 5.76
C GLY J 358 7.86 -47.14 4.90
N ALA J 359 7.73 -47.32 3.58
CA ALA J 359 8.88 -47.31 2.69
C ALA J 359 9.41 -45.92 2.42
N PHE J 360 8.61 -44.89 2.65
CA PHE J 360 9.02 -43.51 2.46
C PHE J 360 9.05 -42.82 3.81
N LEU J 361 10.22 -42.29 4.17
CA LEU J 361 10.39 -41.51 5.39
C LEU J 361 10.78 -40.11 4.94
N ALA J 362 9.83 -39.19 5.01
CA ALA J 362 9.99 -37.86 4.45
C ALA J 362 10.48 -36.90 5.52
N ILE J 363 11.63 -36.28 5.28
CA ILE J 363 12.30 -35.40 6.24
C ILE J 363 12.09 -33.97 5.81
N SER J 364 11.63 -33.13 6.73
CA SER J 364 11.53 -31.69 6.50
C SER J 364 12.30 -30.94 7.57
N SER J 365 13.08 -29.95 7.15
CA SER J 365 13.82 -29.10 8.06
C SER J 365 13.31 -27.67 7.92
N THR J 366 13.99 -26.75 8.58
CA THR J 366 13.60 -25.35 8.57
C THR J 366 14.35 -24.52 7.53
N ASP J 367 15.25 -25.13 6.76
CA ASP J 367 15.95 -24.37 5.74
C ASP J 367 15.00 -23.89 4.65
N GLY J 368 14.07 -24.74 4.23
CA GLY J 368 13.23 -24.43 3.09
C GLY J 368 13.19 -25.59 2.12
N TYR J 369 14.12 -26.52 2.30
CA TYR J 369 14.11 -27.77 1.57
C TYR J 369 13.78 -28.93 2.48
N CYS J 370 13.32 -30.01 1.87
CA CYS J 370 13.06 -31.27 2.54
C CYS J 370 14.08 -32.31 2.05
N SER J 371 13.97 -33.52 2.60
CA SER J 371 14.81 -34.62 2.17
C SER J 371 14.08 -35.93 2.43
N PHE J 372 14.43 -36.94 1.63
CA PHE J 372 13.77 -38.23 1.69
C PHE J 372 14.78 -39.33 1.89
N VAL J 373 14.37 -40.37 2.60
CA VAL J 373 15.14 -41.61 2.70
C VAL J 373 14.24 -42.74 2.24
N THR J 374 14.61 -43.36 1.12
CA THR J 374 13.83 -44.44 0.53
C THR J 374 14.15 -45.75 1.25
N PHE J 375 13.11 -46.50 1.56
CA PHE J 375 13.25 -47.81 2.20
C PHE J 375 12.80 -48.89 1.23
N GLU J 376 13.69 -49.85 0.97
CA GLU J 376 13.32 -50.96 0.10
C GLU J 376 12.39 -51.91 0.84
N LYS J 377 11.60 -52.65 0.07
CA LYS J 377 10.66 -53.59 0.65
C LYS J 377 11.41 -54.63 1.47
N ASP J 378 10.85 -54.95 2.63
CA ASP J 378 11.37 -55.95 3.56
C ASP J 378 12.69 -55.53 4.20
N GLU J 379 13.21 -54.34 3.88
CA GLU J 379 14.47 -53.92 4.49
C GLU J 379 14.32 -53.77 6.00
N LEU J 380 13.11 -53.48 6.46
CA LEU J 380 12.84 -53.33 7.88
C LEU J 380 12.09 -54.51 8.47
N GLY J 381 11.93 -55.59 7.72
CA GLY J 381 11.19 -56.75 8.16
C GLY J 381 9.94 -56.96 7.32
N ILE J 382 9.16 -57.95 7.73
CA ILE J 382 7.90 -58.29 7.06
C ILE J 382 6.77 -57.56 7.78
N PRO J 383 5.98 -56.74 7.08
CA PRO J 383 4.76 -56.23 7.69
C PRO J 383 3.85 -57.38 8.09
N LEU J 384 3.20 -57.24 9.24
CA LEU J 384 2.37 -58.31 9.77
C LEU J 384 1.26 -58.68 8.79
N LYS J 385 1.04 -59.99 8.62
CA LYS J 385 0.00 -60.46 7.71
C LYS J 385 -1.36 -59.92 8.13
N GLU J 386 -1.66 -59.96 9.42
CA GLU J 386 -2.88 -59.38 9.97
C GLU J 386 -2.47 -58.39 11.05
N LYS J 387 -3.03 -57.19 10.99
CA LYS J 387 -2.68 -56.16 11.95
C LYS J 387 -3.30 -56.47 13.29
N PRO J 388 -2.52 -56.63 14.36
CA PRO J 388 -3.10 -56.93 15.67
C PRO J 388 -4.08 -55.86 16.11
N VAL J 389 -5.17 -56.30 16.72
CA VAL J 389 -6.21 -55.38 17.15
C VAL J 389 -5.75 -54.63 18.39
N LEU J 390 -6.32 -53.45 18.59
CA LEU J 390 -6.04 -52.62 19.75
C LEU J 390 -7.28 -52.56 20.63
N ASN J 391 -7.11 -52.86 21.91
CA ASN J 391 -8.21 -52.89 22.86
C ASN J 391 -8.66 -51.46 23.20
N MET J 392 -9.89 -51.15 22.84
CA MET J 392 -10.43 -49.82 23.06
C MET J 392 -10.89 -49.65 24.51
#